data_7VN7
#
_entry.id   7VN7
#
_cell.length_a   102.437
_cell.length_b   93.211
_cell.length_c   112.240
_cell.angle_alpha   90.000
_cell.angle_beta   100.363
_cell.angle_gamma   90.000
#
_symmetry.space_group_name_H-M   'P 1 21 1'
#
loop_
_entity.id
_entity.type
_entity.pdbx_description
1 polymer 'Maltodextrin-binding protein,Protein BRASSINAZOLE-RESISTANT 1'
2 polymer "DNA (5'-D(*TP*TP*GP*AP*CP*AP*CP*GP*TP*GP*TP*CP*AP*AP*A)-3')"
3 branched alpha-D-glucopyranose-(1-4)-alpha-D-glucopyranose
4 non-polymer 1,2-ETHANEDIOL
5 water water
#
loop_
_entity_poly.entity_id
_entity_poly.type
_entity_poly.pdbx_seq_one_letter_code
_entity_poly.pdbx_strand_id
1 'polypeptide(L)'
;MKIEEGKLVIWINGDKGYNGLAEVGKKFEKDTGIKVTVEHPDKLEEKFPQVAATGDGPDIIFWAHDRFGGYAQSGLLAEI
TPAAAFQDKLYPFTWDAVRYNGKLIAYPIAVEALSLIYNKDLLPNPPKTWEEIPALDKELKAKGKSALMFNLQEPYFTWP
LIAADGGYAFKYAAGKYDIKDVGVDNAGAKAGLTFLVDLIKNKHMNADTDYSIAEAAFNKGETAMTINGPWAWSNIDTSA
VNYGVTVLPTFKGQPSKPFVGVLSAGINAASPNKELAKEFLENYLLTDEGLEAVNKDKPLGAVALKSYEEELAKDPRIAA
TMENAQKGEIMPNIPQMSAFWYAVRTAVINAASGRQTVDAALAAAQTNAARRKPSWRERENNRRRERRRRAVAAKIYTGL
RAQGDYNLPKHCDNNEVLKALCVEAGWVVEEDGTTYRKG
;
C,D,A,B
2 'polydeoxyribonucleotide' (DT)(DT)(DG)(DA)(DC)(DA)(DC)(DG)(DT)(DG)(DT)(DC)(DA)(DA)(DA) G,H,E,F
#
# COMPACT_ATOMS: atom_id res chain seq x y z
N MET A 1 -21.02 -11.33 -36.48
CA MET A 1 -20.66 -11.37 -37.89
C MET A 1 -20.37 -12.79 -38.37
N LYS A 2 -20.94 -13.16 -39.50
CA LYS A 2 -20.65 -14.44 -40.13
C LYS A 2 -19.95 -14.21 -41.46
N ILE A 3 -19.05 -15.13 -41.80
CA ILE A 3 -18.34 -15.06 -43.06
C ILE A 3 -19.27 -15.42 -44.21
N GLU A 4 -19.21 -14.65 -45.29
CA GLU A 4 -20.03 -14.84 -46.47
C GLU A 4 -19.19 -15.35 -47.63
N GLU A 5 -19.76 -16.22 -48.43
CA GLU A 5 -19.07 -16.72 -49.61
C GLU A 5 -18.79 -15.56 -50.56
N GLY A 6 -17.55 -15.52 -51.09
CA GLY A 6 -17.16 -14.50 -52.03
C GLY A 6 -16.57 -13.23 -51.42
N LYS A 7 -16.45 -13.16 -50.10
CA LYS A 7 -15.86 -12.03 -49.39
C LYS A 7 -14.81 -12.56 -48.42
N LEU A 8 -13.84 -11.70 -48.09
CA LEU A 8 -12.85 -12.05 -47.08
C LEU A 8 -12.85 -10.99 -45.98
N VAL A 9 -12.98 -11.46 -44.74
CA VAL A 9 -12.87 -10.60 -43.57
C VAL A 9 -11.69 -11.09 -42.75
N ILE A 10 -10.81 -10.17 -42.36
CA ILE A 10 -9.58 -10.46 -41.63
C ILE A 10 -9.60 -9.73 -40.30
N TRP A 11 -9.11 -10.40 -39.26
CA TRP A 11 -8.87 -9.81 -37.96
C TRP A 11 -7.37 -9.78 -37.68
N ILE A 12 -6.86 -8.62 -37.26
CA ILE A 12 -5.46 -8.45 -36.91
C ILE A 12 -5.38 -7.41 -35.81
N ASN A 13 -4.37 -7.55 -34.95
CA ASN A 13 -4.29 -6.68 -33.79
C ASN A 13 -4.00 -5.24 -34.18
N GLY A 14 -4.55 -4.31 -33.40
CA GLY A 14 -4.46 -2.86 -33.61
C GLY A 14 -3.05 -2.29 -33.60
N ASP A 15 -2.06 -3.03 -33.09
CA ASP A 15 -0.69 -2.52 -33.13
C ASP A 15 0.08 -2.95 -34.36
N LYS A 16 -0.52 -3.76 -35.24
CA LYS A 16 0.13 -4.19 -36.47
C LYS A 16 -0.32 -3.30 -37.63
N GLY A 17 0.35 -3.47 -38.76
CA GLY A 17 0.07 -2.65 -39.92
C GLY A 17 -1.19 -3.06 -40.67
N TYR A 18 -2.36 -2.86 -40.03
CA TYR A 18 -3.62 -3.26 -40.65
C TYR A 18 -3.98 -2.38 -41.85
N ASN A 19 -3.44 -1.17 -41.94
CA ASN A 19 -3.66 -0.37 -43.13
C ASN A 19 -2.86 -0.91 -44.30
N GLY A 20 -1.61 -1.31 -44.05
CA GLY A 20 -0.84 -1.98 -45.08
C GLY A 20 -1.50 -3.25 -45.55
N LEU A 21 -2.03 -4.05 -44.61
CA LEU A 21 -2.72 -5.28 -45.00
C LEU A 21 -3.95 -4.97 -45.84
N ALA A 22 -4.71 -3.93 -45.49
CA ALA A 22 -5.84 -3.56 -46.32
C ALA A 22 -5.41 -3.25 -47.75
N GLU A 23 -4.25 -2.62 -47.90
CA GLU A 23 -3.74 -2.36 -49.25
C GLU A 23 -3.52 -3.66 -50.01
N VAL A 24 -3.04 -4.69 -49.32
CA VAL A 24 -2.89 -5.99 -49.97
C VAL A 24 -4.26 -6.54 -50.35
N GLY A 25 -5.25 -6.40 -49.46
CA GLY A 25 -6.60 -6.79 -49.80
C GLY A 25 -7.11 -6.08 -51.04
N LYS A 26 -6.79 -4.79 -51.19
CA LYS A 26 -7.25 -4.03 -52.35
C LYS A 26 -6.65 -4.57 -53.64
N LYS A 27 -5.41 -5.06 -53.61
CA LYS A 27 -4.85 -5.68 -54.80
C LYS A 27 -5.55 -7.00 -55.11
N PHE A 28 -5.73 -7.84 -54.09
CA PHE A 28 -6.48 -9.09 -54.25
C PHE A 28 -7.83 -8.84 -54.89
N GLU A 29 -8.56 -7.83 -54.41
CA GLU A 29 -9.87 -7.52 -54.96
C GLU A 29 -9.77 -7.11 -56.42
N LYS A 30 -8.70 -6.41 -56.80
CA LYS A 30 -8.56 -5.95 -58.17
C LYS A 30 -8.24 -7.08 -59.13
N ASP A 31 -7.50 -8.11 -58.68
CA ASP A 31 -7.11 -9.20 -59.57
C ASP A 31 -8.16 -10.30 -59.64
N THR A 32 -8.94 -10.50 -58.58
CA THR A 32 -9.92 -11.58 -58.52
C THR A 32 -11.35 -11.10 -58.27
N GLY A 33 -11.55 -9.81 -57.98
CA GLY A 33 -12.88 -9.30 -57.73
C GLY A 33 -13.45 -9.62 -56.37
N ILE A 34 -12.65 -10.15 -55.45
CA ILE A 34 -13.10 -10.52 -54.11
C ILE A 34 -12.78 -9.38 -53.15
N LYS A 35 -13.81 -8.82 -52.53
CA LYS A 35 -13.59 -7.77 -51.54
C LYS A 35 -12.91 -8.34 -50.30
N VAL A 36 -11.97 -7.57 -49.76
CA VAL A 36 -11.23 -7.96 -48.56
C VAL A 36 -11.36 -6.86 -47.53
N THR A 37 -11.84 -7.22 -46.34
CA THR A 37 -12.03 -6.27 -45.25
C THR A 37 -11.09 -6.62 -44.11
N VAL A 38 -10.29 -5.65 -43.68
CA VAL A 38 -9.39 -5.80 -42.55
C VAL A 38 -9.97 -5.01 -41.38
N GLU A 39 -10.20 -5.70 -40.26
CA GLU A 39 -10.66 -5.10 -39.02
C GLU A 39 -9.66 -5.42 -37.92
N HIS A 40 -9.60 -4.57 -36.90
CA HIS A 40 -8.71 -4.76 -35.76
C HIS A 40 -9.49 -4.57 -34.47
N PRO A 41 -10.43 -5.45 -34.17
CA PRO A 41 -11.21 -5.32 -32.94
C PRO A 41 -10.35 -5.56 -31.71
N ASP A 42 -10.82 -5.03 -30.58
CA ASP A 42 -10.14 -5.22 -29.32
C ASP A 42 -10.28 -6.66 -28.82
N LYS A 43 -9.24 -7.14 -28.15
CA LYS A 43 -9.31 -8.46 -27.50
C LYS A 43 -9.70 -9.54 -28.51
N LEU A 44 -9.18 -9.43 -29.74
CA LEU A 44 -9.56 -10.37 -30.78
C LEU A 44 -9.15 -11.80 -30.42
N GLU A 45 -8.00 -11.96 -29.75
CA GLU A 45 -7.53 -13.29 -29.41
C GLU A 45 -8.47 -13.98 -28.42
N GLU A 46 -9.27 -13.21 -27.68
CA GLU A 46 -10.30 -13.80 -26.84
C GLU A 46 -11.65 -13.92 -27.56
N LYS A 47 -11.96 -12.98 -28.44
CA LYS A 47 -13.27 -13.01 -29.09
C LYS A 47 -13.37 -14.16 -30.09
N PHE A 48 -12.28 -14.43 -30.81
CA PHE A 48 -12.32 -15.47 -31.83
C PHE A 48 -12.76 -16.82 -31.29
N PRO A 49 -12.16 -17.36 -30.22
CA PRO A 49 -12.67 -18.62 -29.67
C PRO A 49 -14.13 -18.56 -29.29
N GLN A 50 -14.64 -17.39 -28.92
CA GLN A 50 -16.04 -17.32 -28.52
C GLN A 50 -16.96 -17.41 -29.73
N VAL A 51 -16.68 -16.63 -30.76
CA VAL A 51 -17.58 -16.59 -31.91
C VAL A 51 -17.36 -17.80 -32.81
N ALA A 52 -16.09 -18.19 -33.03
CA ALA A 52 -15.79 -19.24 -34.00
C ALA A 52 -16.37 -20.58 -33.60
N ALA A 53 -16.68 -20.78 -32.31
CA ALA A 53 -17.23 -22.05 -31.87
C ALA A 53 -18.57 -22.35 -32.56
N THR A 54 -19.30 -21.33 -33.00
CA THR A 54 -20.60 -21.53 -33.62
C THR A 54 -20.62 -21.16 -35.09
N GLY A 55 -19.45 -21.00 -35.71
CA GLY A 55 -19.37 -20.66 -37.12
C GLY A 55 -19.21 -19.19 -37.42
N ASP A 56 -19.24 -18.32 -36.40
CA ASP A 56 -19.04 -16.90 -36.59
C ASP A 56 -17.54 -16.57 -36.63
N GLY A 57 -17.19 -15.29 -36.58
CA GLY A 57 -15.81 -14.87 -36.62
C GLY A 57 -15.34 -14.59 -38.04
N PRO A 58 -14.10 -14.11 -38.19
CA PRO A 58 -13.60 -13.73 -39.50
C PRO A 58 -13.18 -14.95 -40.34
N ASP A 59 -12.89 -14.68 -41.62
CA ASP A 59 -12.30 -15.71 -42.46
C ASP A 59 -10.88 -16.02 -42.02
N ILE A 60 -10.10 -14.98 -41.75
CA ILE A 60 -8.70 -15.10 -41.38
C ILE A 60 -8.49 -14.33 -40.08
N ILE A 61 -7.63 -14.86 -39.20
CA ILE A 61 -7.29 -14.24 -37.92
C ILE A 61 -5.77 -14.25 -37.77
N PHE A 62 -5.21 -13.07 -37.48
CA PHE A 62 -3.78 -12.91 -37.24
C PHE A 62 -3.52 -12.81 -35.74
N TRP A 63 -2.56 -13.58 -35.24
CA TRP A 63 -2.09 -13.43 -33.88
C TRP A 63 -0.77 -14.18 -33.77
N ALA A 64 -0.09 -13.99 -32.64
CA ALA A 64 1.10 -14.79 -32.38
C ALA A 64 0.71 -16.26 -32.31
N HIS A 65 1.68 -17.11 -32.66
CA HIS A 65 1.41 -18.54 -32.78
C HIS A 65 1.00 -19.18 -31.47
N ASP A 66 1.27 -18.55 -30.32
CA ASP A 66 1.01 -19.22 -29.04
C ASP A 66 -0.47 -19.49 -28.79
N ARG A 67 -1.39 -18.70 -29.38
CA ARG A 67 -2.82 -18.94 -29.14
C ARG A 67 -3.41 -20.01 -30.05
N PHE A 68 -2.70 -20.44 -31.09
CA PHE A 68 -3.34 -21.21 -32.16
C PHE A 68 -3.55 -22.67 -31.80
N GLY A 69 -2.67 -23.25 -30.99
CA GLY A 69 -2.89 -24.64 -30.58
C GLY A 69 -4.21 -24.80 -29.86
N GLY A 70 -4.56 -23.84 -29.00
CA GLY A 70 -5.85 -23.89 -28.33
C GLY A 70 -7.00 -23.76 -29.31
N TYR A 71 -6.85 -22.89 -30.31
CA TYR A 71 -7.88 -22.79 -31.33
C TYR A 71 -8.04 -24.11 -32.07
N ALA A 72 -6.92 -24.76 -32.41
CA ALA A 72 -6.98 -26.02 -33.14
C ALA A 72 -7.59 -27.12 -32.28
N GLN A 73 -7.16 -27.23 -31.02
CA GLN A 73 -7.75 -28.22 -30.12
C GLN A 73 -9.26 -28.06 -30.03
N SER A 74 -9.75 -26.84 -30.14
CA SER A 74 -11.18 -26.56 -30.14
C SER A 74 -11.83 -26.73 -31.49
N GLY A 75 -11.06 -27.05 -32.54
CA GLY A 75 -11.65 -27.27 -33.85
C GLY A 75 -11.98 -25.99 -34.60
N LEU A 76 -11.32 -24.89 -34.28
CA LEU A 76 -11.68 -23.60 -34.84
C LEU A 76 -10.94 -23.25 -36.12
N LEU A 77 -9.91 -24.00 -36.48
CA LEU A 77 -9.03 -23.63 -37.58
C LEU A 77 -9.02 -24.70 -38.67
N ALA A 78 -8.87 -24.24 -39.90
CA ALA A 78 -8.70 -25.17 -41.00
C ALA A 78 -7.26 -25.65 -41.07
N GLU A 79 -7.09 -26.91 -41.44
CA GLU A 79 -5.75 -27.43 -41.68
C GLU A 79 -5.12 -26.74 -42.87
N ILE A 80 -3.90 -26.22 -42.68
CA ILE A 80 -3.17 -25.56 -43.75
C ILE A 80 -2.45 -26.61 -44.59
N THR A 81 -2.70 -26.59 -45.90
CA THR A 81 -2.18 -27.58 -46.85
C THR A 81 -1.33 -26.93 -47.93
N PRO A 82 -0.26 -26.23 -47.56
CA PRO A 82 0.62 -25.64 -48.58
C PRO A 82 1.42 -26.72 -49.29
N ALA A 83 1.51 -26.62 -50.62
CA ALA A 83 2.36 -27.55 -51.34
C ALA A 83 3.77 -27.49 -50.78
N ALA A 84 4.48 -28.62 -50.88
CA ALA A 84 5.86 -28.66 -50.42
C ALA A 84 6.67 -27.52 -51.02
N ALA A 85 6.38 -27.18 -52.28
CA ALA A 85 7.07 -26.08 -52.93
C ALA A 85 6.92 -24.78 -52.15
N PHE A 86 5.71 -24.47 -51.70
CA PHE A 86 5.48 -23.20 -51.01
C PHE A 86 6.10 -23.21 -49.62
N GLN A 87 5.99 -24.32 -48.89
CA GLN A 87 6.60 -24.44 -47.58
C GLN A 87 8.09 -24.10 -47.62
N ASP A 88 8.79 -24.52 -48.68
CA ASP A 88 10.22 -24.29 -48.74
C ASP A 88 10.58 -22.81 -48.85
N LYS A 89 9.61 -21.93 -49.11
CA LYS A 89 9.87 -20.50 -49.21
C LYS A 89 9.98 -19.81 -47.86
N LEU A 90 9.56 -20.47 -46.78
CA LEU A 90 9.61 -19.92 -45.43
C LEU A 90 10.60 -20.73 -44.60
N TYR A 91 11.18 -20.09 -43.57
CA TYR A 91 12.16 -20.77 -42.73
C TYR A 91 11.50 -21.93 -42.00
N PRO A 92 12.11 -23.12 -42.00
CA PRO A 92 11.49 -24.27 -41.34
C PRO A 92 11.03 -24.01 -39.91
N PHE A 93 11.81 -23.27 -39.11
CA PHE A 93 11.43 -23.10 -37.71
C PHE A 93 10.16 -22.28 -37.57
N THR A 94 9.84 -21.45 -38.56
CA THR A 94 8.58 -20.74 -38.51
C THR A 94 7.41 -21.70 -38.74
N TRP A 95 7.60 -22.70 -39.62
CA TRP A 95 6.60 -23.74 -39.78
C TRP A 95 6.44 -24.56 -38.49
N ASP A 96 7.52 -24.79 -37.76
CA ASP A 96 7.40 -25.50 -36.49
C ASP A 96 6.48 -24.75 -35.53
N ALA A 97 6.62 -23.43 -35.49
CA ALA A 97 5.80 -22.63 -34.58
C ALA A 97 4.31 -22.82 -34.81
N VAL A 98 3.88 -23.18 -36.02
CA VAL A 98 2.46 -23.34 -36.32
C VAL A 98 2.09 -24.80 -36.55
N ARG A 99 2.91 -25.74 -36.06
CA ARG A 99 2.59 -27.16 -36.15
C ARG A 99 2.01 -27.62 -34.83
N TYR A 100 0.84 -28.27 -34.90
CA TYR A 100 0.14 -28.73 -33.71
C TYR A 100 -0.41 -30.12 -33.98
N ASN A 101 -0.12 -31.06 -33.09
CA ASN A 101 -0.53 -32.45 -33.26
C ASN A 101 -0.23 -32.92 -34.68
N GLY A 102 0.97 -32.58 -35.16
CA GLY A 102 1.44 -33.05 -36.44
C GLY A 102 0.95 -32.27 -37.64
N LYS A 103 -0.06 -31.43 -37.48
CA LYS A 103 -0.63 -30.69 -38.61
C LYS A 103 -0.29 -29.21 -38.51
N LEU A 104 -0.12 -28.59 -39.66
CA LEU A 104 0.05 -27.14 -39.75
C LEU A 104 -1.31 -26.46 -39.61
N ILE A 105 -1.39 -25.43 -38.76
CA ILE A 105 -2.64 -24.81 -38.40
C ILE A 105 -2.66 -23.31 -38.69
N ALA A 106 -1.66 -22.79 -39.40
CA ALA A 106 -1.68 -21.38 -39.73
C ALA A 106 -0.46 -21.11 -40.62
N TYR A 107 -0.52 -19.98 -41.32
CA TYR A 107 0.62 -19.51 -42.09
C TYR A 107 1.48 -18.61 -41.21
N PRO A 108 2.75 -18.94 -41.00
CA PRO A 108 3.61 -18.02 -40.25
C PRO A 108 3.96 -16.81 -41.10
N ILE A 109 3.94 -15.63 -40.47
CA ILE A 109 4.16 -14.36 -41.16
C ILE A 109 5.48 -13.74 -40.77
N ALA A 110 5.71 -13.52 -39.48
CA ALA A 110 6.90 -12.79 -39.07
C ALA A 110 7.28 -13.22 -37.67
N VAL A 111 8.56 -13.05 -37.34
CA VAL A 111 9.10 -13.38 -36.03
C VAL A 111 9.24 -12.09 -35.23
N GLU A 112 8.70 -12.11 -34.00
CA GLU A 112 8.68 -10.94 -33.12
C GLU A 112 9.47 -11.23 -31.85
N ALA A 113 10.38 -10.32 -31.50
CA ALA A 113 11.02 -10.36 -30.20
C ALA A 113 11.13 -8.95 -29.63
N LEU A 114 10.94 -8.83 -28.32
CA LEU A 114 11.14 -7.55 -27.65
C LEU A 114 12.61 -7.18 -27.63
N SER A 115 12.89 -5.89 -27.75
CA SER A 115 14.23 -5.35 -27.61
C SER A 115 14.18 -4.15 -26.66
N LEU A 116 15.36 -3.72 -26.23
CA LEU A 116 15.48 -2.46 -25.52
C LEU A 116 15.57 -1.33 -26.54
N ILE A 117 14.69 -0.33 -26.39
CA ILE A 117 14.66 0.85 -27.26
C ILE A 117 15.03 2.05 -26.41
N TYR A 118 16.05 2.80 -26.83
CA TYR A 118 16.62 3.87 -26.02
C TYR A 118 16.78 5.14 -26.85
N ASN A 119 16.75 6.28 -26.14
CA ASN A 119 16.89 7.59 -26.76
C ASN A 119 18.37 7.96 -26.82
N LYS A 120 18.93 7.92 -28.03
CA LYS A 120 20.37 8.16 -28.18
C LYS A 120 20.78 9.51 -27.62
N ASP A 121 19.93 10.54 -27.73
CA ASP A 121 20.32 11.87 -27.29
C ASP A 121 20.36 11.98 -25.77
N LEU A 122 19.38 11.36 -25.08
CA LEU A 122 19.38 11.33 -23.63
C LEU A 122 20.32 10.30 -23.04
N LEU A 123 20.63 9.25 -23.81
CA LEU A 123 21.33 8.08 -23.27
C LEU A 123 22.22 7.53 -24.38
N PRO A 124 23.37 8.19 -24.64
CA PRO A 124 24.24 7.69 -25.71
C PRO A 124 24.70 6.27 -25.45
N ASN A 125 24.95 5.93 -24.19
CA ASN A 125 25.40 4.59 -23.82
C ASN A 125 24.31 3.90 -23.02
N PRO A 126 23.50 3.02 -23.63
CA PRO A 126 22.45 2.37 -22.88
C PRO A 126 23.03 1.43 -21.84
N PRO A 127 22.33 1.19 -20.75
CA PRO A 127 22.84 0.29 -19.72
C PRO A 127 22.82 -1.15 -20.20
N LYS A 128 23.81 -1.92 -19.74
CA LYS A 128 23.92 -3.33 -20.08
C LYS A 128 23.19 -4.24 -19.10
N THR A 129 22.95 -3.78 -17.87
CA THR A 129 22.33 -4.61 -16.84
C THR A 129 21.08 -3.92 -16.28
N TRP A 130 20.12 -4.73 -15.83
CA TRP A 130 18.98 -4.18 -15.12
C TRP A 130 19.42 -3.51 -13.82
N GLU A 131 20.45 -4.05 -13.17
CA GLU A 131 20.87 -3.56 -11.86
C GLU A 131 21.22 -2.08 -11.87
N GLU A 132 21.82 -1.58 -12.95
CA GLU A 132 22.26 -0.20 -12.99
C GLU A 132 21.18 0.76 -13.43
N ILE A 133 19.94 0.29 -13.58
CA ILE A 133 18.84 1.13 -14.01
C ILE A 133 18.41 2.06 -12.89
N PRO A 134 18.36 1.61 -11.63
CA PRO A 134 18.00 2.54 -10.54
C PRO A 134 18.94 3.74 -10.44
N ALA A 135 20.26 3.54 -10.54
CA ALA A 135 21.17 4.67 -10.52
C ALA A 135 20.93 5.58 -11.72
N LEU A 136 20.81 4.99 -12.91
CA LEU A 136 20.52 5.77 -14.11
C LEU A 136 19.27 6.63 -13.91
N ASP A 137 18.22 6.06 -13.31
CA ASP A 137 16.98 6.81 -13.08
C ASP A 137 17.21 8.01 -12.17
N LYS A 138 18.05 7.85 -11.16
CA LYS A 138 18.35 8.95 -10.25
C LYS A 138 18.99 10.13 -10.98
N GLU A 139 19.93 9.85 -11.89
CA GLU A 139 20.51 10.90 -12.72
C GLU A 139 19.43 11.61 -13.53
N LEU A 140 18.66 10.83 -14.31
CA LEU A 140 17.72 11.44 -15.26
C LEU A 140 16.63 12.23 -14.53
N LYS A 141 16.17 11.72 -13.39
CA LYS A 141 15.14 12.43 -12.64
C LYS A 141 15.58 13.85 -12.30
N ALA A 142 16.88 14.08 -12.08
CA ALA A 142 17.34 15.43 -11.82
C ALA A 142 17.23 16.33 -13.04
N LYS A 143 17.05 15.75 -14.23
CA LYS A 143 16.82 16.52 -15.45
C LYS A 143 15.34 16.60 -15.80
N GLY A 144 14.46 16.05 -14.95
CA GLY A 144 13.03 16.02 -15.23
C GLY A 144 12.56 14.83 -16.02
N LYS A 145 13.38 13.81 -16.21
CA LYS A 145 13.06 12.65 -17.03
C LYS A 145 13.10 11.39 -16.19
N SER A 146 12.80 10.26 -16.82
CA SER A 146 12.89 8.95 -16.17
C SER A 146 13.75 8.03 -17.03
N ALA A 147 14.19 6.93 -16.41
CA ALA A 147 15.06 5.99 -17.11
C ALA A 147 14.27 5.07 -18.03
N LEU A 148 13.27 4.39 -17.49
CA LEU A 148 12.65 3.29 -18.22
C LEU A 148 11.15 3.27 -17.97
N MET A 149 10.39 3.06 -19.04
CA MET A 149 8.95 2.88 -18.94
C MET A 149 8.51 1.88 -19.99
N PHE A 150 7.74 0.89 -19.56
CA PHE A 150 7.21 -0.10 -20.49
C PHE A 150 5.94 -0.69 -19.90
N ASN A 151 5.20 -1.40 -20.76
CA ASN A 151 3.89 -1.95 -20.42
C ASN A 151 3.97 -2.97 -19.30
N LEU A 152 3.38 -2.63 -18.15
CA LEU A 152 3.31 -3.53 -17.00
C LEU A 152 1.97 -4.24 -16.89
N GLN A 153 1.01 -3.95 -17.77
CA GLN A 153 -0.28 -4.61 -17.73
C GLN A 153 -0.31 -5.89 -18.56
N GLU A 154 0.68 -6.13 -19.41
CA GLU A 154 0.75 -7.35 -20.20
C GLU A 154 2.01 -8.11 -19.85
N PRO A 155 1.91 -9.33 -19.31
CA PRO A 155 3.12 -10.04 -18.85
C PRO A 155 4.14 -10.29 -19.93
N TYR A 156 3.73 -10.24 -21.21
CA TYR A 156 4.67 -10.39 -22.31
C TYR A 156 5.89 -9.48 -22.13
N PHE A 157 5.67 -8.27 -21.63
CA PHE A 157 6.74 -7.29 -21.57
C PHE A 157 7.64 -7.48 -20.35
N THR A 158 7.12 -8.11 -19.30
CA THR A 158 7.90 -8.38 -18.10
C THR A 158 8.52 -9.76 -18.09
N TRP A 159 8.02 -10.67 -18.92
CA TRP A 159 8.53 -12.04 -18.93
C TRP A 159 10.04 -12.12 -19.18
N PRO A 160 10.64 -11.29 -20.05
CA PRO A 160 12.09 -11.44 -20.26
C PRO A 160 12.88 -11.31 -18.98
N LEU A 161 12.45 -10.45 -18.06
CA LEU A 161 13.16 -10.29 -16.79
C LEU A 161 12.85 -11.44 -15.84
N ILE A 162 11.61 -11.93 -15.85
CA ILE A 162 11.25 -13.07 -15.01
C ILE A 162 12.02 -14.32 -15.43
N ALA A 163 12.20 -14.50 -16.74
CA ALA A 163 12.86 -15.70 -17.22
C ALA A 163 14.38 -15.63 -17.05
N ALA A 164 14.93 -14.43 -16.87
CA ALA A 164 16.38 -14.22 -16.96
C ALA A 164 17.14 -15.13 -16.00
N ASP A 165 16.78 -15.11 -14.72
CA ASP A 165 17.50 -15.87 -13.70
C ASP A 165 16.95 -17.29 -13.52
N GLY A 166 15.98 -17.71 -14.32
CA GLY A 166 15.54 -19.09 -14.21
C GLY A 166 14.06 -19.37 -14.37
N GLY A 167 13.22 -18.34 -14.37
CA GLY A 167 11.80 -18.57 -14.55
C GLY A 167 11.50 -19.20 -15.89
N TYR A 168 10.47 -20.02 -15.94
CA TYR A 168 10.03 -20.65 -17.16
C TYR A 168 8.55 -20.99 -17.10
N ALA A 169 7.94 -21.23 -18.25
CA ALA A 169 6.55 -21.53 -18.29
C ALA A 169 6.31 -23.01 -18.13
N PHE A 170 6.51 -23.79 -19.16
CA PHE A 170 6.35 -25.20 -19.10
C PHE A 170 7.65 -25.86 -19.47
N LYS A 171 8.10 -26.80 -18.67
CA LYS A 171 9.37 -27.46 -18.94
C LYS A 171 9.26 -28.31 -20.21
N TYR A 172 10.25 -28.18 -21.08
CA TYR A 172 10.36 -29.05 -22.24
C TYR A 172 11.23 -30.24 -21.88
N ALA A 173 10.70 -31.45 -22.11
CA ALA A 173 11.46 -32.67 -21.86
C ALA A 173 10.92 -33.78 -22.75
N ALA A 174 11.82 -34.64 -23.22
CA ALA A 174 11.46 -35.80 -24.02
C ALA A 174 10.60 -35.40 -25.22
N GLY A 175 10.93 -34.25 -25.81
CA GLY A 175 10.27 -33.82 -27.04
C GLY A 175 8.86 -33.29 -26.87
N LYS A 176 8.51 -32.79 -25.70
CA LYS A 176 7.19 -32.21 -25.48
C LYS A 176 7.21 -31.37 -24.21
N TYR A 177 6.21 -30.51 -24.07
CA TYR A 177 6.07 -29.67 -22.89
C TYR A 177 5.30 -30.41 -21.81
N ASP A 178 5.82 -30.38 -20.58
CA ASP A 178 5.14 -30.95 -19.43
C ASP A 178 4.18 -29.91 -18.87
N ILE A 179 2.88 -30.15 -19.03
CA ILE A 179 1.87 -29.19 -18.59
C ILE A 179 1.82 -29.07 -17.07
N LYS A 180 2.34 -30.06 -16.34
CA LYS A 180 2.34 -30.03 -14.90
C LYS A 180 3.66 -29.58 -14.31
N ASP A 181 4.61 -29.14 -15.13
CA ASP A 181 5.91 -28.65 -14.67
C ASP A 181 6.01 -27.18 -15.06
N VAL A 182 5.52 -26.33 -14.18
CA VAL A 182 5.48 -24.90 -14.39
C VAL A 182 6.59 -24.25 -13.57
N GLY A 183 7.24 -23.25 -14.13
CA GLY A 183 8.35 -22.63 -13.43
C GLY A 183 8.18 -21.15 -13.15
N VAL A 184 6.96 -20.72 -12.83
CA VAL A 184 6.71 -19.32 -12.51
C VAL A 184 6.91 -19.02 -11.03
N ASP A 185 7.26 -20.03 -10.22
CA ASP A 185 7.38 -19.89 -8.78
C ASP A 185 8.76 -20.30 -8.27
N ASN A 186 9.72 -20.52 -9.15
CA ASN A 186 11.05 -20.87 -8.67
C ASN A 186 11.85 -19.61 -8.33
N ALA A 187 13.05 -19.83 -7.78
CA ALA A 187 13.89 -18.74 -7.30
C ALA A 187 14.19 -17.73 -8.40
N GLY A 188 14.46 -18.20 -9.63
CA GLY A 188 14.72 -17.29 -10.71
C GLY A 188 13.55 -16.36 -10.98
N ALA A 189 12.34 -16.93 -11.13
CA ALA A 189 11.16 -16.12 -11.36
C ALA A 189 10.95 -15.11 -10.24
N LYS A 190 11.15 -15.54 -8.99
CA LYS A 190 10.95 -14.65 -7.85
C LYS A 190 11.95 -13.51 -7.86
N ALA A 191 13.20 -13.79 -8.24
CA ALA A 191 14.20 -12.73 -8.29
C ALA A 191 13.82 -11.69 -9.34
N GLY A 192 13.43 -12.15 -10.53
CA GLY A 192 13.05 -11.21 -11.57
C GLY A 192 11.90 -10.31 -11.17
N LEU A 193 10.82 -10.91 -10.66
CA LEU A 193 9.64 -10.12 -10.30
C LEU A 193 9.92 -9.24 -9.09
N THR A 194 10.74 -9.71 -8.15
CA THR A 194 11.13 -8.89 -7.01
C THR A 194 11.89 -7.65 -7.48
N PHE A 195 12.78 -7.80 -8.47
CA PHE A 195 13.51 -6.62 -8.92
C PHE A 195 12.58 -5.60 -9.58
N LEU A 196 11.61 -6.09 -10.36
CA LEU A 196 10.63 -5.19 -10.96
C LEU A 196 9.80 -4.50 -9.89
N VAL A 197 9.34 -5.27 -8.88
CA VAL A 197 8.54 -4.67 -7.82
C VAL A 197 9.38 -3.66 -7.02
N ASP A 198 10.69 -3.92 -6.90
CA ASP A 198 11.55 -2.95 -6.22
C ASP A 198 11.70 -1.66 -7.02
N LEU A 199 11.72 -1.77 -8.35
CA LEU A 199 11.73 -0.56 -9.18
C LEU A 199 10.54 0.33 -8.87
N ILE A 200 9.37 -0.28 -8.66
CA ILE A 200 8.16 0.47 -8.36
C ILE A 200 8.24 1.04 -6.95
N LYS A 201 8.63 0.21 -5.98
CA LYS A 201 8.74 0.67 -4.61
C LYS A 201 9.70 1.84 -4.48
N ASN A 202 10.71 1.91 -5.35
CA ASN A 202 11.70 2.97 -5.30
C ASN A 202 11.41 4.11 -6.27
N LYS A 203 10.17 4.18 -6.76
CA LYS A 203 9.68 5.27 -7.61
C LYS A 203 10.43 5.35 -8.94
N HIS A 204 11.02 4.25 -9.38
CA HIS A 204 11.66 4.22 -10.68
C HIS A 204 10.71 3.81 -11.79
N MET A 205 9.52 3.32 -11.45
CA MET A 205 8.48 2.97 -12.42
C MET A 205 7.13 3.05 -11.73
N ASN A 206 6.08 3.22 -12.53
CA ASN A 206 4.71 3.32 -12.08
C ASN A 206 3.98 2.00 -12.37
N ALA A 207 3.29 1.48 -11.36
CA ALA A 207 2.62 0.19 -11.53
C ALA A 207 1.50 0.27 -12.56
N ASP A 208 0.85 1.42 -12.68
CA ASP A 208 -0.25 1.57 -13.62
C ASP A 208 0.21 1.81 -15.06
N THR A 209 1.51 1.79 -15.32
CA THR A 209 2.01 2.11 -16.65
C THR A 209 1.55 1.05 -17.66
N ASP A 210 0.83 1.48 -18.69
CA ASP A 210 0.36 0.56 -19.72
C ASP A 210 1.06 0.88 -21.05
N TYR A 211 0.54 0.26 -22.12
CA TYR A 211 1.19 0.38 -23.43
C TYR A 211 1.22 1.83 -23.90
N SER A 212 0.08 2.50 -23.88
CA SER A 212 0.03 3.84 -24.47
C SER A 212 0.75 4.86 -23.59
N ILE A 213 0.74 4.67 -22.27
CA ILE A 213 1.50 5.57 -21.41
C ILE A 213 3.00 5.44 -21.68
N ALA A 214 3.50 4.22 -21.81
CA ALA A 214 4.92 4.04 -22.09
C ALA A 214 5.27 4.55 -23.48
N GLU A 215 4.50 4.18 -24.49
CA GLU A 215 4.78 4.65 -25.86
C GLU A 215 4.80 6.16 -25.92
N ALA A 216 3.84 6.81 -25.24
CA ALA A 216 3.73 8.26 -25.32
C ALA A 216 4.92 8.93 -24.67
N ALA A 217 5.37 8.40 -23.53
CA ALA A 217 6.48 9.02 -22.81
C ALA A 217 7.79 8.89 -23.59
N PHE A 218 8.07 7.70 -24.12
CA PHE A 218 9.27 7.55 -24.93
C PHE A 218 9.18 8.40 -26.20
N ASN A 219 8.05 8.31 -26.92
CA ASN A 219 7.95 9.04 -28.18
C ASN A 219 7.96 10.55 -27.97
N LYS A 220 7.62 11.01 -26.77
CA LYS A 220 7.65 12.43 -26.45
C LYS A 220 8.94 12.84 -25.75
N GLY A 221 9.85 11.90 -25.47
CA GLY A 221 11.14 12.26 -24.92
C GLY A 221 11.16 12.48 -23.42
N GLU A 222 10.26 11.85 -22.68
CA GLU A 222 10.21 11.97 -21.23
C GLU A 222 10.89 10.82 -20.51
N THR A 223 11.11 9.70 -21.19
CA THR A 223 11.82 8.56 -20.62
C THR A 223 12.89 8.10 -21.60
N ALA A 224 14.02 7.67 -21.06
CA ALA A 224 15.17 7.36 -21.89
C ALA A 224 15.09 6.00 -22.56
N MET A 225 14.18 5.14 -22.12
CA MET A 225 14.17 3.76 -22.59
C MET A 225 12.75 3.22 -22.56
N THR A 226 12.49 2.27 -23.45
CA THR A 226 11.26 1.51 -23.43
C THR A 226 11.59 0.10 -23.90
N ILE A 227 10.67 -0.83 -23.67
CA ILE A 227 10.78 -2.19 -24.17
C ILE A 227 9.60 -2.43 -25.09
N ASN A 228 9.87 -2.87 -26.31
CA ASN A 228 8.79 -3.04 -27.28
C ASN A 228 9.28 -3.82 -28.49
N GLY A 229 8.33 -4.16 -29.36
CA GLY A 229 8.60 -4.94 -30.53
C GLY A 229 8.73 -4.11 -31.78
N PRO A 230 9.04 -4.75 -32.92
CA PRO A 230 9.24 -3.99 -34.16
C PRO A 230 8.03 -3.15 -34.56
N TRP A 231 6.82 -3.59 -34.25
CA TRP A 231 5.64 -2.80 -34.63
C TRP A 231 5.73 -1.36 -34.14
N ALA A 232 6.49 -1.09 -33.08
CA ALA A 232 6.51 0.23 -32.48
C ALA A 232 7.43 1.22 -33.16
N TRP A 233 8.29 0.77 -34.11
CA TRP A 233 9.30 1.67 -34.64
C TRP A 233 8.71 2.80 -35.47
N SER A 234 7.65 2.53 -36.25
CA SER A 234 7.14 3.56 -37.15
C SER A 234 6.61 4.78 -36.39
N ASN A 235 5.95 4.56 -35.24
CA ASN A 235 5.52 5.71 -34.46
C ASN A 235 6.72 6.47 -33.89
N ILE A 236 7.78 5.75 -33.52
CA ILE A 236 8.99 6.45 -33.05
C ILE A 236 9.60 7.24 -34.20
N ASP A 237 9.58 6.68 -35.42
CA ASP A 237 10.18 7.36 -36.57
C ASP A 237 9.52 8.71 -36.80
N THR A 238 8.19 8.77 -36.72
CA THR A 238 7.51 10.03 -36.98
C THR A 238 7.74 11.04 -35.86
N SER A 239 8.19 10.60 -34.69
CA SER A 239 8.50 11.49 -33.58
C SER A 239 9.88 12.11 -33.75
N ALA A 240 10.17 13.09 -32.91
CA ALA A 240 11.44 13.80 -32.93
C ALA A 240 12.55 13.07 -32.18
N VAL A 241 12.40 11.77 -31.94
CA VAL A 241 13.31 11.01 -31.09
C VAL A 241 14.30 10.25 -31.95
N ASN A 242 15.58 10.40 -31.65
CA ASN A 242 16.66 9.64 -32.30
C ASN A 242 16.96 8.44 -31.43
N TYR A 243 16.55 7.25 -31.88
CA TYR A 243 16.55 6.06 -31.05
C TYR A 243 17.45 4.98 -31.62
N GLY A 244 17.84 4.05 -30.74
CA GLY A 244 18.49 2.83 -31.15
C GLY A 244 17.72 1.64 -30.61
N VAL A 245 17.97 0.48 -31.22
CA VAL A 245 17.41 -0.79 -30.78
C VAL A 245 18.58 -1.71 -30.44
N THR A 246 18.56 -2.27 -29.23
CA THR A 246 19.71 -3.04 -28.80
C THR A 246 19.28 -4.21 -27.91
N VAL A 247 20.26 -4.99 -27.47
CA VAL A 247 20.01 -6.15 -26.64
C VAL A 247 19.40 -5.71 -25.33
N LEU A 248 18.40 -6.46 -24.85
CA LEU A 248 17.85 -6.17 -23.54
C LEU A 248 18.95 -6.29 -22.47
N PRO A 249 18.79 -5.61 -21.35
CA PRO A 249 19.84 -5.67 -20.31
C PRO A 249 19.83 -7.02 -19.60
N THR A 250 21.00 -7.40 -19.10
CA THR A 250 21.11 -8.61 -18.31
C THR A 250 20.57 -8.39 -16.90
N PHE A 251 20.16 -9.48 -16.28
CA PHE A 251 19.76 -9.48 -14.87
C PHE A 251 20.58 -10.57 -14.19
N LYS A 252 21.14 -10.25 -13.03
CA LYS A 252 22.06 -11.16 -12.37
C LYS A 252 23.05 -11.77 -13.37
N GLY A 253 23.58 -10.93 -14.26
CA GLY A 253 24.56 -11.37 -15.22
C GLY A 253 24.06 -12.29 -16.31
N GLN A 254 22.76 -12.56 -16.36
CA GLN A 254 22.22 -13.45 -17.38
C GLN A 254 21.33 -12.67 -18.34
N PRO A 255 21.27 -13.08 -19.61
CA PRO A 255 20.46 -12.34 -20.58
C PRO A 255 18.99 -12.39 -20.23
N SER A 256 18.29 -11.32 -20.58
CA SER A 256 16.84 -11.37 -20.62
C SER A 256 16.43 -12.33 -21.72
N LYS A 257 15.38 -13.11 -21.45
CA LYS A 257 14.91 -14.16 -22.37
C LYS A 257 13.48 -13.84 -22.75
N PRO A 258 13.27 -13.06 -23.80
CA PRO A 258 11.91 -12.77 -24.24
C PRO A 258 11.27 -14.03 -24.80
N PHE A 259 9.96 -14.14 -24.61
CA PHE A 259 9.20 -15.19 -25.29
C PHE A 259 9.01 -14.77 -26.73
N VAL A 260 9.41 -15.60 -27.68
CA VAL A 260 9.43 -15.19 -29.07
C VAL A 260 8.12 -15.60 -29.74
N GLY A 261 7.43 -14.63 -30.33
CA GLY A 261 6.19 -14.86 -31.04
C GLY A 261 6.38 -14.94 -32.54
N VAL A 262 5.58 -15.77 -33.17
CA VAL A 262 5.51 -15.83 -34.62
C VAL A 262 4.11 -15.34 -35.00
N LEU A 263 4.01 -14.10 -35.45
CA LEU A 263 2.75 -13.63 -36.00
C LEU A 263 2.30 -14.61 -37.09
N SER A 264 1.09 -15.13 -36.95
CA SER A 264 0.58 -16.19 -37.83
C SER A 264 -0.86 -15.90 -38.24
N ALA A 265 -1.24 -16.47 -39.38
CA ALA A 265 -2.57 -16.28 -39.95
C ALA A 265 -3.26 -17.64 -40.04
N GLY A 266 -4.33 -17.81 -39.26
CA GLY A 266 -5.16 -19.00 -39.32
C GLY A 266 -6.39 -18.76 -40.15
N ILE A 267 -6.94 -19.84 -40.70
CA ILE A 267 -8.15 -19.81 -41.50
C ILE A 267 -9.27 -20.41 -40.67
N ASN A 268 -10.36 -19.67 -40.52
CA ASN A 268 -11.50 -20.12 -39.74
C ASN A 268 -12.05 -21.41 -40.34
N ALA A 269 -12.17 -22.45 -39.52
CA ALA A 269 -12.73 -23.70 -40.01
C ALA A 269 -14.11 -23.52 -40.61
N ALA A 270 -14.86 -22.51 -40.14
CA ALA A 270 -16.21 -22.30 -40.67
C ALA A 270 -16.24 -21.48 -41.95
N SER A 271 -15.11 -21.00 -42.43
CA SER A 271 -15.11 -20.14 -43.61
C SER A 271 -15.45 -20.94 -44.86
N PRO A 272 -16.41 -20.48 -45.67
CA PRO A 272 -16.59 -21.05 -47.01
C PRO A 272 -15.67 -20.46 -48.07
N ASN A 273 -14.67 -19.68 -47.65
CA ASN A 273 -13.71 -19.07 -48.55
C ASN A 273 -12.31 -19.62 -48.30
N LYS A 274 -12.22 -20.86 -47.81
CA LYS A 274 -10.92 -21.40 -47.43
C LYS A 274 -9.93 -21.33 -48.59
N GLU A 275 -10.41 -21.57 -49.80
CA GLU A 275 -9.55 -21.52 -50.98
C GLU A 275 -9.14 -20.08 -51.28
N LEU A 276 -10.08 -19.14 -51.20
CA LEU A 276 -9.74 -17.73 -51.41
C LEU A 276 -8.73 -17.27 -50.37
N ALA A 277 -8.93 -17.68 -49.10
CA ALA A 277 -8.01 -17.28 -48.04
C ALA A 277 -6.61 -17.82 -48.31
N LYS A 278 -6.52 -19.09 -48.72
CA LYS A 278 -5.23 -19.68 -49.06
C LYS A 278 -4.58 -18.93 -50.23
N GLU A 279 -5.38 -18.61 -51.25
CA GLU A 279 -4.84 -17.84 -52.37
C GLU A 279 -4.33 -16.47 -51.91
N PHE A 280 -5.13 -15.76 -51.11
CA PHE A 280 -4.71 -14.45 -50.63
C PHE A 280 -3.45 -14.55 -49.79
N LEU A 281 -3.42 -15.49 -48.84
CA LEU A 281 -2.27 -15.61 -47.95
C LEU A 281 -1.03 -16.05 -48.70
N GLU A 282 -1.16 -17.10 -49.52
CA GLU A 282 0.01 -17.73 -50.15
C GLU A 282 0.55 -16.89 -51.31
N ASN A 283 -0.35 -16.23 -52.06
CA ASN A 283 0.05 -15.61 -53.31
C ASN A 283 -0.10 -14.10 -53.33
N TYR A 284 -0.61 -13.49 -52.27
CA TYR A 284 -0.63 -12.04 -52.21
C TYR A 284 0.12 -11.54 -50.98
N LEU A 285 -0.21 -12.06 -49.80
CA LEU A 285 0.43 -11.57 -48.58
C LEU A 285 1.87 -12.04 -48.46
N LEU A 286 2.09 -13.37 -48.45
CA LEU A 286 3.42 -13.93 -48.28
C LEU A 286 4.21 -13.86 -49.59
N THR A 287 4.36 -12.64 -50.07
CA THR A 287 5.19 -12.31 -51.20
C THR A 287 6.03 -11.09 -50.84
N ASP A 288 7.05 -10.82 -51.64
CA ASP A 288 7.89 -9.64 -51.41
C ASP A 288 7.04 -8.38 -51.35
N GLU A 289 6.17 -8.18 -52.34
CA GLU A 289 5.36 -6.97 -52.40
C GLU A 289 4.30 -6.95 -51.30
N GLY A 290 3.75 -8.11 -50.96
CA GLY A 290 2.72 -8.15 -49.93
C GLY A 290 3.24 -7.77 -48.56
N LEU A 291 4.28 -8.46 -48.10
CA LEU A 291 4.85 -8.15 -46.79
C LEU A 291 5.46 -6.76 -46.78
N GLU A 292 5.99 -6.32 -47.92
CA GLU A 292 6.50 -4.96 -48.02
C GLU A 292 5.41 -3.94 -47.69
N ALA A 293 4.22 -4.12 -48.28
CA ALA A 293 3.13 -3.18 -48.01
C ALA A 293 2.76 -3.18 -46.52
N VAL A 294 2.70 -4.36 -45.90
CA VAL A 294 2.39 -4.40 -44.47
C VAL A 294 3.57 -3.86 -43.66
N ASN A 295 4.77 -4.32 -43.98
CA ASN A 295 5.94 -3.89 -43.23
C ASN A 295 6.13 -2.38 -43.29
N LYS A 296 5.76 -1.75 -44.41
CA LYS A 296 5.86 -0.30 -44.51
C LYS A 296 4.97 0.39 -43.50
N ASP A 297 3.80 -0.19 -43.22
CA ASP A 297 2.86 0.42 -42.29
C ASP A 297 3.37 0.32 -40.86
N LYS A 298 3.62 -0.90 -40.38
CA LYS A 298 4.23 -1.12 -39.07
C LYS A 298 5.20 -2.28 -39.27
N PRO A 299 6.47 -2.14 -38.86
CA PRO A 299 7.44 -3.21 -39.10
C PRO A 299 6.98 -4.55 -38.55
N LEU A 300 7.08 -5.57 -39.40
CA LEU A 300 6.67 -6.92 -39.03
C LEU A 300 7.68 -7.63 -38.14
N GLY A 301 8.94 -7.17 -38.11
CA GLY A 301 10.02 -7.94 -37.55
C GLY A 301 10.72 -8.76 -38.61
N ALA A 302 11.15 -9.98 -38.26
CA ALA A 302 11.89 -10.84 -39.18
C ALA A 302 10.91 -11.77 -39.88
N VAL A 303 10.62 -11.50 -41.16
CA VAL A 303 9.50 -12.17 -41.80
C VAL A 303 9.86 -13.63 -42.09
N ALA A 304 8.82 -14.47 -42.10
CA ALA A 304 9.02 -15.90 -42.39
C ALA A 304 9.47 -16.14 -43.83
N LEU A 305 9.13 -15.23 -44.75
CA LEU A 305 9.49 -15.40 -46.16
C LEU A 305 10.98 -15.20 -46.38
N LYS A 306 11.68 -16.25 -46.82
CA LYS A 306 13.13 -16.17 -46.97
C LYS A 306 13.53 -15.05 -47.91
N SER A 307 12.89 -14.98 -49.08
CA SER A 307 13.30 -14.00 -50.09
C SER A 307 13.26 -12.59 -49.53
N TYR A 308 12.21 -12.23 -48.80
CA TYR A 308 12.11 -10.86 -48.33
C TYR A 308 12.89 -10.62 -47.04
N GLU A 309 13.06 -11.64 -46.21
CA GLU A 309 13.82 -11.46 -44.97
C GLU A 309 15.29 -11.17 -45.26
N GLU A 310 15.82 -11.65 -46.37
CA GLU A 310 17.19 -11.30 -46.75
C GLU A 310 17.34 -9.80 -46.96
N GLU A 311 16.26 -9.13 -47.37
CA GLU A 311 16.27 -7.67 -47.43
C GLU A 311 16.13 -7.06 -46.04
N LEU A 312 15.20 -7.56 -45.23
CA LEU A 312 14.95 -6.95 -43.92
C LEU A 312 16.11 -7.19 -42.95
N ALA A 313 16.82 -8.31 -43.08
CA ALA A 313 17.91 -8.62 -42.16
C ALA A 313 19.07 -7.63 -42.28
N LYS A 314 19.17 -6.90 -43.39
CA LYS A 314 20.18 -5.85 -43.51
C LYS A 314 19.99 -4.72 -42.52
N ASP A 315 18.80 -4.60 -41.93
CA ASP A 315 18.45 -3.50 -41.02
C ASP A 315 19.03 -3.76 -39.64
N PRO A 316 19.87 -2.87 -39.10
CA PRO A 316 20.43 -3.14 -37.76
C PRO A 316 19.37 -3.36 -36.70
N ARG A 317 18.19 -2.76 -36.84
CA ARG A 317 17.15 -2.97 -35.84
C ARG A 317 16.63 -4.40 -35.88
N ILE A 318 16.55 -5.01 -37.07
CA ILE A 318 16.20 -6.41 -37.15
C ILE A 318 17.30 -7.28 -36.57
N ALA A 319 18.56 -6.89 -36.80
CA ALA A 319 19.68 -7.65 -36.24
C ALA A 319 19.61 -7.67 -34.72
N ALA A 320 19.23 -6.53 -34.12
CA ALA A 320 19.05 -6.48 -32.67
C ALA A 320 17.86 -7.33 -32.23
N THR A 321 16.75 -7.22 -32.96
CA THR A 321 15.60 -8.08 -32.69
C THR A 321 15.99 -9.53 -32.64
N MET A 322 16.72 -10.00 -33.65
CA MET A 322 17.06 -11.43 -33.70
C MET A 322 18.12 -11.77 -32.65
N GLU A 323 19.00 -10.83 -32.31
CA GLU A 323 19.90 -11.06 -31.19
C GLU A 323 19.10 -11.37 -29.92
N ASN A 324 18.07 -10.57 -29.64
CA ASN A 324 17.23 -10.85 -28.48
C ASN A 324 16.47 -12.16 -28.66
N ALA A 325 16.01 -12.44 -29.88
CA ALA A 325 15.26 -13.67 -30.12
C ALA A 325 16.11 -14.92 -29.91
N GLN A 326 17.40 -14.86 -30.26
CA GLN A 326 18.26 -16.01 -30.00
C GLN A 326 18.39 -16.27 -28.51
N LYS A 327 18.35 -15.21 -27.70
CA LYS A 327 18.47 -15.36 -26.25
C LYS A 327 17.17 -15.80 -25.61
N GLY A 328 16.03 -15.60 -26.27
CA GLY A 328 14.75 -16.04 -25.76
C GLY A 328 14.40 -17.44 -26.24
N GLU A 329 13.10 -17.72 -26.29
CA GLU A 329 12.63 -19.03 -26.72
C GLU A 329 11.34 -18.84 -27.50
N ILE A 330 11.14 -19.68 -28.52
CA ILE A 330 9.87 -19.70 -29.21
C ILE A 330 8.79 -20.12 -28.23
N MET A 331 7.68 -19.39 -28.20
CA MET A 331 6.59 -19.73 -27.30
C MET A 331 6.03 -21.10 -27.64
N PRO A 332 5.55 -21.85 -26.64
CA PRO A 332 4.71 -23.02 -26.94
C PRO A 332 3.41 -22.58 -27.59
N ASN A 333 2.82 -23.48 -28.38
CA ASN A 333 1.49 -23.22 -28.92
C ASN A 333 0.44 -24.13 -28.29
N ILE A 334 0.76 -24.76 -27.17
CA ILE A 334 -0.15 -25.70 -26.54
C ILE A 334 -1.36 -24.96 -25.98
N PRO A 335 -2.51 -25.63 -25.87
CA PRO A 335 -3.72 -24.93 -25.36
C PRO A 335 -3.53 -24.28 -24.00
N GLN A 336 -2.70 -24.84 -23.14
CA GLN A 336 -2.49 -24.30 -21.80
C GLN A 336 -1.86 -22.90 -21.80
N MET A 337 -1.45 -22.36 -22.95
CA MET A 337 -0.73 -21.09 -22.92
C MET A 337 -1.62 -19.93 -22.48
N SER A 338 -2.90 -19.95 -22.86
CA SER A 338 -3.78 -18.86 -22.41
C SER A 338 -3.88 -18.84 -20.89
N ALA A 339 -3.91 -20.01 -20.26
CA ALA A 339 -3.99 -20.06 -18.81
C ALA A 339 -2.67 -19.63 -18.16
N PHE A 340 -1.54 -20.00 -18.78
CA PHE A 340 -0.26 -19.49 -18.30
C PHE A 340 -0.21 -17.97 -18.36
N TRP A 341 -0.72 -17.39 -19.45
CA TRP A 341 -0.62 -15.95 -19.63
C TRP A 341 -1.51 -15.21 -18.64
N TYR A 342 -2.75 -15.70 -18.45
CA TYR A 342 -3.66 -15.08 -17.49
C TYR A 342 -3.08 -15.12 -16.08
N ALA A 343 -2.52 -16.27 -15.71
CA ALA A 343 -1.94 -16.41 -14.36
C ALA A 343 -0.80 -15.41 -14.16
N VAL A 344 0.16 -15.37 -15.09
CA VAL A 344 1.29 -14.47 -14.90
C VAL A 344 0.83 -13.01 -14.94
N ARG A 345 -0.13 -12.68 -15.81
CA ARG A 345 -0.64 -11.30 -15.82
C ARG A 345 -1.17 -10.91 -14.46
N THR A 346 -1.95 -11.80 -13.83
CA THR A 346 -2.49 -11.50 -12.51
C THR A 346 -1.38 -11.36 -11.48
N ALA A 347 -0.40 -12.25 -11.52
CA ALA A 347 0.73 -12.17 -10.60
C ALA A 347 1.46 -10.84 -10.74
N VAL A 348 1.84 -10.48 -11.97
CA VAL A 348 2.61 -9.25 -12.17
C VAL A 348 1.82 -8.04 -11.70
N ILE A 349 0.55 -7.94 -12.09
CA ILE A 349 -0.24 -6.78 -11.74
C ILE A 349 -0.46 -6.71 -10.23
N ASN A 350 -0.70 -7.85 -9.58
CA ASN A 350 -0.97 -7.86 -8.15
C ASN A 350 0.28 -7.54 -7.34
N ALA A 351 1.45 -7.97 -7.82
CA ALA A 351 2.68 -7.67 -7.12
C ALA A 351 3.08 -6.20 -7.33
N ALA A 352 3.00 -5.73 -8.58
CA ALA A 352 3.39 -4.35 -8.87
C ALA A 352 2.56 -3.34 -8.08
N SER A 353 1.31 -3.68 -7.77
CA SER A 353 0.40 -2.80 -7.05
C SER A 353 0.44 -2.98 -5.53
N GLY A 354 1.21 -3.95 -5.03
CA GLY A 354 1.23 -4.22 -3.61
C GLY A 354 0.03 -4.96 -3.09
N ARG A 355 -0.94 -5.30 -3.95
CA ARG A 355 -2.10 -6.08 -3.52
C ARG A 355 -1.70 -7.46 -3.03
N GLN A 356 -0.60 -8.00 -3.55
CA GLN A 356 -0.07 -9.30 -3.16
C GLN A 356 1.45 -9.20 -3.11
N THR A 357 2.06 -9.96 -2.21
CA THR A 357 3.50 -10.10 -2.20
C THR A 357 3.97 -10.88 -3.42
N VAL A 358 5.25 -10.74 -3.76
CA VAL A 358 5.80 -11.47 -4.90
C VAL A 358 5.62 -12.97 -4.68
N ASP A 359 6.02 -13.47 -3.52
CA ASP A 359 5.91 -14.90 -3.23
C ASP A 359 4.47 -15.38 -3.35
N ALA A 360 3.51 -14.61 -2.81
CA ALA A 360 2.12 -15.05 -2.84
C ALA A 360 1.52 -14.93 -4.24
N ALA A 361 1.88 -13.87 -4.96
CA ALA A 361 1.39 -13.72 -6.32
C ALA A 361 1.88 -14.86 -7.20
N LEU A 362 3.18 -15.17 -7.10
CA LEU A 362 3.74 -16.21 -7.95
C LEU A 362 3.30 -17.60 -7.49
N ALA A 363 3.08 -17.78 -6.19
CA ALA A 363 2.53 -19.05 -5.73
C ALA A 363 1.17 -19.32 -6.36
N ALA A 364 0.28 -18.32 -6.35
CA ALA A 364 -1.03 -18.50 -6.96
C ALA A 364 -0.91 -18.68 -8.47
N ALA A 365 0.04 -17.97 -9.08
CA ALA A 365 0.25 -18.08 -10.51
C ALA A 365 0.69 -19.49 -10.91
N GLN A 366 1.49 -20.14 -10.07
CA GLN A 366 1.92 -21.51 -10.40
C GLN A 366 0.71 -22.44 -10.43
N THR A 367 -0.12 -22.39 -9.39
CA THR A 367 -1.31 -23.23 -9.36
C THR A 367 -2.21 -22.95 -10.54
N ASN A 368 -2.44 -21.67 -10.85
CA ASN A 368 -3.35 -21.32 -11.94
C ASN A 368 -2.79 -21.75 -13.30
N ALA A 369 -1.49 -21.58 -13.51
CA ALA A 369 -0.92 -21.92 -14.80
C ALA A 369 -0.97 -23.42 -15.06
N ALA A 370 -0.95 -24.24 -14.00
CA ALA A 370 -0.98 -25.68 -14.17
C ALA A 370 -2.38 -26.27 -14.12
N ARG A 371 -3.38 -25.46 -13.79
CA ARG A 371 -4.72 -25.99 -13.57
C ARG A 371 -5.34 -26.40 -14.90
N ARG A 372 -5.80 -27.64 -14.97
CA ARG A 372 -6.54 -28.07 -16.15
C ARG A 372 -7.90 -27.41 -16.18
N LYS A 373 -8.26 -26.88 -17.35
CA LYS A 373 -9.59 -26.29 -17.51
C LYS A 373 -10.62 -27.39 -17.58
N PRO A 374 -11.59 -27.44 -16.66
CA PRO A 374 -12.55 -28.55 -16.67
C PRO A 374 -13.25 -28.65 -18.01
N SER A 375 -13.50 -29.88 -18.45
CA SER A 375 -14.17 -30.09 -19.72
C SER A 375 -15.63 -29.66 -19.61
N TRP A 376 -16.25 -29.40 -20.76
CA TRP A 376 -17.68 -29.16 -20.77
C TRP A 376 -18.42 -30.27 -20.02
N ARG A 377 -18.00 -31.53 -20.22
CA ARG A 377 -18.68 -32.64 -19.58
C ARG A 377 -18.47 -32.63 -18.06
N GLU A 378 -17.26 -32.27 -17.61
CA GLU A 378 -17.01 -32.13 -16.18
C GLU A 378 -17.94 -31.09 -15.57
N ARG A 379 -18.06 -29.93 -16.22
CA ARG A 379 -19.02 -28.93 -15.75
C ARG A 379 -20.43 -29.48 -15.75
N GLU A 380 -20.82 -30.19 -16.82
CA GLU A 380 -22.17 -30.72 -16.91
C GLU A 380 -22.42 -31.78 -15.83
N ASN A 381 -21.44 -32.63 -15.56
CA ASN A 381 -21.56 -33.57 -14.44
C ASN A 381 -21.89 -32.83 -13.13
N ASN A 382 -21.14 -31.77 -12.82
CA ASN A 382 -21.37 -31.04 -11.58
C ASN A 382 -22.75 -30.38 -11.58
N ARG A 383 -23.09 -29.72 -12.70
CA ARG A 383 -24.38 -29.03 -12.78
C ARG A 383 -25.54 -29.99 -12.58
N ARG A 384 -25.48 -31.17 -13.21
CA ARG A 384 -26.58 -32.12 -13.10
C ARG A 384 -26.66 -32.74 -11.71
N ARG A 385 -25.51 -32.95 -11.06
CA ARG A 385 -25.53 -33.54 -9.72
C ARG A 385 -26.25 -32.60 -8.75
N GLU A 386 -25.94 -31.32 -8.79
CA GLU A 386 -26.59 -30.37 -7.91
C GLU A 386 -28.06 -30.18 -8.29
N ARG A 387 -28.37 -30.15 -9.59
CA ARG A 387 -29.79 -30.14 -9.99
C ARG A 387 -30.52 -31.34 -9.41
N ARG A 388 -29.91 -32.54 -9.48
CA ARG A 388 -30.55 -33.74 -8.94
C ARG A 388 -30.63 -33.70 -7.42
N ARG A 389 -29.58 -33.20 -6.75
CA ARG A 389 -29.64 -33.09 -5.30
C ARG A 389 -30.77 -32.17 -4.86
N ARG A 390 -30.97 -31.04 -5.54
CA ARG A 390 -32.05 -30.14 -5.16
C ARG A 390 -33.41 -30.76 -5.47
N ALA A 391 -33.51 -31.43 -6.62
CA ALA A 391 -34.78 -32.01 -7.05
C ALA A 391 -35.26 -33.08 -6.09
N VAL A 392 -34.33 -33.87 -5.53
CA VAL A 392 -34.72 -34.87 -4.54
C VAL A 392 -35.20 -34.20 -3.26
N ALA A 393 -34.45 -33.20 -2.77
CA ALA A 393 -34.90 -32.50 -1.57
C ALA A 393 -36.28 -31.87 -1.79
N ALA A 394 -36.46 -31.21 -2.94
CA ALA A 394 -37.70 -30.51 -3.19
C ALA A 394 -38.89 -31.47 -3.22
N LYS A 395 -38.69 -32.67 -3.74
CA LYS A 395 -39.76 -33.66 -3.72
C LYS A 395 -40.09 -34.08 -2.29
N ILE A 396 -39.06 -34.27 -1.46
CA ILE A 396 -39.30 -34.68 -0.08
C ILE A 396 -40.10 -33.62 0.66
N TYR A 397 -39.66 -32.35 0.57
CA TYR A 397 -40.39 -31.28 1.25
C TYR A 397 -41.76 -31.05 0.63
N THR A 398 -41.89 -31.20 -0.69
CA THR A 398 -43.22 -31.15 -1.29
C THR A 398 -44.13 -32.19 -0.63
N GLY A 399 -43.62 -33.41 -0.43
CA GLY A 399 -44.41 -34.43 0.22
C GLY A 399 -44.66 -34.14 1.69
N LEU A 400 -43.64 -33.66 2.39
CA LEU A 400 -43.83 -33.29 3.79
C LEU A 400 -44.89 -32.19 3.95
N ARG A 401 -44.87 -31.20 3.05
CA ARG A 401 -45.83 -30.11 3.17
C ARG A 401 -47.25 -30.57 2.84
N ALA A 402 -47.40 -31.53 1.93
CA ALA A 402 -48.74 -31.96 1.51
C ALA A 402 -49.40 -32.87 2.55
N GLN A 403 -48.67 -33.85 3.07
CA GLN A 403 -49.26 -34.85 3.96
C GLN A 403 -48.85 -34.67 5.41
N GLY A 404 -47.99 -33.70 5.73
CA GLY A 404 -47.48 -33.55 7.07
C GLY A 404 -48.54 -33.23 8.10
N ASP A 405 -49.20 -32.08 7.94
CA ASP A 405 -50.12 -31.54 8.95
C ASP A 405 -49.34 -31.03 10.16
N TYR A 406 -48.22 -30.35 9.89
CA TYR A 406 -47.32 -29.93 10.95
C TYR A 406 -47.76 -28.66 11.66
N ASN A 407 -48.80 -27.99 11.17
CA ASN A 407 -49.24 -26.72 11.74
C ASN A 407 -48.15 -25.65 11.57
N LEU A 408 -47.99 -25.25 10.33
CA LEU A 408 -46.98 -24.30 9.90
C LEU A 408 -47.64 -22.98 9.51
N PRO A 409 -46.88 -21.89 9.55
CA PRO A 409 -47.42 -20.59 9.12
C PRO A 409 -47.71 -20.58 7.62
N LYS A 410 -48.51 -19.59 7.21
CA LYS A 410 -48.89 -19.45 5.80
C LYS A 410 -47.67 -19.55 4.88
N HIS A 411 -46.61 -18.82 5.21
CA HIS A 411 -45.38 -18.85 4.44
C HIS A 411 -44.23 -19.18 5.38
N CYS A 412 -43.48 -20.22 5.03
CA CYS A 412 -42.32 -20.64 5.81
C CYS A 412 -41.39 -21.39 4.87
N ASP A 413 -40.12 -21.49 5.27
CA ASP A 413 -39.12 -22.15 4.44
C ASP A 413 -39.01 -23.63 4.84
N ASN A 414 -38.21 -24.39 4.07
CA ASN A 414 -38.12 -25.81 4.34
C ASN A 414 -37.38 -26.12 5.64
N ASN A 415 -36.55 -25.20 6.13
CA ASN A 415 -35.93 -25.40 7.44
C ASN A 415 -36.98 -25.53 8.53
N GLU A 416 -38.11 -24.85 8.40
CA GLU A 416 -39.16 -24.99 9.40
C GLU A 416 -39.91 -26.31 9.21
N VAL A 417 -40.08 -26.73 7.96
CA VAL A 417 -40.65 -28.05 7.69
C VAL A 417 -39.74 -29.14 8.23
N LEU A 418 -38.43 -29.00 8.02
CA LEU A 418 -37.48 -29.94 8.61
C LEU A 418 -37.63 -29.96 10.13
N LYS A 419 -37.71 -28.78 10.77
CA LYS A 419 -37.83 -28.74 12.22
C LYS A 419 -39.07 -29.51 12.69
N ALA A 420 -40.21 -29.27 12.05
CA ALA A 420 -41.42 -30.03 12.40
C ALA A 420 -41.17 -31.52 12.29
N LEU A 421 -40.58 -31.96 11.18
CA LEU A 421 -40.23 -33.37 11.02
C LEU A 421 -39.41 -33.87 12.19
N CYS A 422 -38.43 -33.08 12.64
CA CYS A 422 -37.55 -33.52 13.72
C CYS A 422 -38.33 -33.79 15.00
N VAL A 423 -39.19 -32.85 15.41
CA VAL A 423 -39.94 -33.04 16.65
C VAL A 423 -40.93 -34.18 16.52
N GLU A 424 -41.51 -34.37 15.33
CA GLU A 424 -42.35 -35.55 15.11
C GLU A 424 -41.57 -36.83 15.34
N ALA A 425 -40.26 -36.83 15.09
CA ALA A 425 -39.42 -38.01 15.24
C ALA A 425 -38.71 -38.07 16.58
N GLY A 426 -39.11 -37.23 17.53
CA GLY A 426 -38.52 -37.28 18.87
C GLY A 426 -37.28 -36.43 19.05
N TRP A 427 -37.09 -35.41 18.23
CA TRP A 427 -35.93 -34.53 18.35
C TRP A 427 -36.39 -33.16 18.87
N VAL A 428 -35.43 -32.40 19.34
CA VAL A 428 -35.63 -31.00 19.70
C VAL A 428 -34.64 -30.17 18.90
N VAL A 429 -35.14 -29.11 18.26
CA VAL A 429 -34.33 -28.24 17.42
C VAL A 429 -34.43 -26.83 17.98
N GLU A 430 -33.29 -26.24 18.30
CA GLU A 430 -33.23 -24.90 18.87
C GLU A 430 -33.35 -23.87 17.74
N GLU A 431 -33.17 -22.60 18.10
CA GLU A 431 -33.32 -21.53 17.12
C GLU A 431 -32.30 -21.65 16.00
N ASP A 432 -31.02 -21.79 16.35
CA ASP A 432 -29.93 -21.79 15.36
C ASP A 432 -29.74 -23.14 14.67
N GLY A 433 -30.66 -24.10 14.89
CA GLY A 433 -30.56 -25.41 14.29
C GLY A 433 -29.93 -26.47 15.19
N THR A 434 -29.46 -26.10 16.37
CA THR A 434 -28.92 -27.08 17.31
C THR A 434 -29.95 -28.18 17.56
N THR A 435 -29.55 -29.43 17.30
CA THR A 435 -30.47 -30.56 17.27
C THR A 435 -29.92 -31.74 18.06
N TYR A 436 -30.79 -32.36 18.86
CA TYR A 436 -30.40 -33.51 19.66
C TYR A 436 -31.66 -34.23 20.13
N ARG A 437 -31.46 -35.41 20.72
CA ARG A 437 -32.58 -36.22 21.18
C ARG A 437 -32.94 -35.86 22.61
N LYS B 2 -3.19 5.92 -7.90
CA LYS B 2 -3.56 6.75 -6.76
C LYS B 2 -2.99 8.16 -6.87
N ILE B 3 -3.73 9.12 -6.35
CA ILE B 3 -3.36 10.52 -6.43
C ILE B 3 -2.37 10.86 -5.33
N GLU B 4 -1.43 11.75 -5.62
CA GLU B 4 -0.46 12.17 -4.62
C GLU B 4 -0.14 13.64 -4.80
N GLU B 5 0.03 14.33 -3.67
CA GLU B 5 0.29 15.77 -3.67
C GLU B 5 1.48 16.12 -4.56
N GLY B 6 1.32 17.16 -5.37
CA GLY B 6 2.40 17.73 -6.15
C GLY B 6 2.34 17.44 -7.64
N LYS B 7 1.56 16.45 -8.05
CA LYS B 7 1.40 16.10 -9.46
C LYS B 7 -0.09 16.07 -9.80
N LEU B 8 -0.38 16.06 -11.10
CA LEU B 8 -1.73 16.07 -11.62
C LEU B 8 -1.85 15.01 -12.72
N VAL B 9 -2.80 14.09 -12.54
CA VAL B 9 -3.09 13.08 -13.54
C VAL B 9 -4.51 13.30 -14.05
N ILE B 10 -4.68 13.27 -15.37
CA ILE B 10 -5.95 13.56 -16.02
C ILE B 10 -6.38 12.34 -16.84
N TRP B 11 -7.65 12.00 -16.76
CA TRP B 11 -8.26 10.96 -17.59
C TRP B 11 -9.21 11.63 -18.57
N ILE B 12 -9.01 11.35 -19.86
CA ILE B 12 -9.86 11.86 -20.92
C ILE B 12 -10.01 10.77 -21.97
N ASN B 13 -11.11 10.81 -22.71
CA ASN B 13 -11.39 9.76 -23.68
C ASN B 13 -10.42 9.81 -24.85
N GLY B 14 -10.10 8.62 -25.37
CA GLY B 14 -9.11 8.47 -26.43
C GLY B 14 -9.48 9.10 -27.76
N ASP B 15 -10.72 9.58 -27.93
CA ASP B 15 -11.11 10.25 -29.15
C ASP B 15 -11.02 11.77 -29.06
N LYS B 16 -10.61 12.31 -27.91
CA LYS B 16 -10.41 13.74 -27.74
C LYS B 16 -8.93 14.10 -27.87
N GLY B 17 -8.66 15.39 -28.01
CA GLY B 17 -7.31 15.87 -28.22
C GLY B 17 -6.43 15.78 -26.99
N TYR B 18 -6.03 14.56 -26.61
CA TYR B 18 -5.30 14.40 -25.35
C TYR B 18 -3.85 14.88 -25.46
N ASN B 19 -3.25 14.81 -26.65
CA ASN B 19 -1.93 15.41 -26.83
C ASN B 19 -2.00 16.92 -26.69
N GLY B 20 -2.97 17.55 -27.35
CA GLY B 20 -3.18 18.98 -27.15
C GLY B 20 -3.34 19.35 -25.70
N LEU B 21 -4.15 18.58 -24.96
CA LEU B 21 -4.32 18.82 -23.53
C LEU B 21 -3.02 18.58 -22.76
N ALA B 22 -2.24 17.57 -23.17
CA ALA B 22 -0.94 17.37 -22.55
C ALA B 22 -0.06 18.59 -22.76
N GLU B 23 -0.16 19.24 -23.92
CA GLU B 23 0.55 20.49 -24.15
C GLU B 23 0.14 21.57 -23.15
N VAL B 24 -1.12 21.58 -22.74
CA VAL B 24 -1.55 22.57 -21.75
C VAL B 24 -0.94 22.24 -20.39
N GLY B 25 -0.93 20.97 -20.01
CA GLY B 25 -0.28 20.59 -18.76
C GLY B 25 1.21 20.90 -18.73
N LYS B 26 1.86 20.83 -19.89
CA LYS B 26 3.29 21.15 -19.98
C LYS B 26 3.52 22.62 -19.68
N LYS B 27 2.76 23.51 -20.31
CA LYS B 27 2.87 24.93 -19.98
C LYS B 27 2.50 25.19 -18.54
N PHE B 28 1.56 24.40 -17.99
CA PHE B 28 1.25 24.50 -16.57
C PHE B 28 2.44 24.06 -15.72
N GLU B 29 3.18 23.05 -16.19
CA GLU B 29 4.31 22.55 -15.41
C GLU B 29 5.45 23.56 -15.38
N LYS B 30 5.71 24.23 -16.51
CA LYS B 30 6.81 25.19 -16.56
C LYS B 30 6.52 26.43 -15.72
N ASP B 31 5.24 26.81 -15.57
CA ASP B 31 4.92 28.01 -14.81
C ASP B 31 4.88 27.75 -13.31
N THR B 32 4.37 26.59 -12.89
CA THR B 32 4.23 26.28 -11.47
C THR B 32 5.13 25.15 -10.98
N GLY B 33 5.72 24.37 -11.88
CA GLY B 33 6.54 23.25 -11.48
C GLY B 33 5.78 21.99 -11.16
N ILE B 34 4.48 21.98 -11.38
CA ILE B 34 3.65 20.80 -11.13
C ILE B 34 3.57 19.99 -12.42
N LYS B 35 4.02 18.74 -12.36
CA LYS B 35 3.93 17.85 -13.52
C LYS B 35 2.48 17.43 -13.74
N VAL B 36 2.09 17.35 -15.02
CA VAL B 36 0.73 16.97 -15.38
C VAL B 36 0.80 15.81 -16.37
N THR B 37 0.19 14.69 -16.02
CA THR B 37 0.12 13.52 -16.88
C THR B 37 -1.31 13.36 -17.40
N VAL B 38 -1.44 13.24 -18.72
CA VAL B 38 -2.72 13.00 -19.37
C VAL B 38 -2.75 11.54 -19.82
N GLU B 39 -3.86 10.85 -19.54
CA GLU B 39 -4.03 9.44 -19.87
C GLU B 39 -5.41 9.23 -20.46
N HIS B 40 -5.53 8.33 -21.43
CA HIS B 40 -6.79 8.03 -22.09
C HIS B 40 -7.14 6.55 -21.96
N PRO B 41 -7.33 6.05 -20.75
CA PRO B 41 -7.66 4.63 -20.58
C PRO B 41 -9.00 4.26 -21.21
N ASP B 42 -9.15 2.97 -21.49
CA ASP B 42 -10.38 2.43 -22.05
C ASP B 42 -11.47 2.36 -21.00
N LYS B 43 -12.72 2.61 -21.42
CA LYS B 43 -13.86 2.54 -20.54
C LYS B 43 -13.61 3.33 -19.25
N LEU B 44 -13.12 4.56 -19.42
CA LEU B 44 -12.82 5.38 -18.25
C LEU B 44 -14.08 5.82 -17.52
N GLU B 45 -15.20 6.00 -18.23
CA GLU B 45 -16.46 6.31 -17.57
C GLU B 45 -16.93 5.17 -16.68
N GLU B 46 -16.44 3.96 -16.92
CA GLU B 46 -16.80 2.80 -16.09
C GLU B 46 -15.76 2.55 -14.99
N LYS B 47 -14.47 2.76 -15.30
CA LYS B 47 -13.42 2.51 -14.32
C LYS B 47 -13.46 3.53 -13.18
N PHE B 48 -13.71 4.80 -13.51
CA PHE B 48 -13.68 5.84 -12.48
C PHE B 48 -14.59 5.52 -11.30
N PRO B 49 -15.90 5.29 -11.49
CA PRO B 49 -16.76 4.99 -10.33
C PRO B 49 -16.40 3.71 -9.59
N GLN B 50 -15.58 2.84 -10.18
CA GLN B 50 -15.16 1.62 -9.49
C GLN B 50 -13.95 1.86 -8.60
N VAL B 51 -13.05 2.76 -9.00
CA VAL B 51 -11.84 3.00 -8.23
C VAL B 51 -11.92 4.25 -7.37
N ALA B 52 -12.77 5.22 -7.71
CA ALA B 52 -12.84 6.44 -6.92
C ALA B 52 -13.44 6.16 -5.54
N ALA B 53 -14.29 5.13 -5.44
CA ALA B 53 -14.89 4.77 -4.17
C ALA B 53 -13.83 4.46 -3.11
N THR B 54 -12.79 3.72 -3.50
CA THR B 54 -11.72 3.33 -2.59
C THR B 54 -10.65 4.39 -2.43
N GLY B 55 -10.74 5.50 -3.14
CA GLY B 55 -9.77 6.58 -3.05
C GLY B 55 -8.82 6.70 -4.22
N ASP B 56 -8.95 5.84 -5.24
CA ASP B 56 -8.05 5.84 -6.38
C ASP B 56 -8.62 6.72 -7.49
N GLY B 57 -8.15 6.53 -8.73
CA GLY B 57 -8.59 7.35 -9.83
C GLY B 57 -7.72 8.57 -10.05
N PRO B 58 -7.98 9.31 -11.14
CA PRO B 58 -7.16 10.47 -11.46
C PRO B 58 -7.56 11.69 -10.64
N ASP B 59 -6.77 12.76 -10.78
CA ASP B 59 -7.14 14.04 -10.18
C ASP B 59 -8.38 14.62 -10.87
N ILE B 60 -8.38 14.62 -12.20
CA ILE B 60 -9.46 15.15 -13.01
C ILE B 60 -9.93 14.06 -13.98
N ILE B 61 -11.24 14.00 -14.21
CA ILE B 61 -11.84 13.08 -15.16
C ILE B 61 -12.64 13.87 -16.19
N PHE B 62 -12.36 13.64 -17.46
CA PHE B 62 -13.08 14.28 -18.55
C PHE B 62 -14.11 13.31 -19.11
N TRP B 63 -15.35 13.79 -19.29
CA TRP B 63 -16.40 13.02 -19.93
C TRP B 63 -17.57 13.97 -20.20
N ALA B 64 -18.50 13.53 -21.04
CA ALA B 64 -19.76 14.26 -21.20
C ALA B 64 -20.50 14.33 -19.87
N HIS B 65 -21.29 15.38 -19.72
CA HIS B 65 -21.94 15.68 -18.44
C HIS B 65 -22.91 14.59 -17.97
N ASP B 66 -23.38 13.72 -18.88
CA ASP B 66 -24.46 12.79 -18.52
C ASP B 66 -24.05 11.78 -17.45
N ARG B 67 -22.76 11.45 -17.34
CA ARG B 67 -22.28 10.49 -16.35
C ARG B 67 -21.94 11.11 -15.01
N PHE B 68 -21.89 12.45 -14.91
CA PHE B 68 -21.40 13.09 -13.70
C PHE B 68 -22.43 13.07 -12.56
N GLY B 69 -23.72 13.09 -12.88
CA GLY B 69 -24.71 13.06 -11.81
C GLY B 69 -24.57 11.81 -10.95
N GLY B 70 -24.40 10.66 -11.60
CA GLY B 70 -24.19 9.44 -10.85
C GLY B 70 -22.91 9.48 -10.03
N TYR B 71 -21.84 10.03 -10.62
CA TYR B 71 -20.60 10.18 -9.89
C TYR B 71 -20.81 11.00 -8.63
N ALA B 72 -21.50 12.14 -8.76
CA ALA B 72 -21.78 12.98 -7.60
C ALA B 72 -22.67 12.25 -6.59
N GLN B 73 -23.74 11.62 -7.08
CA GLN B 73 -24.62 10.85 -6.20
C GLN B 73 -23.82 9.89 -5.32
N SER B 74 -22.77 9.31 -5.87
CA SER B 74 -21.90 8.41 -5.13
C SER B 74 -20.83 9.14 -4.34
N GLY B 75 -20.80 10.47 -4.38
CA GLY B 75 -19.83 11.21 -3.59
C GLY B 75 -18.42 11.21 -4.13
N LEU B 76 -18.25 10.94 -5.43
CA LEU B 76 -16.93 10.82 -6.05
C LEU B 76 -16.33 12.14 -6.50
N LEU B 77 -17.11 13.21 -6.58
CA LEU B 77 -16.70 14.45 -7.19
C LEU B 77 -16.58 15.56 -6.16
N ALA B 78 -15.55 16.38 -6.30
CA ALA B 78 -15.41 17.54 -5.44
C ALA B 78 -16.29 18.66 -5.96
N GLU B 79 -17.00 19.32 -5.05
CA GLU B 79 -17.87 20.42 -5.46
C GLU B 79 -17.05 21.55 -6.07
N ILE B 80 -17.49 22.03 -7.23
CA ILE B 80 -16.81 23.13 -7.92
C ILE B 80 -17.43 24.44 -7.47
N THR B 81 -16.58 25.39 -7.10
CA THR B 81 -17.00 26.72 -6.64
C THR B 81 -16.13 27.77 -7.30
N PRO B 82 -16.30 27.98 -8.61
CA PRO B 82 -15.59 29.09 -9.26
C PRO B 82 -16.14 30.42 -8.78
N ALA B 83 -15.25 31.40 -8.66
CA ALA B 83 -15.68 32.75 -8.37
C ALA B 83 -16.69 33.22 -9.41
N ALA B 84 -17.48 34.23 -9.04
CA ALA B 84 -18.40 34.82 -10.00
C ALA B 84 -17.68 35.14 -11.31
N ALA B 85 -16.60 35.92 -11.22
CA ALA B 85 -15.89 36.36 -12.43
C ALA B 85 -15.58 35.21 -13.36
N PHE B 86 -15.34 34.01 -12.83
CA PHE B 86 -15.05 32.89 -13.74
C PHE B 86 -16.33 32.29 -14.31
N GLN B 87 -17.39 32.25 -13.51
CA GLN B 87 -18.66 31.69 -13.98
C GLN B 87 -19.18 32.45 -15.20
N ASP B 88 -19.03 33.78 -15.20
CA ASP B 88 -19.50 34.59 -16.31
C ASP B 88 -18.67 34.41 -17.57
N LYS B 89 -17.55 33.70 -17.50
CA LYS B 89 -16.76 33.42 -18.70
C LYS B 89 -17.40 32.35 -19.58
N LEU B 90 -18.36 31.59 -19.06
CA LEU B 90 -18.97 30.48 -19.79
C LEU B 90 -20.46 30.73 -19.97
N TYR B 91 -21.01 30.20 -21.07
CA TYR B 91 -22.44 30.31 -21.32
C TYR B 91 -23.22 29.68 -20.17
N PRO B 92 -24.23 30.36 -19.62
CA PRO B 92 -25.00 29.77 -18.51
C PRO B 92 -25.50 28.36 -18.78
N PHE B 93 -25.97 28.05 -19.98
CA PHE B 93 -26.56 26.73 -20.22
C PHE B 93 -25.52 25.62 -20.11
N THR B 94 -24.24 25.95 -20.33
CA THR B 94 -23.21 24.95 -20.07
C THR B 94 -23.02 24.73 -18.57
N TRP B 95 -23.31 25.76 -17.75
CA TRP B 95 -23.31 25.55 -16.31
C TRP B 95 -24.48 24.68 -15.88
N ASP B 96 -25.67 24.92 -16.45
CA ASP B 96 -26.81 24.06 -16.14
C ASP B 96 -26.48 22.59 -16.38
N ALA B 97 -25.72 22.29 -17.43
CA ALA B 97 -25.46 20.90 -17.75
C ALA B 97 -24.67 20.19 -16.66
N VAL B 98 -23.94 20.92 -15.83
CA VAL B 98 -23.04 20.35 -14.84
C VAL B 98 -23.48 20.68 -13.42
N ARG B 99 -24.73 21.09 -13.24
CA ARG B 99 -25.30 21.32 -11.91
C ARG B 99 -26.18 20.13 -11.55
N TYR B 100 -25.94 19.56 -10.37
CA TYR B 100 -26.68 18.41 -9.88
C TYR B 100 -27.07 18.66 -8.44
N ASN B 101 -28.37 18.66 -8.16
CA ASN B 101 -28.89 18.98 -6.83
C ASN B 101 -28.39 20.34 -6.36
N GLY B 102 -28.44 21.33 -7.25
CA GLY B 102 -28.11 22.69 -6.88
C GLY B 102 -26.63 23.01 -6.81
N LYS B 103 -25.76 22.06 -7.10
CA LYS B 103 -24.32 22.25 -6.94
C LYS B 103 -23.61 21.96 -8.25
N LEU B 104 -22.53 22.71 -8.50
CA LEU B 104 -21.70 22.51 -9.68
C LEU B 104 -20.71 21.39 -9.40
N ILE B 105 -20.72 20.36 -10.24
CA ILE B 105 -19.96 19.14 -10.02
C ILE B 105 -18.86 18.94 -11.07
N ALA B 106 -18.67 19.89 -11.98
CA ALA B 106 -17.58 19.81 -12.95
C ALA B 106 -17.53 21.14 -13.69
N TYR B 107 -16.40 21.33 -14.40
CA TYR B 107 -16.24 22.48 -15.29
C TYR B 107 -16.69 22.09 -16.70
N PRO B 108 -17.64 22.80 -17.30
CA PRO B 108 -17.99 22.50 -18.70
C PRO B 108 -16.89 22.98 -19.64
N ILE B 109 -16.71 22.22 -20.72
CA ILE B 109 -15.61 22.46 -21.66
C ILE B 109 -16.14 22.78 -23.05
N ALA B 110 -16.90 21.85 -23.63
CA ALA B 110 -17.40 22.04 -24.99
C ALA B 110 -18.73 21.33 -25.16
N VAL B 111 -19.55 21.86 -26.07
CA VAL B 111 -20.83 21.27 -26.42
C VAL B 111 -20.65 20.39 -27.66
N GLU B 112 -21.15 19.17 -27.60
CA GLU B 112 -21.00 18.18 -28.66
C GLU B 112 -22.37 17.72 -29.16
N ALA B 113 -22.55 17.73 -30.48
CA ALA B 113 -23.70 17.12 -31.11
C ALA B 113 -23.24 16.35 -32.34
N LEU B 114 -23.93 15.25 -32.64
CA LEU B 114 -23.67 14.53 -33.87
C LEU B 114 -24.20 15.32 -35.07
N SER B 115 -23.47 15.22 -36.18
CA SER B 115 -23.93 15.74 -37.46
C SER B 115 -23.78 14.67 -38.53
N LEU B 116 -24.40 14.92 -39.69
CA LEU B 116 -24.16 14.10 -40.86
C LEU B 116 -22.89 14.58 -41.54
N ILE B 117 -21.94 13.68 -41.73
CA ILE B 117 -20.68 13.97 -42.41
C ILE B 117 -20.72 13.22 -43.74
N TYR B 118 -20.40 13.91 -44.84
CA TYR B 118 -20.56 13.33 -46.16
C TYR B 118 -19.37 13.68 -47.05
N ASN B 119 -19.17 12.83 -48.06
CA ASN B 119 -18.07 12.95 -49.02
C ASN B 119 -18.57 13.72 -50.23
N LYS B 120 -18.16 14.99 -50.35
CA LYS B 120 -18.64 15.84 -51.43
C LYS B 120 -18.29 15.30 -52.81
N ASP B 121 -17.23 14.49 -52.92
CA ASP B 121 -16.82 13.95 -54.22
C ASP B 121 -17.71 12.79 -54.65
N LEU B 122 -18.09 11.93 -53.72
CA LEU B 122 -19.03 10.86 -54.03
C LEU B 122 -20.48 11.34 -53.98
N LEU B 123 -20.76 12.40 -53.22
CA LEU B 123 -22.13 12.79 -52.93
C LEU B 123 -22.19 14.31 -52.82
N PRO B 124 -22.22 15.01 -53.95
CA PRO B 124 -22.30 16.47 -53.89
C PRO B 124 -23.54 16.96 -53.17
N ASN B 125 -24.65 16.23 -53.26
CA ASN B 125 -25.89 16.60 -52.59
C ASN B 125 -26.31 15.53 -51.61
N PRO B 126 -26.06 15.70 -50.32
CA PRO B 126 -26.42 14.67 -49.36
C PRO B 126 -27.93 14.55 -49.24
N PRO B 127 -28.44 13.37 -48.90
CA PRO B 127 -29.90 13.22 -48.75
C PRO B 127 -30.40 13.99 -47.54
N LYS B 128 -31.64 14.48 -47.66
CA LYS B 128 -32.29 15.19 -46.57
C LYS B 128 -33.12 14.27 -45.68
N THR B 129 -33.35 13.02 -46.11
CA THR B 129 -34.24 12.10 -45.42
C THR B 129 -33.54 10.76 -45.23
N TRP B 130 -33.85 10.11 -44.11
CA TRP B 130 -33.41 8.72 -43.93
C TRP B 130 -34.02 7.81 -44.99
N GLU B 131 -35.22 8.14 -45.47
CA GLU B 131 -35.96 7.22 -46.33
C GLU B 131 -35.27 7.01 -47.67
N GLU B 132 -34.54 8.00 -48.18
CA GLU B 132 -33.91 7.86 -49.48
C GLU B 132 -32.53 7.22 -49.41
N ILE B 133 -32.07 6.83 -48.22
CA ILE B 133 -30.75 6.24 -48.07
C ILE B 133 -30.69 4.88 -48.77
N PRO B 134 -31.73 4.03 -48.65
CA PRO B 134 -31.66 2.73 -49.33
C PRO B 134 -31.43 2.84 -50.84
N ALA B 135 -32.23 3.66 -51.52
CA ALA B 135 -32.01 3.81 -52.97
C ALA B 135 -30.62 4.36 -53.24
N LEU B 136 -30.17 5.33 -52.44
CA LEU B 136 -28.83 5.88 -52.63
C LEU B 136 -27.77 4.81 -52.47
N ASP B 137 -27.97 3.87 -51.54
CA ASP B 137 -26.98 2.81 -51.35
C ASP B 137 -26.92 1.87 -52.54
N LYS B 138 -28.08 1.51 -53.09
CA LYS B 138 -28.10 0.65 -54.27
C LYS B 138 -27.35 1.30 -55.43
N GLU B 139 -27.49 2.62 -55.59
CA GLU B 139 -26.77 3.33 -56.64
C GLU B 139 -25.27 3.28 -56.40
N LEU B 140 -24.83 3.55 -55.17
CA LEU B 140 -23.39 3.58 -54.88
C LEU B 140 -22.79 2.18 -54.88
N LYS B 141 -23.57 1.17 -54.47
CA LYS B 141 -23.03 -0.19 -54.43
C LYS B 141 -22.59 -0.65 -55.82
N ALA B 142 -23.19 -0.12 -56.88
CA ALA B 142 -22.78 -0.48 -58.24
C ALA B 142 -21.41 0.10 -58.60
N LYS B 143 -20.94 1.12 -57.89
CA LYS B 143 -19.62 1.70 -58.10
C LYS B 143 -18.60 1.24 -57.06
N GLY B 144 -18.94 0.23 -56.26
CA GLY B 144 -18.04 -0.28 -55.25
C GLY B 144 -18.02 0.47 -53.94
N LYS B 145 -19.00 1.32 -53.69
CA LYS B 145 -19.06 2.12 -52.45
C LYS B 145 -20.33 1.77 -51.70
N SER B 146 -20.51 2.42 -50.56
CA SER B 146 -21.73 2.30 -49.77
C SER B 146 -22.24 3.69 -49.43
N ALA B 147 -23.53 3.77 -49.07
CA ALA B 147 -24.14 5.06 -48.75
C ALA B 147 -23.71 5.56 -47.37
N LEU B 148 -23.85 4.75 -46.33
CA LEU B 148 -23.70 5.26 -44.98
C LEU B 148 -23.12 4.20 -44.06
N MET B 149 -22.14 4.59 -43.25
CA MET B 149 -21.63 3.71 -42.21
C MET B 149 -21.42 4.53 -40.95
N PHE B 150 -21.91 4.03 -39.83
CA PHE B 150 -21.66 4.69 -38.55
C PHE B 150 -21.69 3.65 -37.43
N ASN B 151 -21.13 4.04 -36.28
CA ASN B 151 -20.99 3.14 -35.13
C ASN B 151 -22.35 2.64 -34.68
N LEU B 152 -22.60 1.34 -34.86
CA LEU B 152 -23.83 0.70 -34.40
C LEU B 152 -23.70 0.04 -33.04
N GLN B 153 -22.50 0.05 -32.46
CA GLN B 153 -22.28 -0.58 -31.16
C GLN B 153 -22.56 0.36 -30.00
N GLU B 154 -22.69 1.66 -30.25
CA GLU B 154 -22.93 2.62 -29.19
C GLU B 154 -24.24 3.34 -29.44
N PRO B 155 -25.23 3.20 -28.58
CA PRO B 155 -26.55 3.80 -28.86
C PRO B 155 -26.52 5.31 -29.05
N TYR B 156 -25.45 5.98 -28.60
CA TYR B 156 -25.31 7.42 -28.84
C TYR B 156 -25.55 7.77 -30.30
N PHE B 157 -25.02 6.96 -31.21
CA PHE B 157 -25.06 7.24 -32.65
C PHE B 157 -26.40 6.86 -33.28
N THR B 158 -27.12 5.91 -32.70
CA THR B 158 -28.42 5.55 -33.24
C THR B 158 -29.56 6.34 -32.60
N TRP B 159 -29.34 6.92 -31.42
CA TRP B 159 -30.41 7.63 -30.73
C TRP B 159 -31.04 8.76 -31.56
N PRO B 160 -30.31 9.53 -32.36
CA PRO B 160 -30.98 10.59 -33.13
C PRO B 160 -32.14 10.06 -33.96
N LEU B 161 -31.97 8.87 -34.54
CA LEU B 161 -33.02 8.27 -35.36
C LEU B 161 -34.13 7.66 -34.51
N ILE B 162 -33.77 7.07 -33.37
CA ILE B 162 -34.80 6.52 -32.48
C ILE B 162 -35.69 7.63 -31.94
N ALA B 163 -35.14 8.82 -31.72
CA ALA B 163 -35.92 9.90 -31.12
C ALA B 163 -36.66 10.75 -32.15
N ALA B 164 -36.34 10.60 -33.44
CA ALA B 164 -36.95 11.44 -34.46
C ALA B 164 -38.48 11.39 -34.41
N ASP B 165 -39.06 10.20 -34.38
CA ASP B 165 -40.50 10.01 -34.45
C ASP B 165 -41.15 9.90 -33.09
N GLY B 166 -40.46 10.26 -32.00
CA GLY B 166 -41.12 10.32 -30.72
C GLY B 166 -40.46 9.59 -29.57
N GLY B 167 -39.41 8.82 -29.84
CA GLY B 167 -38.70 8.16 -28.77
C GLY B 167 -38.04 9.16 -27.83
N TYR B 168 -38.01 8.81 -26.54
CA TYR B 168 -37.35 9.65 -25.55
C TYR B 168 -36.83 8.76 -24.42
N ALA B 169 -35.82 9.27 -23.70
CA ALA B 169 -35.27 8.52 -22.58
C ALA B 169 -36.17 8.66 -21.35
N PHE B 170 -36.14 9.84 -20.71
CA PHE B 170 -36.93 10.11 -19.51
C PHE B 170 -37.74 11.37 -19.72
N LYS B 171 -39.06 11.26 -19.60
CA LYS B 171 -39.92 12.41 -19.81
C LYS B 171 -39.62 13.51 -18.79
N TYR B 172 -39.60 14.75 -19.26
CA TYR B 172 -39.39 15.92 -18.41
C TYR B 172 -40.73 16.61 -18.19
N ALA B 173 -41.17 16.67 -16.94
CA ALA B 173 -42.42 17.34 -16.61
C ALA B 173 -42.30 17.98 -15.24
N ALA B 174 -43.02 19.09 -15.04
CA ALA B 174 -43.03 19.82 -13.78
C ALA B 174 -41.62 20.17 -13.32
N GLY B 175 -40.74 20.47 -14.27
CA GLY B 175 -39.38 20.88 -13.96
C GLY B 175 -38.45 19.78 -13.50
N LYS B 176 -38.85 18.51 -13.60
CA LYS B 176 -38.05 17.39 -13.14
C LYS B 176 -37.96 16.34 -14.24
N TYR B 177 -37.02 15.42 -14.08
CA TYR B 177 -36.92 14.24 -14.92
C TYR B 177 -37.61 13.07 -14.21
N ASP B 178 -38.60 12.48 -14.87
CA ASP B 178 -39.31 11.32 -14.35
C ASP B 178 -38.43 10.09 -14.60
N ILE B 179 -37.67 9.70 -13.57
CA ILE B 179 -36.80 8.54 -13.63
C ILE B 179 -37.63 7.33 -14.00
N LYS B 180 -38.95 7.47 -13.88
CA LYS B 180 -39.88 6.36 -14.05
C LYS B 180 -40.87 6.59 -15.19
N ASP B 181 -40.52 7.44 -16.16
CA ASP B 181 -41.30 7.58 -17.39
C ASP B 181 -40.33 7.45 -18.56
N VAL B 182 -40.22 6.23 -19.09
CA VAL B 182 -39.27 5.93 -20.15
C VAL B 182 -40.00 5.88 -21.48
N GLY B 183 -39.38 6.44 -22.51
CA GLY B 183 -39.96 6.46 -23.83
C GLY B 183 -39.17 5.71 -24.88
N VAL B 184 -38.57 4.58 -24.48
CA VAL B 184 -37.77 3.78 -25.41
C VAL B 184 -38.58 2.69 -26.11
N ASP B 185 -39.88 2.55 -25.77
CA ASP B 185 -40.72 1.49 -26.29
C ASP B 185 -41.99 2.00 -26.98
N ASN B 186 -42.10 3.30 -27.23
CA ASN B 186 -43.30 3.83 -27.86
C ASN B 186 -43.23 3.66 -29.38
N ALA B 187 -44.30 4.10 -30.06
CA ALA B 187 -44.38 3.95 -31.51
C ALA B 187 -43.22 4.66 -32.20
N GLY B 188 -42.83 5.83 -31.69
CA GLY B 188 -41.76 6.58 -32.32
C GLY B 188 -40.43 5.84 -32.26
N ALA B 189 -40.06 5.37 -31.07
CA ALA B 189 -38.84 4.60 -30.91
C ALA B 189 -38.86 3.35 -31.79
N LYS B 190 -39.98 2.63 -31.80
CA LYS B 190 -40.09 1.42 -32.62
C LYS B 190 -39.84 1.73 -34.09
N ALA B 191 -40.53 2.76 -34.62
CA ALA B 191 -40.37 3.09 -36.03
C ALA B 191 -38.92 3.40 -36.37
N GLY B 192 -38.21 4.09 -35.46
CA GLY B 192 -36.82 4.43 -35.73
C GLY B 192 -35.92 3.21 -35.74
N LEU B 193 -36.01 2.39 -34.69
CA LEU B 193 -35.18 1.19 -34.64
C LEU B 193 -35.56 0.21 -35.75
N THR B 194 -36.84 0.15 -36.12
CA THR B 194 -37.22 -0.77 -37.20
C THR B 194 -36.62 -0.34 -38.53
N PHE B 195 -36.59 0.96 -38.81
CA PHE B 195 -35.97 1.43 -40.04
C PHE B 195 -34.48 1.11 -40.05
N LEU B 196 -33.82 1.23 -38.90
CA LEU B 196 -32.39 0.91 -38.83
C LEU B 196 -32.14 -0.57 -39.04
N VAL B 197 -32.98 -1.42 -38.43
CA VAL B 197 -32.81 -2.86 -38.63
C VAL B 197 -33.10 -3.25 -40.07
N ASP B 198 -34.10 -2.62 -40.68
CA ASP B 198 -34.38 -2.92 -42.08
C ASP B 198 -33.20 -2.52 -42.96
N LEU B 199 -32.48 -1.46 -42.61
CA LEU B 199 -31.26 -1.13 -43.36
C LEU B 199 -30.28 -2.31 -43.33
N ILE B 200 -30.19 -3.01 -42.20
CA ILE B 200 -29.31 -4.15 -42.08
C ILE B 200 -29.87 -5.35 -42.84
N LYS B 201 -31.16 -5.65 -42.62
CA LYS B 201 -31.80 -6.76 -43.34
C LYS B 201 -31.61 -6.63 -44.84
N ASN B 202 -31.78 -5.41 -45.37
CA ASN B 202 -31.59 -5.16 -46.79
C ASN B 202 -30.14 -4.91 -47.16
N LYS B 203 -29.23 -5.23 -46.24
CA LYS B 203 -27.78 -5.22 -46.48
C LYS B 203 -27.29 -3.84 -46.94
N HIS B 204 -27.88 -2.79 -46.38
CA HIS B 204 -27.35 -1.45 -46.56
C HIS B 204 -26.40 -1.05 -45.44
N MET B 205 -26.39 -1.80 -44.33
CA MET B 205 -25.42 -1.62 -43.26
C MET B 205 -25.16 -2.99 -42.65
N ASN B 206 -24.05 -3.10 -41.93
CA ASN B 206 -23.65 -4.33 -41.24
C ASN B 206 -23.83 -4.16 -39.74
N ALA B 207 -24.56 -5.08 -39.12
CA ALA B 207 -24.84 -5.01 -37.69
C ALA B 207 -23.56 -4.86 -36.86
N ASP B 208 -22.43 -5.38 -37.33
CA ASP B 208 -21.21 -5.34 -36.50
C ASP B 208 -20.36 -4.10 -36.77
N THR B 209 -20.85 -3.14 -37.54
CA THR B 209 -20.08 -1.92 -37.76
C THR B 209 -19.87 -1.17 -36.46
N ASP B 210 -18.62 -0.83 -36.15
CA ASP B 210 -18.28 -0.12 -34.92
C ASP B 210 -17.61 1.21 -35.26
N TYR B 211 -17.09 1.88 -34.24
CA TYR B 211 -16.52 3.20 -34.45
C TYR B 211 -15.36 3.16 -35.43
N SER B 212 -14.41 2.25 -35.24
CA SER B 212 -13.22 2.29 -36.06
C SER B 212 -13.53 1.83 -37.49
N ILE B 213 -14.43 0.85 -37.66
CA ILE B 213 -14.77 0.40 -39.00
C ILE B 213 -15.40 1.54 -39.80
N ALA B 214 -16.35 2.27 -39.19
CA ALA B 214 -16.98 3.40 -39.87
C ALA B 214 -15.96 4.48 -40.18
N GLU B 215 -15.12 4.84 -39.22
CA GLU B 215 -14.14 5.91 -39.47
C GLU B 215 -13.19 5.53 -40.60
N ALA B 216 -12.77 4.27 -40.65
CA ALA B 216 -11.85 3.85 -41.71
C ALA B 216 -12.53 3.94 -43.07
N ALA B 217 -13.74 3.36 -43.17
CA ALA B 217 -14.45 3.35 -44.45
C ALA B 217 -14.67 4.76 -44.98
N PHE B 218 -15.02 5.71 -44.10
CA PHE B 218 -15.26 7.06 -44.57
C PHE B 218 -13.96 7.77 -44.93
N ASN B 219 -12.94 7.64 -44.08
CA ASN B 219 -11.67 8.31 -44.32
C ASN B 219 -10.90 7.71 -45.48
N LYS B 220 -11.24 6.49 -45.89
CA LYS B 220 -10.64 5.89 -47.07
C LYS B 220 -11.47 6.09 -48.32
N GLY B 221 -12.64 6.74 -48.21
CA GLY B 221 -13.48 7.01 -49.36
C GLY B 221 -14.35 5.85 -49.81
N GLU B 222 -14.59 4.88 -48.94
CA GLU B 222 -15.39 3.72 -49.33
C GLU B 222 -16.87 3.91 -49.04
N THR B 223 -17.22 4.78 -48.10
CA THR B 223 -18.60 5.08 -47.80
C THR B 223 -18.85 6.57 -48.01
N ALA B 224 -20.05 6.91 -48.46
CA ALA B 224 -20.35 8.29 -48.82
C ALA B 224 -20.69 9.14 -47.60
N MET B 225 -21.09 8.54 -46.49
CA MET B 225 -21.53 9.30 -45.33
C MET B 225 -21.22 8.53 -44.06
N THR B 226 -21.05 9.28 -42.98
CA THR B 226 -20.92 8.75 -41.63
C THR B 226 -21.60 9.75 -40.70
N ILE B 227 -21.94 9.28 -39.50
CA ILE B 227 -22.48 10.12 -38.44
C ILE B 227 -21.43 10.18 -37.32
N ASN B 228 -20.99 11.39 -36.96
CA ASN B 228 -19.95 11.53 -35.94
C ASN B 228 -19.95 12.97 -35.40
N GLY B 229 -19.17 13.17 -34.34
CA GLY B 229 -19.07 14.45 -33.67
C GLY B 229 -17.87 15.25 -34.13
N PRO B 230 -17.66 16.43 -33.54
CA PRO B 230 -16.57 17.30 -34.03
C PRO B 230 -15.18 16.72 -33.82
N TRP B 231 -15.00 15.81 -32.87
CA TRP B 231 -13.69 15.21 -32.65
C TRP B 231 -13.18 14.44 -33.88
N ALA B 232 -14.08 14.00 -34.76
CA ALA B 232 -13.71 13.17 -35.91
C ALA B 232 -13.09 13.96 -37.04
N TRP B 233 -13.24 15.29 -37.03
CA TRP B 233 -12.89 16.08 -38.20
C TRP B 233 -11.40 16.04 -38.51
N SER B 234 -10.54 16.06 -37.49
CA SER B 234 -9.11 16.14 -37.74
C SER B 234 -8.60 14.92 -38.48
N ASN B 235 -9.11 13.73 -38.16
CA ASN B 235 -8.70 12.55 -38.90
C ASN B 235 -9.16 12.62 -40.35
N ILE B 236 -10.33 13.22 -40.60
CA ILE B 236 -10.75 13.38 -41.99
C ILE B 236 -9.89 14.44 -42.67
N ASP B 237 -9.53 15.49 -41.94
CA ASP B 237 -8.61 16.50 -42.48
C ASP B 237 -7.33 15.87 -43.00
N THR B 238 -6.74 14.94 -42.25
CA THR B 238 -5.51 14.30 -42.70
C THR B 238 -5.74 13.36 -43.89
N SER B 239 -6.98 13.01 -44.20
CA SER B 239 -7.28 12.13 -45.32
C SER B 239 -7.49 12.93 -46.61
N ALA B 240 -7.63 12.20 -47.72
CA ALA B 240 -7.81 12.82 -49.03
C ALA B 240 -9.29 13.10 -49.34
N VAL B 241 -10.14 13.15 -48.33
CA VAL B 241 -11.58 13.26 -48.52
C VAL B 241 -12.01 14.71 -48.37
N ASN B 242 -12.74 15.23 -49.35
CA ASN B 242 -13.39 16.52 -49.26
C ASN B 242 -14.78 16.27 -48.67
N TYR B 243 -14.94 16.61 -47.39
CA TYR B 243 -16.15 16.30 -46.66
C TYR B 243 -16.94 17.58 -46.35
N GLY B 244 -18.23 17.39 -46.12
CA GLY B 244 -19.06 18.45 -45.60
C GLY B 244 -19.81 17.96 -44.37
N VAL B 245 -20.09 18.89 -43.46
CA VAL B 245 -20.81 18.63 -42.22
C VAL B 245 -22.15 19.35 -42.30
N THR B 246 -23.23 18.62 -42.04
CA THR B 246 -24.55 19.18 -42.31
C THR B 246 -25.57 18.58 -41.35
N VAL B 247 -26.82 19.02 -41.51
CA VAL B 247 -27.92 18.56 -40.67
C VAL B 247 -28.16 17.08 -40.91
N LEU B 248 -28.48 16.35 -39.85
CA LEU B 248 -28.82 14.95 -39.99
C LEU B 248 -30.10 14.80 -40.82
N PRO B 249 -30.29 13.67 -41.49
CA PRO B 249 -31.52 13.46 -42.27
C PRO B 249 -32.74 13.41 -41.37
N THR B 250 -33.89 13.78 -41.94
CA THR B 250 -35.17 13.59 -41.27
C THR B 250 -35.68 12.16 -41.43
N PHE B 251 -36.61 11.78 -40.57
CA PHE B 251 -37.26 10.47 -40.61
C PHE B 251 -38.75 10.68 -40.41
N LYS B 252 -39.56 10.15 -41.33
CA LYS B 252 -41.00 10.43 -41.33
C LYS B 252 -41.27 11.93 -41.21
N GLY B 253 -40.46 12.72 -41.90
CA GLY B 253 -40.66 14.16 -41.93
C GLY B 253 -40.18 14.92 -40.71
N GLN B 254 -39.69 14.23 -39.67
CA GLN B 254 -39.27 14.92 -38.47
C GLN B 254 -37.74 14.94 -38.36
N PRO B 255 -37.19 15.97 -37.72
CA PRO B 255 -35.73 16.05 -37.61
C PRO B 255 -35.18 14.97 -36.70
N SER B 256 -33.94 14.57 -36.98
CA SER B 256 -33.23 13.69 -36.07
C SER B 256 -32.83 14.48 -34.84
N LYS B 257 -33.02 13.89 -33.66
CA LYS B 257 -32.86 14.61 -32.40
C LYS B 257 -31.72 14.00 -31.62
N PRO B 258 -30.49 14.48 -31.79
CA PRO B 258 -29.35 13.87 -31.10
C PRO B 258 -29.31 14.28 -29.64
N PHE B 259 -28.80 13.39 -28.80
CA PHE B 259 -28.53 13.74 -27.41
C PHE B 259 -27.28 14.60 -27.35
N VAL B 260 -27.40 15.76 -26.75
CA VAL B 260 -26.31 16.73 -26.78
C VAL B 260 -25.47 16.59 -25.52
N GLY B 261 -24.17 16.45 -25.71
CA GLY B 261 -23.24 16.21 -24.63
C GLY B 261 -22.46 17.48 -24.33
N VAL B 262 -22.12 17.64 -23.07
CA VAL B 262 -21.25 18.73 -22.64
C VAL B 262 -20.01 18.09 -22.05
N LEU B 263 -18.92 18.06 -22.82
CA LEU B 263 -17.65 17.59 -22.30
C LEU B 263 -17.26 18.41 -21.08
N SER B 264 -16.99 17.71 -19.97
CA SER B 264 -16.78 18.36 -18.69
C SER B 264 -15.61 17.71 -17.96
N ALA B 265 -15.04 18.46 -17.02
CA ALA B 265 -13.88 18.02 -16.24
C ALA B 265 -14.26 18.07 -14.76
N GLY B 266 -14.36 16.90 -14.14
CA GLY B 266 -14.65 16.79 -12.73
C GLY B 266 -13.38 16.53 -11.93
N ILE B 267 -13.39 16.97 -10.68
CA ILE B 267 -12.27 16.83 -9.77
C ILE B 267 -12.55 15.71 -8.80
N ASN B 268 -11.59 14.80 -8.64
CA ASN B 268 -11.76 13.66 -7.75
C ASN B 268 -11.87 14.13 -6.31
N ALA B 269 -12.98 13.78 -5.66
CA ALA B 269 -13.15 14.15 -4.26
C ALA B 269 -12.02 13.59 -3.41
N ALA B 270 -11.39 12.50 -3.85
CA ALA B 270 -10.27 11.90 -3.14
C ALA B 270 -8.94 12.57 -3.48
N SER B 271 -8.94 13.64 -4.26
CA SER B 271 -7.69 14.21 -4.71
C SER B 271 -7.08 15.13 -3.66
N PRO B 272 -5.77 15.04 -3.44
CA PRO B 272 -5.06 16.01 -2.60
C PRO B 272 -4.64 17.29 -3.33
N ASN B 273 -5.00 17.45 -4.60
CA ASN B 273 -4.61 18.61 -5.39
C ASN B 273 -5.83 19.33 -5.95
N LYS B 274 -6.87 19.48 -5.12
CA LYS B 274 -8.09 20.12 -5.60
C LYS B 274 -7.85 21.55 -6.04
N GLU B 275 -7.05 22.30 -5.28
CA GLU B 275 -6.75 23.68 -5.63
C GLU B 275 -5.85 23.75 -6.87
N LEU B 276 -4.84 22.87 -6.94
CA LEU B 276 -3.99 22.82 -8.13
C LEU B 276 -4.80 22.51 -9.38
N ALA B 277 -5.83 21.67 -9.25
CA ALA B 277 -6.65 21.30 -10.41
C ALA B 277 -7.51 22.47 -10.86
N LYS B 278 -8.05 23.25 -9.93
CA LYS B 278 -8.84 24.43 -10.31
C LYS B 278 -7.96 25.43 -11.04
N GLU B 279 -6.77 25.71 -10.50
CA GLU B 279 -5.84 26.62 -11.15
C GLU B 279 -5.52 26.17 -12.57
N PHE B 280 -5.27 24.86 -12.75
CA PHE B 280 -5.07 24.32 -14.09
C PHE B 280 -6.32 24.48 -14.95
N LEU B 281 -7.48 24.10 -14.42
CA LEU B 281 -8.69 24.11 -15.24
C LEU B 281 -9.13 25.53 -15.56
N GLU B 282 -9.18 26.39 -14.54
CA GLU B 282 -9.73 27.74 -14.72
C GLU B 282 -8.79 28.66 -15.48
N ASN B 283 -7.49 28.63 -15.17
CA ASN B 283 -6.56 29.63 -15.69
C ASN B 283 -5.57 29.08 -16.70
N TYR B 284 -5.72 27.82 -17.13
CA TYR B 284 -4.86 27.29 -18.17
C TYR B 284 -5.66 26.64 -19.27
N LEU B 285 -6.53 25.68 -18.92
CA LEU B 285 -7.33 25.01 -19.95
C LEU B 285 -8.43 25.93 -20.48
N LEU B 286 -9.27 26.45 -19.58
CA LEU B 286 -10.40 27.28 -20.00
C LEU B 286 -9.93 28.70 -20.30
N THR B 287 -9.04 28.78 -21.29
CA THR B 287 -8.55 30.04 -21.81
C THR B 287 -8.46 29.92 -23.33
N ASP B 288 -8.38 31.06 -24.00
CA ASP B 288 -8.27 31.05 -25.46
C ASP B 288 -7.13 30.15 -25.93
N GLU B 289 -5.92 30.39 -25.41
CA GLU B 289 -4.77 29.62 -25.84
C GLU B 289 -4.86 28.17 -25.39
N GLY B 290 -5.54 27.90 -24.28
CA GLY B 290 -5.67 26.55 -23.78
C GLY B 290 -6.57 25.68 -24.63
N LEU B 291 -7.82 26.13 -24.82
CA LEU B 291 -8.74 25.39 -25.68
C LEU B 291 -8.20 25.31 -27.10
N GLU B 292 -7.57 26.38 -27.58
CA GLU B 292 -7.01 26.36 -28.93
C GLU B 292 -6.05 25.18 -29.09
N ALA B 293 -5.13 25.03 -28.13
CA ALA B 293 -4.17 23.92 -28.20
C ALA B 293 -4.88 22.57 -28.24
N VAL B 294 -5.94 22.40 -27.46
CA VAL B 294 -6.72 21.16 -27.51
C VAL B 294 -7.50 21.09 -28.82
N ASN B 295 -8.23 22.15 -29.15
CA ASN B 295 -9.06 22.15 -30.36
C ASN B 295 -8.23 21.86 -31.60
N LYS B 296 -7.00 22.39 -31.66
CA LYS B 296 -6.14 22.14 -32.81
C LYS B 296 -5.77 20.67 -32.91
N ASP B 297 -5.68 19.97 -31.77
CA ASP B 297 -5.48 18.53 -31.77
C ASP B 297 -6.73 17.84 -32.31
N LYS B 298 -7.79 17.75 -31.51
CA LYS B 298 -9.08 17.23 -31.97
C LYS B 298 -10.14 18.29 -31.71
N PRO B 299 -10.90 18.74 -32.72
CA PRO B 299 -11.88 19.81 -32.48
C PRO B 299 -12.81 19.47 -31.31
N LEU B 300 -13.09 20.50 -30.51
CA LEU B 300 -13.86 20.35 -29.28
C LEU B 300 -15.37 20.43 -29.50
N GLY B 301 -15.81 21.11 -30.56
CA GLY B 301 -17.21 21.50 -30.67
C GLY B 301 -17.40 22.97 -30.30
N ALA B 302 -18.59 23.32 -29.81
CA ALA B 302 -18.88 24.69 -29.41
C ALA B 302 -18.41 24.86 -27.96
N VAL B 303 -17.22 25.44 -27.78
CA VAL B 303 -16.65 25.51 -26.45
C VAL B 303 -17.52 26.35 -25.54
N ALA B 304 -17.48 26.05 -24.24
CA ALA B 304 -18.28 26.79 -23.28
C ALA B 304 -17.71 28.18 -23.02
N LEU B 305 -16.41 28.37 -23.25
CA LEU B 305 -15.77 29.67 -23.05
C LEU B 305 -16.27 30.66 -24.09
N LYS B 306 -16.95 31.72 -23.62
CA LYS B 306 -17.54 32.69 -24.52
C LYS B 306 -16.49 33.32 -25.42
N SER B 307 -15.36 33.74 -24.83
CA SER B 307 -14.36 34.47 -25.60
C SER B 307 -13.85 33.64 -26.78
N TYR B 308 -13.71 32.34 -26.61
CA TYR B 308 -13.19 31.52 -27.70
C TYR B 308 -14.28 30.95 -28.60
N GLU B 309 -15.53 30.86 -28.12
CA GLU B 309 -16.59 30.35 -28.98
C GLU B 309 -17.00 31.36 -30.04
N GLU B 310 -16.92 32.66 -29.76
CA GLU B 310 -17.24 33.64 -30.79
C GLU B 310 -16.34 33.47 -32.00
N GLU B 311 -15.15 32.88 -31.80
CA GLU B 311 -14.28 32.54 -32.91
C GLU B 311 -14.71 31.22 -33.56
N LEU B 312 -14.80 30.15 -32.77
CA LEU B 312 -15.14 28.85 -33.33
C LEU B 312 -16.52 28.85 -33.96
N ALA B 313 -17.48 29.58 -33.37
CA ALA B 313 -18.84 29.63 -33.90
C ALA B 313 -18.88 30.10 -35.35
N LYS B 314 -17.78 30.63 -35.86
CA LYS B 314 -17.74 31.11 -37.22
C LYS B 314 -17.31 30.03 -38.21
N ASP B 315 -16.96 28.84 -37.73
CA ASP B 315 -16.66 27.71 -38.59
C ASP B 315 -17.96 27.07 -39.06
N PRO B 316 -18.23 26.99 -40.37
CA PRO B 316 -19.50 26.41 -40.82
C PRO B 316 -19.75 25.01 -40.29
N ARG B 317 -18.69 24.26 -39.95
CA ARG B 317 -18.89 22.93 -39.37
C ARG B 317 -19.44 23.03 -37.95
N ILE B 318 -19.03 24.06 -37.21
CA ILE B 318 -19.60 24.31 -35.90
C ILE B 318 -21.04 24.80 -36.04
N ALA B 319 -21.32 25.63 -37.06
CA ALA B 319 -22.69 26.08 -37.26
C ALA B 319 -23.61 24.90 -37.54
N ALA B 320 -23.13 23.91 -38.29
CA ALA B 320 -23.94 22.71 -38.53
C ALA B 320 -24.09 21.87 -37.27
N THR B 321 -23.01 21.73 -36.49
CA THR B 321 -23.08 21.05 -35.21
C THR B 321 -24.16 21.65 -34.32
N MET B 322 -24.19 22.98 -34.24
CA MET B 322 -25.16 23.64 -33.39
C MET B 322 -26.56 23.63 -33.99
N GLU B 323 -26.64 23.59 -35.33
CA GLU B 323 -27.95 23.37 -35.96
C GLU B 323 -28.52 22.02 -35.52
N ASN B 324 -27.69 20.98 -35.52
CA ASN B 324 -28.12 19.68 -35.01
C ASN B 324 -28.41 19.74 -33.52
N ALA B 325 -27.60 20.48 -32.75
CA ALA B 325 -27.83 20.56 -31.32
C ALA B 325 -29.13 21.29 -30.99
N GLN B 326 -29.52 22.28 -31.80
CA GLN B 326 -30.79 22.96 -31.54
C GLN B 326 -31.97 22.00 -31.68
N LYS B 327 -31.86 21.02 -32.59
CA LYS B 327 -32.91 20.02 -32.80
C LYS B 327 -32.81 18.88 -31.80
N GLY B 328 -31.65 18.68 -31.18
CA GLY B 328 -31.48 17.68 -30.15
C GLY B 328 -31.90 18.21 -28.80
N GLU B 329 -31.47 17.50 -27.76
CA GLU B 329 -31.75 17.85 -26.38
C GLU B 329 -30.49 17.65 -25.56
N ILE B 330 -30.31 18.52 -24.56
CA ILE B 330 -29.22 18.34 -23.61
C ILE B 330 -29.48 17.07 -22.80
N MET B 331 -28.49 16.20 -22.74
CA MET B 331 -28.65 14.94 -22.00
C MET B 331 -28.93 15.23 -20.53
N PRO B 332 -29.79 14.43 -19.89
CA PRO B 332 -29.89 14.49 -18.43
C PRO B 332 -28.58 14.03 -17.79
N ASN B 333 -28.36 14.46 -16.54
CA ASN B 333 -27.19 14.04 -15.79
C ASN B 333 -27.53 13.13 -14.62
N ILE B 334 -28.76 12.65 -14.55
CA ILE B 334 -29.24 11.88 -13.39
C ILE B 334 -28.50 10.55 -13.33
N PRO B 335 -28.39 9.95 -12.15
CA PRO B 335 -27.64 8.68 -12.06
C PRO B 335 -28.21 7.54 -12.91
N GLN B 336 -29.50 7.58 -13.23
CA GLN B 336 -30.10 6.50 -14.03
C GLN B 336 -29.74 6.58 -15.52
N MET B 337 -29.00 7.62 -15.96
CA MET B 337 -28.59 7.66 -17.36
C MET B 337 -27.71 6.47 -17.72
N SER B 338 -26.88 6.02 -16.78
CA SER B 338 -26.06 4.85 -17.04
C SER B 338 -26.92 3.63 -17.37
N ALA B 339 -28.01 3.44 -16.61
CA ALA B 339 -28.91 2.31 -16.86
C ALA B 339 -29.65 2.48 -18.18
N PHE B 340 -30.05 3.71 -18.50
CA PHE B 340 -30.67 3.97 -19.79
C PHE B 340 -29.73 3.58 -20.91
N TRP B 341 -28.47 4.01 -20.83
CA TRP B 341 -27.55 3.77 -21.94
C TRP B 341 -27.27 2.27 -22.11
N TYR B 342 -27.06 1.54 -21.01
CA TYR B 342 -26.83 0.11 -21.11
C TYR B 342 -28.01 -0.60 -21.77
N ALA B 343 -29.22 -0.29 -21.30
CA ALA B 343 -30.42 -0.95 -21.84
C ALA B 343 -30.59 -0.66 -23.33
N VAL B 344 -30.48 0.60 -23.74
CA VAL B 344 -30.68 0.93 -25.15
C VAL B 344 -29.55 0.33 -25.99
N ARG B 345 -28.34 0.26 -25.43
CA ARG B 345 -27.25 -0.41 -26.15
C ARG B 345 -27.59 -1.88 -26.41
N THR B 346 -28.12 -2.57 -25.40
CA THR B 346 -28.50 -3.96 -25.59
C THR B 346 -29.62 -4.09 -26.62
N ALA B 347 -30.60 -3.19 -26.59
CA ALA B 347 -31.70 -3.25 -27.54
C ALA B 347 -31.19 -3.11 -28.97
N VAL B 348 -30.40 -2.07 -29.24
CA VAL B 348 -29.93 -1.83 -30.60
C VAL B 348 -29.11 -3.02 -31.09
N ILE B 349 -28.12 -3.44 -30.30
CA ILE B 349 -27.28 -4.55 -30.71
C ILE B 349 -28.12 -5.81 -30.94
N ASN B 350 -29.10 -6.07 -30.06
CA ASN B 350 -29.83 -7.34 -30.16
C ASN B 350 -30.82 -7.33 -31.33
N ALA B 351 -31.39 -6.18 -31.65
CA ALA B 351 -32.28 -6.13 -32.81
C ALA B 351 -31.49 -6.12 -34.11
N ALA B 352 -30.34 -5.44 -34.11
CA ALA B 352 -29.52 -5.39 -35.32
C ALA B 352 -29.02 -6.77 -35.70
N SER B 353 -28.72 -7.61 -34.71
CA SER B 353 -28.18 -8.93 -34.97
C SER B 353 -29.27 -9.96 -35.26
N GLY B 354 -30.53 -9.60 -35.10
CA GLY B 354 -31.62 -10.56 -35.25
C GLY B 354 -31.82 -11.49 -34.08
N ARG B 355 -31.07 -11.32 -32.99
CA ARG B 355 -31.28 -12.16 -31.82
C ARG B 355 -32.65 -11.90 -31.18
N GLN B 356 -33.15 -10.67 -31.33
CA GLN B 356 -34.46 -10.29 -30.81
C GLN B 356 -35.17 -9.46 -31.87
N THR B 357 -36.50 -9.56 -31.87
CA THR B 357 -37.31 -8.62 -32.63
C THR B 357 -37.18 -7.21 -32.06
N VAL B 358 -37.45 -6.21 -32.90
CA VAL B 358 -37.42 -4.83 -32.42
C VAL B 358 -38.39 -4.64 -31.27
N ASP B 359 -39.56 -5.27 -31.35
CA ASP B 359 -40.54 -5.20 -30.27
C ASP B 359 -39.97 -5.74 -28.97
N ALA B 360 -39.45 -6.98 -29.00
CA ALA B 360 -38.91 -7.59 -27.79
C ALA B 360 -37.70 -6.82 -27.28
N ALA B 361 -36.83 -6.37 -28.18
CA ALA B 361 -35.64 -5.65 -27.75
C ALA B 361 -36.00 -4.37 -27.01
N LEU B 362 -36.92 -3.58 -27.57
CA LEU B 362 -37.31 -2.33 -26.93
C LEU B 362 -38.17 -2.56 -25.70
N ALA B 363 -39.03 -3.58 -25.71
CA ALA B 363 -39.81 -3.91 -24.52
C ALA B 363 -38.90 -4.13 -23.33
N ALA B 364 -37.84 -4.94 -23.51
CA ALA B 364 -36.91 -5.20 -22.42
C ALA B 364 -36.09 -3.96 -22.08
N ALA B 365 -35.68 -3.20 -23.09
CA ALA B 365 -34.96 -1.96 -22.83
C ALA B 365 -35.76 -1.04 -21.93
N GLN B 366 -37.08 -1.03 -22.09
CA GLN B 366 -37.92 -0.15 -21.28
C GLN B 366 -37.80 -0.49 -19.81
N THR B 367 -38.07 -1.75 -19.45
CA THR B 367 -37.96 -2.16 -18.06
C THR B 367 -36.55 -2.00 -17.53
N ASN B 368 -35.54 -2.33 -18.35
CA ASN B 368 -34.15 -2.21 -17.91
C ASN B 368 -33.79 -0.76 -17.61
N ALA B 369 -34.26 0.18 -18.43
CA ALA B 369 -33.87 1.58 -18.25
C ALA B 369 -34.47 2.19 -17.00
N ALA B 370 -35.52 1.61 -16.45
CA ALA B 370 -36.07 2.06 -15.18
C ALA B 370 -35.60 1.23 -14.00
N ARG B 371 -35.03 0.05 -14.26
CA ARG B 371 -34.65 -0.87 -13.20
C ARG B 371 -33.72 -0.17 -12.20
N ARG B 372 -34.05 -0.32 -10.93
CA ARG B 372 -33.23 0.26 -9.87
C ARG B 372 -32.15 -0.73 -9.47
N LYS B 373 -30.92 -0.24 -9.40
CA LYS B 373 -29.80 -1.10 -9.01
C LYS B 373 -29.89 -1.41 -7.52
N PRO B 374 -29.80 -2.68 -7.13
CA PRO B 374 -29.87 -3.02 -5.70
C PRO B 374 -28.75 -2.37 -4.90
N SER B 375 -29.11 -1.85 -3.73
CA SER B 375 -28.11 -1.22 -2.86
C SER B 375 -27.17 -2.27 -2.30
N TRP B 376 -26.01 -1.80 -1.80
CA TRP B 376 -25.08 -2.70 -1.15
C TRP B 376 -25.75 -3.43 0.01
N ARG B 377 -26.57 -2.71 0.79
CA ARG B 377 -27.23 -3.33 1.94
C ARG B 377 -28.21 -4.40 1.46
N GLU B 378 -28.92 -4.14 0.37
CA GLU B 378 -29.82 -5.14 -0.19
C GLU B 378 -29.07 -6.42 -0.54
N ARG B 379 -27.95 -6.31 -1.25
CA ARG B 379 -27.17 -7.49 -1.57
C ARG B 379 -26.71 -8.20 -0.30
N GLU B 380 -26.26 -7.45 0.70
CA GLU B 380 -25.78 -8.05 1.94
C GLU B 380 -26.91 -8.74 2.70
N ASN B 381 -28.10 -8.15 2.69
CA ASN B 381 -29.25 -8.81 3.31
C ASN B 381 -29.49 -10.18 2.67
N ASN B 382 -29.46 -10.25 1.34
CA ASN B 382 -29.64 -11.52 0.65
C ASN B 382 -28.51 -12.49 0.99
N ARG B 383 -27.26 -12.02 0.92
CA ARG B 383 -26.14 -12.91 1.21
C ARG B 383 -26.22 -13.47 2.63
N ARG B 384 -26.55 -12.62 3.61
CA ARG B 384 -26.61 -13.08 5.00
C ARG B 384 -27.80 -14.01 5.21
N ARG B 385 -28.93 -13.73 4.56
CA ARG B 385 -30.07 -14.62 4.73
C ARG B 385 -29.72 -16.03 4.27
N GLU B 386 -29.06 -16.17 3.13
CA GLU B 386 -28.79 -17.51 2.64
C GLU B 386 -27.69 -18.17 3.46
N ARG B 387 -26.82 -17.36 4.05
CA ARG B 387 -25.81 -17.87 4.95
C ARG B 387 -26.50 -18.47 6.16
N ARG B 388 -27.46 -17.75 6.69
CA ARG B 388 -28.23 -18.17 7.84
C ARG B 388 -29.00 -19.43 7.53
N ARG B 389 -29.62 -19.46 6.37
CA ARG B 389 -30.40 -20.60 5.94
C ARG B 389 -29.55 -21.84 5.88
N ARG B 390 -28.36 -21.74 5.33
CA ARG B 390 -27.50 -22.92 5.27
C ARG B 390 -26.99 -23.30 6.66
N ALA B 391 -26.65 -22.30 7.49
CA ALA B 391 -26.07 -22.61 8.81
C ALA B 391 -27.07 -23.35 9.69
N VAL B 392 -28.35 -22.97 9.60
CA VAL B 392 -29.38 -23.65 10.38
C VAL B 392 -29.52 -25.10 9.93
N ALA B 393 -29.63 -25.32 8.61
CA ALA B 393 -29.73 -26.69 8.11
C ALA B 393 -28.51 -27.49 8.50
N ALA B 394 -27.31 -26.95 8.28
CA ALA B 394 -26.08 -27.66 8.59
C ALA B 394 -26.08 -28.15 10.04
N LYS B 395 -26.54 -27.31 10.97
CA LYS B 395 -26.49 -27.71 12.38
C LYS B 395 -27.50 -28.80 12.67
N ILE B 396 -28.67 -28.77 12.02
CA ILE B 396 -29.64 -29.84 12.16
C ILE B 396 -29.05 -31.17 11.70
N TYR B 397 -28.43 -31.19 10.51
CA TYR B 397 -27.88 -32.43 9.99
C TYR B 397 -26.65 -32.88 10.78
N THR B 398 -25.86 -31.94 11.28
CA THR B 398 -24.78 -32.36 12.19
C THR B 398 -25.35 -33.12 13.38
N GLY B 399 -26.46 -32.64 13.93
CA GLY B 399 -27.07 -33.32 15.06
C GLY B 399 -27.62 -34.69 14.69
N LEU B 400 -28.36 -34.76 13.57
CA LEU B 400 -28.91 -36.03 13.13
C LEU B 400 -27.79 -37.05 12.88
N ARG B 401 -26.70 -36.63 12.25
CA ARG B 401 -25.60 -37.55 11.99
C ARG B 401 -25.01 -38.09 13.28
N ALA B 402 -24.76 -37.21 14.26
CA ALA B 402 -24.02 -37.59 15.45
C ALA B 402 -24.87 -38.41 16.41
N GLN B 403 -26.16 -38.08 16.53
CA GLN B 403 -27.04 -38.72 17.50
C GLN B 403 -28.11 -39.62 16.87
N GLY B 404 -28.27 -39.58 15.54
CA GLY B 404 -29.36 -40.32 14.93
C GLY B 404 -29.23 -41.83 15.03
N ASP B 405 -28.00 -42.34 15.01
CA ASP B 405 -27.75 -43.78 14.97
C ASP B 405 -28.54 -44.43 13.84
N TYR B 406 -28.61 -43.73 12.71
CA TYR B 406 -29.22 -44.27 11.50
C TYR B 406 -28.25 -45.23 10.81
N ASN B 407 -28.82 -46.11 9.99
CA ASN B 407 -28.01 -47.03 9.19
C ASN B 407 -27.67 -46.32 7.88
N LEU B 408 -26.61 -45.51 7.93
CA LEU B 408 -26.15 -44.73 6.80
C LEU B 408 -24.86 -45.28 6.23
N PRO B 409 -24.62 -45.12 4.94
CA PRO B 409 -23.34 -45.53 4.36
C PRO B 409 -22.20 -44.67 4.91
N LYS B 410 -20.97 -45.14 4.68
CA LYS B 410 -19.80 -44.42 5.19
C LYS B 410 -19.80 -42.97 4.70
N HIS B 411 -20.06 -42.77 3.41
CA HIS B 411 -20.16 -41.44 2.84
C HIS B 411 -21.55 -41.30 2.21
N CYS B 412 -22.30 -40.31 2.66
CA CYS B 412 -23.63 -40.07 2.15
C CYS B 412 -23.94 -38.59 2.34
N ASP B 413 -24.87 -38.09 1.53
CA ASP B 413 -25.23 -36.69 1.61
C ASP B 413 -26.40 -36.50 2.58
N ASN B 414 -26.72 -35.23 2.85
CA ASN B 414 -27.77 -34.95 3.81
C ASN B 414 -29.15 -35.37 3.32
N ASN B 415 -29.35 -35.47 2.00
CA ASN B 415 -30.60 -36.05 1.51
C ASN B 415 -30.81 -37.45 2.07
N GLU B 416 -29.73 -38.24 2.21
CA GLU B 416 -29.91 -39.60 2.73
C GLU B 416 -30.23 -39.56 4.21
N VAL B 417 -29.61 -38.64 4.95
CA VAL B 417 -29.96 -38.43 6.35
C VAL B 417 -31.42 -38.02 6.47
N LEU B 418 -31.82 -37.03 5.68
CA LEU B 418 -33.23 -36.62 5.63
C LEU B 418 -34.13 -37.82 5.39
N LYS B 419 -33.73 -38.72 4.49
CA LYS B 419 -34.51 -39.92 4.24
C LYS B 419 -34.65 -40.77 5.49
N ALA B 420 -33.54 -40.97 6.22
CA ALA B 420 -33.61 -41.79 7.42
C ALA B 420 -34.43 -41.11 8.52
N LEU B 421 -34.45 -39.77 8.53
CA LEU B 421 -35.33 -39.07 9.45
C LEU B 421 -36.79 -39.28 9.05
N CYS B 422 -37.10 -39.20 7.76
CA CYS B 422 -38.46 -39.45 7.30
C CYS B 422 -38.93 -40.84 7.70
N VAL B 423 -38.13 -41.86 7.39
CA VAL B 423 -38.53 -43.23 7.70
C VAL B 423 -38.84 -43.35 9.19
N GLU B 424 -37.95 -42.80 10.02
CA GLU B 424 -38.14 -42.88 11.47
C GLU B 424 -39.49 -42.31 11.87
N ALA B 425 -39.91 -41.24 11.20
CA ALA B 425 -41.15 -40.54 11.54
C ALA B 425 -42.36 -41.10 10.79
N GLY B 426 -42.28 -42.34 10.32
CA GLY B 426 -43.44 -42.99 9.74
C GLY B 426 -43.66 -42.70 8.27
N TRP B 427 -42.65 -42.18 7.59
CA TRP B 427 -42.77 -41.81 6.19
C TRP B 427 -42.06 -42.84 5.29
N VAL B 428 -42.51 -42.90 4.05
CA VAL B 428 -41.87 -43.67 3.00
C VAL B 428 -41.33 -42.69 1.96
N VAL B 429 -40.07 -42.89 1.56
CA VAL B 429 -39.41 -42.01 0.60
C VAL B 429 -38.86 -42.87 -0.52
N GLU B 430 -39.31 -42.60 -1.75
CA GLU B 430 -38.80 -43.31 -2.91
C GLU B 430 -37.42 -42.77 -3.29
N GLU B 431 -36.81 -43.41 -4.30
CA GLU B 431 -35.47 -43.03 -4.72
C GLU B 431 -35.41 -41.57 -5.17
N ASP B 432 -36.43 -41.11 -5.89
CA ASP B 432 -36.42 -39.77 -6.46
C ASP B 432 -36.90 -38.70 -5.49
N GLY B 433 -37.22 -39.07 -4.25
CA GLY B 433 -37.68 -38.12 -3.25
C GLY B 433 -39.17 -38.11 -3.01
N THR B 434 -39.96 -38.81 -3.83
CA THR B 434 -41.40 -38.89 -3.60
C THR B 434 -41.67 -39.45 -2.20
N THR B 435 -42.46 -38.72 -1.42
CA THR B 435 -42.60 -38.95 0.01
C THR B 435 -44.07 -38.95 0.42
N TYR B 436 -44.43 -39.90 1.29
CA TYR B 436 -45.80 -40.03 1.76
C TYR B 436 -45.81 -40.91 3.00
N ARG B 437 -46.96 -40.93 3.68
CA ARG B 437 -47.12 -41.74 4.88
C ARG B 437 -47.67 -43.11 4.54
N MET E 1 -1.11 -5.09 3.61
CA MET E 1 -1.25 -3.68 3.98
C MET E 1 -2.46 -3.05 3.28
N LYS E 2 -2.74 -3.51 2.05
CA LYS E 2 -3.87 -3.01 1.30
C LYS E 2 -5.16 -3.62 1.82
N ILE E 3 -6.11 -2.77 2.23
CA ILE E 3 -7.38 -3.24 2.74
C ILE E 3 -8.07 -4.15 1.72
N GLU E 4 -8.89 -5.07 2.21
CA GLU E 4 -9.59 -6.02 1.37
C GLU E 4 -11.09 -5.93 1.59
N GLU E 5 -11.84 -6.00 0.51
CA GLU E 5 -13.30 -5.91 0.56
C GLU E 5 -13.88 -7.19 1.17
N GLY E 6 -14.83 -7.01 2.08
CA GLY E 6 -15.41 -8.14 2.79
C GLY E 6 -14.73 -8.48 4.10
N LYS E 7 -13.74 -7.68 4.53
CA LYS E 7 -13.11 -7.87 5.83
C LYS E 7 -12.93 -6.50 6.48
N LEU E 8 -12.73 -6.51 7.79
CA LEU E 8 -12.43 -5.28 8.52
C LEU E 8 -11.08 -5.43 9.22
N VAL E 9 -10.23 -4.41 9.08
CA VAL E 9 -9.00 -4.28 9.86
C VAL E 9 -9.11 -3.02 10.71
N ILE E 10 -8.90 -3.17 12.01
CA ILE E 10 -9.03 -2.08 12.98
C ILE E 10 -7.68 -1.84 13.64
N TRP E 11 -7.31 -0.57 13.78
CA TRP E 11 -6.11 -0.17 14.50
C TRP E 11 -6.51 0.53 15.79
N ILE E 12 -5.92 0.09 16.91
CA ILE E 12 -6.15 0.72 18.20
C ILE E 12 -4.85 0.69 18.99
N ASN E 13 -4.68 1.67 19.88
CA ASN E 13 -3.43 1.83 20.60
C ASN E 13 -3.19 0.67 21.55
N GLY E 14 -1.91 0.36 21.79
CA GLY E 14 -1.52 -0.80 22.56
C GLY E 14 -1.85 -0.71 24.03
N ASP E 15 -2.16 0.48 24.53
CA ASP E 15 -2.57 0.57 25.94
C ASP E 15 -4.08 0.36 26.12
N LYS E 16 -4.85 0.28 25.05
CA LYS E 16 -6.28 0.04 25.18
C LYS E 16 -6.61 -1.46 25.13
N GLY E 17 -7.86 -1.80 25.43
CA GLY E 17 -8.25 -3.19 25.46
C GLY E 17 -8.44 -3.83 24.08
N TYR E 18 -7.36 -4.01 23.32
CA TYR E 18 -7.50 -4.58 21.98
C TYR E 18 -7.97 -6.02 22.01
N ASN E 19 -7.72 -6.76 23.10
CA ASN E 19 -8.24 -8.11 23.15
C ASN E 19 -9.76 -8.11 23.36
N GLY E 20 -10.26 -7.18 24.15
CA GLY E 20 -11.72 -7.04 24.25
C GLY E 20 -12.34 -6.60 22.95
N LEU E 21 -11.70 -5.67 22.25
CA LEU E 21 -12.23 -5.23 20.97
C LEU E 21 -12.30 -6.37 19.97
N ALA E 22 -11.32 -7.27 20.02
CA ALA E 22 -11.28 -8.40 19.14
C ALA E 22 -12.43 -9.35 19.40
N GLU E 23 -12.88 -9.39 20.62
CA GLU E 23 -14.02 -10.18 21.01
C GLU E 23 -15.27 -9.65 20.32
N VAL E 24 -15.37 -8.33 20.20
CA VAL E 24 -16.47 -7.73 19.52
C VAL E 24 -16.38 -8.15 18.06
N GLY E 25 -15.19 -8.16 17.52
CA GLY E 25 -14.98 -8.56 16.15
C GLY E 25 -15.36 -10.00 15.94
N LYS E 26 -15.05 -10.85 16.91
CA LYS E 26 -15.37 -12.25 16.81
C LYS E 26 -16.88 -12.46 16.74
N LYS E 27 -17.64 -11.69 17.48
CA LYS E 27 -19.05 -11.80 17.42
C LYS E 27 -19.59 -11.28 16.08
N PHE E 28 -19.07 -10.17 15.59
CA PHE E 28 -19.48 -9.67 14.29
C PHE E 28 -19.28 -10.75 13.22
N GLU E 29 -18.15 -11.45 13.27
CA GLU E 29 -17.87 -12.49 12.29
C GLU E 29 -18.85 -13.66 12.47
N LYS E 30 -19.21 -13.98 13.71
CA LYS E 30 -20.19 -15.03 13.91
C LYS E 30 -21.53 -14.66 13.28
N ASP E 31 -21.93 -13.40 13.39
CA ASP E 31 -23.25 -12.96 12.95
C ASP E 31 -23.32 -12.72 11.45
N THR E 32 -22.24 -12.22 10.83
CA THR E 32 -22.26 -11.75 9.45
C THR E 32 -21.36 -12.54 8.51
N GLY E 33 -20.39 -13.28 9.03
CA GLY E 33 -19.36 -13.90 8.22
C GLY E 33 -18.16 -13.03 7.94
N ILE E 34 -18.20 -11.77 8.37
CA ILE E 34 -17.14 -10.80 8.10
C ILE E 34 -16.05 -10.95 9.16
N LYS E 35 -14.85 -11.31 8.71
CA LYS E 35 -13.70 -11.40 9.62
C LYS E 35 -13.23 -10.01 10.03
N VAL E 36 -12.94 -9.84 11.31
CA VAL E 36 -12.47 -8.58 11.88
C VAL E 36 -11.09 -8.82 12.48
N THR E 37 -10.09 -8.05 12.04
CA THR E 37 -8.73 -8.17 12.54
C THR E 37 -8.38 -6.90 13.32
N VAL E 38 -7.98 -7.06 14.57
CA VAL E 38 -7.61 -5.93 15.42
C VAL E 38 -6.09 -5.88 15.53
N GLU E 39 -5.49 -4.76 15.14
CA GLU E 39 -4.05 -4.56 15.28
C GLU E 39 -3.77 -3.33 16.14
N HIS E 40 -2.55 -3.27 16.68
CA HIS E 40 -2.13 -2.17 17.55
C HIS E 40 -0.67 -1.83 17.26
N PRO E 41 -0.37 -1.35 16.06
CA PRO E 41 1.01 -1.00 15.73
C PRO E 41 1.51 0.14 16.61
N ASP E 42 2.83 0.18 16.79
CA ASP E 42 3.45 1.29 17.51
C ASP E 42 3.33 2.58 16.71
N LYS E 43 3.17 3.69 17.41
CA LYS E 43 3.08 5.01 16.77
C LYS E 43 1.97 5.05 15.74
N LEU E 44 0.88 4.31 16.00
CA LEU E 44 -0.18 4.19 15.00
C LEU E 44 -0.73 5.56 14.61
N GLU E 45 -0.73 6.53 15.53
CA GLU E 45 -1.26 7.85 15.20
C GLU E 45 -0.35 8.59 14.22
N GLU E 46 0.92 8.20 14.12
CA GLU E 46 1.82 8.71 13.08
C GLU E 46 1.80 7.84 11.84
N LYS E 47 1.61 6.53 12.01
CA LYS E 47 1.59 5.64 10.86
C LYS E 47 0.35 5.86 10.00
N PHE E 48 -0.81 6.03 10.64
CA PHE E 48 -2.06 6.11 9.89
C PHE E 48 -1.96 7.12 8.76
N PRO E 49 -1.68 8.39 9.04
CA PRO E 49 -1.60 9.37 7.94
C PRO E 49 -0.60 8.97 6.88
N GLN E 50 0.49 8.30 7.26
CA GLN E 50 1.50 7.88 6.29
C GLN E 50 0.95 6.82 5.35
N VAL E 51 0.45 5.70 5.92
CA VAL E 51 0.01 4.61 5.07
C VAL E 51 -1.34 4.90 4.44
N ALA E 52 -2.21 5.65 5.13
CA ALA E 52 -3.50 6.00 4.55
C ALA E 52 -3.30 6.84 3.29
N ALA E 53 -2.32 7.74 3.31
CA ALA E 53 -2.05 8.56 2.13
C ALA E 53 -1.81 7.71 0.90
N THR E 54 -1.12 6.58 1.04
CA THR E 54 -0.78 5.70 -0.06
C THR E 54 -1.83 4.62 -0.32
N GLY E 55 -3.03 4.77 0.24
CA GLY E 55 -4.10 3.81 0.04
C GLY E 55 -4.11 2.64 1.01
N ASP E 56 -3.05 2.43 1.78
CA ASP E 56 -3.01 1.33 2.74
C ASP E 56 -3.72 1.73 4.03
N GLY E 57 -3.40 1.07 5.13
CA GLY E 57 -3.99 1.40 6.40
C GLY E 57 -5.29 0.69 6.66
N PRO E 58 -5.78 0.78 7.90
CA PRO E 58 -6.92 -0.03 8.31
C PRO E 58 -8.24 0.61 7.89
N ASP E 59 -9.30 -0.20 8.03
CA ASP E 59 -10.66 0.30 7.77
C ASP E 59 -11.10 1.29 8.84
N ILE E 60 -10.78 0.99 10.10
CA ILE E 60 -11.16 1.80 11.26
C ILE E 60 -9.90 2.11 12.05
N ILE E 61 -9.77 3.35 12.53
CA ILE E 61 -8.66 3.74 13.38
C ILE E 61 -9.20 4.37 14.66
N PHE E 62 -8.68 3.91 15.80
CA PHE E 62 -9.03 4.44 17.12
C PHE E 62 -7.90 5.33 17.63
N TRP E 63 -8.27 6.51 18.12
CA TRP E 63 -7.35 7.39 18.82
C TRP E 63 -8.20 8.41 19.57
N ALA E 64 -7.54 9.18 20.42
CA ALA E 64 -8.19 10.35 20.99
C ALA E 64 -8.57 11.31 19.88
N HIS E 65 -9.67 12.05 20.10
CA HIS E 65 -10.23 12.88 19.04
C HIS E 65 -9.29 13.99 18.59
N ASP E 66 -8.25 14.31 19.37
CA ASP E 66 -7.44 15.48 19.03
C ASP E 66 -6.71 15.31 17.71
N ARG E 67 -6.40 14.07 17.31
CA ARG E 67 -5.69 13.85 16.06
C ARG E 67 -6.59 13.88 14.83
N PHE E 68 -7.90 13.66 15.00
CA PHE E 68 -8.79 13.40 13.88
C PHE E 68 -8.99 14.61 12.98
N GLY E 69 -8.84 15.83 13.51
CA GLY E 69 -8.98 17.01 12.66
C GLY E 69 -7.89 17.10 11.61
N GLY E 70 -6.65 16.80 12.00
CA GLY E 70 -5.59 16.66 11.02
C GLY E 70 -5.89 15.58 9.99
N TYR E 71 -6.41 14.43 10.44
CA TYR E 71 -6.75 13.38 9.49
C TYR E 71 -7.80 13.85 8.51
N ALA E 72 -8.87 14.47 9.01
CA ALA E 72 -9.93 14.91 8.11
C ALA E 72 -9.42 15.97 7.15
N GLN E 73 -8.60 16.90 7.65
CA GLN E 73 -8.00 17.93 6.81
C GLN E 73 -7.22 17.33 5.65
N SER E 74 -6.52 16.22 5.89
CA SER E 74 -5.76 15.53 4.86
C SER E 74 -6.62 14.64 3.97
N GLY E 75 -7.94 14.63 4.16
CA GLY E 75 -8.80 13.80 3.35
C GLY E 75 -8.72 12.33 3.67
N LEU E 76 -8.44 11.97 4.92
CA LEU E 76 -8.20 10.57 5.26
C LEU E 76 -9.40 9.89 5.88
N LEU E 77 -10.44 10.65 6.24
CA LEU E 77 -11.55 10.08 6.99
C LEU E 77 -12.85 10.23 6.20
N ALA E 78 -13.71 9.23 6.32
CA ALA E 78 -15.04 9.31 5.74
C ALA E 78 -15.95 10.03 6.72
N GLU E 79 -16.86 10.85 6.16
CA GLU E 79 -17.84 11.52 6.99
C GLU E 79 -18.73 10.49 7.68
N ILE E 80 -18.98 10.73 8.96
CA ILE E 80 -19.84 9.89 9.79
C ILE E 80 -21.24 10.49 9.76
N THR E 81 -22.24 9.68 9.42
CA THR E 81 -23.63 10.15 9.27
C THR E 81 -24.58 9.21 9.99
N PRO E 82 -24.57 9.20 11.31
CA PRO E 82 -25.52 8.36 12.05
C PRO E 82 -26.93 8.93 11.96
N ALA E 83 -27.91 8.03 12.03
CA ALA E 83 -29.29 8.48 12.11
C ALA E 83 -29.53 9.22 13.42
N ALA E 84 -30.58 10.04 13.43
CA ALA E 84 -30.87 10.85 14.61
C ALA E 84 -31.08 9.98 15.84
N ALA E 85 -31.73 8.82 15.66
CA ALA E 85 -31.96 7.92 16.80
C ALA E 85 -30.66 7.43 17.39
N PHE E 86 -29.69 7.06 16.54
CA PHE E 86 -28.43 6.61 17.09
C PHE E 86 -27.69 7.75 17.75
N GLN E 87 -27.61 8.90 17.09
CA GLN E 87 -26.91 10.06 17.64
C GLN E 87 -27.40 10.41 19.05
N ASP E 88 -28.71 10.26 19.29
CA ASP E 88 -29.30 10.57 20.59
C ASP E 88 -28.86 9.60 21.70
N LYS E 89 -28.32 8.45 21.33
CA LYS E 89 -27.85 7.49 22.33
C LYS E 89 -26.51 7.88 22.94
N LEU E 90 -25.81 8.86 22.37
CA LEU E 90 -24.51 9.29 22.88
C LEU E 90 -24.63 10.71 23.43
N TYR E 91 -23.82 11.01 24.45
CA TYR E 91 -23.86 12.34 25.03
C TYR E 91 -23.55 13.39 23.96
N PRO E 92 -24.32 14.49 23.89
CA PRO E 92 -24.02 15.51 22.88
C PRO E 92 -22.58 16.00 22.90
N PHE E 93 -21.99 16.21 24.08
CA PHE E 93 -20.65 16.78 24.10
C PHE E 93 -19.62 15.84 23.48
N THR E 94 -19.85 14.52 23.49
CA THR E 94 -18.89 13.65 22.83
C THR E 94 -18.97 13.78 21.31
N TRP E 95 -20.17 14.00 20.76
CA TRP E 95 -20.26 14.30 19.33
C TRP E 95 -19.54 15.60 19.00
N ASP E 96 -19.66 16.61 19.88
CA ASP E 96 -18.91 17.84 19.66
C ASP E 96 -17.43 17.54 19.46
N ALA E 97 -16.90 16.58 20.21
CA ALA E 97 -15.46 16.32 20.18
C ALA E 97 -14.99 15.83 18.82
N VAL E 98 -15.88 15.19 18.05
CA VAL E 98 -15.55 14.62 16.76
C VAL E 98 -16.22 15.38 15.62
N ARG E 99 -16.64 16.62 15.87
CA ARG E 99 -17.16 17.48 14.82
C ARG E 99 -16.05 18.41 14.37
N TYR E 100 -15.82 18.45 13.06
CA TYR E 100 -14.76 19.23 12.47
C TYR E 100 -15.30 19.88 11.21
N ASN E 101 -15.19 21.21 11.14
CA ASN E 101 -15.74 22.00 10.03
C ASN E 101 -17.20 21.61 9.74
N GLY E 102 -17.96 21.37 10.80
CA GLY E 102 -19.39 21.14 10.70
C GLY E 102 -19.80 19.70 10.49
N LYS E 103 -18.85 18.80 10.25
CA LYS E 103 -19.14 17.42 9.91
C LYS E 103 -18.60 16.49 10.99
N LEU E 104 -19.32 15.40 11.23
CA LEU E 104 -18.86 14.36 12.12
C LEU E 104 -17.82 13.51 11.38
N ILE E 105 -16.64 13.36 11.98
CA ILE E 105 -15.53 12.65 11.33
C ILE E 105 -15.13 11.40 12.10
N ALA E 106 -15.92 10.99 13.08
CA ALA E 106 -15.61 9.78 13.84
C ALA E 106 -16.75 9.52 14.81
N TYR E 107 -16.77 8.29 15.33
CA TYR E 107 -17.69 7.89 16.37
C TYR E 107 -17.01 8.06 17.73
N PRO E 108 -17.60 8.80 18.67
CA PRO E 108 -17.00 8.87 20.00
C PRO E 108 -17.32 7.62 20.80
N ILE E 109 -16.33 7.14 21.56
CA ILE E 109 -16.44 5.91 22.33
C ILE E 109 -16.40 6.19 23.83
N ALA E 110 -15.42 6.97 24.29
CA ALA E 110 -15.17 7.09 25.72
C ALA E 110 -14.43 8.37 26.02
N VAL E 111 -14.62 8.87 27.24
CA VAL E 111 -13.98 10.09 27.73
C VAL E 111 -12.84 9.70 28.66
N GLU E 112 -11.65 10.20 28.37
CA GLU E 112 -10.44 9.88 29.14
C GLU E 112 -9.95 11.14 29.84
N ALA E 113 -9.67 11.02 31.14
CA ALA E 113 -8.95 12.05 31.87
C ALA E 113 -7.95 11.39 32.81
N LEU E 114 -6.77 12.00 32.93
CA LEU E 114 -5.77 11.55 33.90
C LEU E 114 -6.24 11.84 35.32
N SER E 115 -5.97 10.92 36.24
CA SER E 115 -6.16 11.14 37.66
C SER E 115 -4.89 10.81 38.42
N LEU E 116 -4.84 11.21 39.70
CA LEU E 116 -3.80 10.74 40.60
C LEU E 116 -4.16 9.35 41.10
N ILE E 117 -3.25 8.40 40.94
CA ILE E 117 -3.39 7.03 41.42
C ILE E 117 -2.35 6.82 42.51
N TYR E 118 -2.79 6.35 43.69
CA TYR E 118 -1.90 6.28 44.85
C TYR E 118 -2.03 4.93 45.55
N ASN E 119 -0.95 4.53 46.21
CA ASN E 119 -0.87 3.29 46.97
C ASN E 119 -1.38 3.56 48.38
N LYS E 120 -2.55 3.02 48.71
CA LYS E 120 -3.20 3.31 49.99
C LYS E 120 -2.35 2.84 51.18
N ASP E 121 -1.66 1.70 51.02
CA ASP E 121 -0.88 1.17 52.12
C ASP E 121 0.36 2.02 52.38
N LEU E 122 0.99 2.54 51.32
CA LEU E 122 2.11 3.46 51.52
C LEU E 122 1.65 4.86 51.88
N LEU E 123 0.45 5.23 51.48
CA LEU E 123 -0.01 6.62 51.47
C LEU E 123 -1.50 6.63 51.75
N PRO E 124 -1.87 6.52 53.02
CA PRO E 124 -3.31 6.58 53.35
C PRO E 124 -3.94 7.91 53.01
N ASN E 125 -3.18 9.00 53.09
CA ASN E 125 -3.68 10.36 52.84
C ASN E 125 -2.93 10.97 51.68
N PRO E 126 -3.44 10.90 50.45
CA PRO E 126 -2.67 11.37 49.31
C PRO E 126 -2.50 12.88 49.36
N PRO E 127 -1.43 13.41 48.76
CA PRO E 127 -1.19 14.86 48.83
C PRO E 127 -2.23 15.64 48.04
N LYS E 128 -2.70 16.75 48.64
CA LYS E 128 -3.59 17.68 47.96
C LYS E 128 -2.84 18.65 47.06
N THR E 129 -1.56 18.91 47.35
CA THR E 129 -0.76 19.87 46.62
C THR E 129 0.46 19.20 46.00
N TRP E 130 0.97 19.82 44.95
CA TRP E 130 2.23 19.36 44.33
C TRP E 130 3.37 19.84 45.24
N GLU E 131 3.15 20.94 45.96
CA GLU E 131 4.20 21.58 46.82
C GLU E 131 4.62 20.63 47.95
N GLU E 132 3.72 19.76 48.40
CA GLU E 132 4.05 18.80 49.48
C GLU E 132 4.74 17.53 48.97
N ILE E 133 4.85 17.34 47.65
CA ILE E 133 5.45 16.11 47.13
C ILE E 133 6.91 16.00 47.51
N PRO E 134 7.74 17.05 47.38
CA PRO E 134 9.15 16.93 47.79
C PRO E 134 9.34 16.41 49.21
N ALA E 135 8.67 17.03 50.19
CA ALA E 135 8.78 16.53 51.56
C ALA E 135 8.24 15.10 51.66
N LEU E 136 7.19 14.79 50.93
CA LEU E 136 6.68 13.43 50.90
C LEU E 136 7.74 12.47 50.37
N ASP E 137 8.41 12.84 49.27
CA ASP E 137 9.43 11.98 48.70
C ASP E 137 10.59 11.76 49.68
N LYS E 138 10.96 12.78 50.44
CA LYS E 138 12.04 12.60 51.40
C LYS E 138 11.70 11.51 52.40
N GLU E 139 10.47 11.54 52.94
CA GLU E 139 10.09 10.53 53.92
C GLU E 139 10.02 9.15 53.29
N LEU E 140 9.56 9.06 52.04
CA LEU E 140 9.48 7.76 51.40
C LEU E 140 10.86 7.23 51.02
N LYS E 141 11.78 8.13 50.60
CA LYS E 141 13.12 7.68 50.27
C LYS E 141 13.79 7.02 51.46
N ALA E 142 13.53 7.55 52.67
CA ALA E 142 14.07 6.93 53.87
C ALA E 142 13.57 5.49 54.04
N LYS E 143 12.41 5.18 53.45
CA LYS E 143 11.81 3.85 53.53
C LYS E 143 12.13 3.00 52.31
N GLY E 144 13.05 3.46 51.44
CA GLY E 144 13.36 2.76 50.22
C GLY E 144 12.38 2.94 49.09
N LYS E 145 11.43 3.86 49.21
CA LYS E 145 10.42 4.10 48.18
C LYS E 145 10.58 5.52 47.62
N SER E 146 9.72 5.87 46.67
CA SER E 146 9.67 7.20 46.10
C SER E 146 8.22 7.70 46.13
N ALA E 147 8.05 9.03 46.06
CA ALA E 147 6.70 9.58 46.15
C ALA E 147 5.93 9.43 44.83
N LEU E 148 6.52 9.85 43.71
CA LEU E 148 5.77 10.00 42.48
C LEU E 148 6.59 9.61 41.26
N MET E 149 6.02 8.74 40.43
CA MET E 149 6.58 8.43 39.11
C MET E 149 5.48 8.43 38.07
N PHE E 150 5.69 9.17 37.00
CA PHE E 150 4.80 9.12 35.86
C PHE E 150 5.61 9.41 34.60
N ASN E 151 5.01 9.11 33.45
CA ASN E 151 5.68 9.21 32.16
C ASN E 151 6.02 10.67 31.84
N LEU E 152 7.32 10.97 31.76
CA LEU E 152 7.82 12.30 31.43
C LEU E 152 8.25 12.43 29.96
N GLN E 153 8.00 11.40 29.15
CA GLN E 153 8.31 11.44 27.73
C GLN E 153 7.11 11.82 26.86
N GLU E 154 5.91 11.82 27.42
CA GLU E 154 4.74 12.26 26.67
C GLU E 154 4.15 13.48 27.36
N PRO E 155 4.07 14.63 26.70
CA PRO E 155 3.61 15.85 27.38
C PRO E 155 2.18 15.75 27.89
N TYR E 156 1.41 14.79 27.40
CA TYR E 156 0.07 14.54 27.93
C TYR E 156 0.07 14.48 29.44
N PHE E 157 1.07 13.82 30.03
CA PHE E 157 1.08 13.56 31.47
C PHE E 157 1.58 14.75 32.27
N THR E 158 2.37 15.63 31.64
CA THR E 158 2.87 16.83 32.28
C THR E 158 1.96 18.02 32.04
N TRP E 159 1.08 17.94 31.05
CA TRP E 159 0.19 19.06 30.76
C TRP E 159 -0.63 19.49 31.97
N PRO E 160 -1.19 18.59 32.78
CA PRO E 160 -2.09 19.08 33.85
C PRO E 160 -1.40 20.07 34.76
N LEU E 161 -0.11 19.86 35.05
CA LEU E 161 0.64 20.78 35.92
C LEU E 161 1.03 22.07 35.18
N ILE E 162 1.38 21.97 33.90
CA ILE E 162 1.69 23.16 33.11
C ILE E 162 0.47 24.09 33.05
N ALA E 163 -0.72 23.53 32.87
CA ALA E 163 -1.91 24.35 32.71
C ALA E 163 -2.52 24.79 34.04
N ALA E 164 -2.01 24.32 35.17
CA ALA E 164 -2.58 24.71 36.47
C ALA E 164 -2.56 26.23 36.66
N ASP E 165 -1.38 26.83 36.60
CA ASP E 165 -1.22 28.26 36.87
C ASP E 165 -1.42 29.14 35.64
N GLY E 166 -1.95 28.59 34.55
CA GLY E 166 -2.23 29.43 33.41
C GLY E 166 -1.80 28.92 32.03
N GLY E 167 -0.95 27.90 31.98
CA GLY E 167 -0.57 27.36 30.67
C GLY E 167 -1.80 26.98 29.86
N TYR E 168 -1.72 27.20 28.57
CA TYR E 168 -2.79 26.81 27.66
C TYR E 168 -2.20 26.59 26.29
N ALA E 169 -2.91 25.81 25.46
CA ALA E 169 -2.42 25.50 24.15
C ALA E 169 -2.80 26.53 23.14
N PHE E 170 -4.04 26.61 22.75
CA PHE E 170 -4.44 27.62 21.79
C PHE E 170 -5.56 28.42 22.39
N LYS E 171 -5.47 29.73 22.27
CA LYS E 171 -6.51 30.59 22.82
C LYS E 171 -7.81 30.36 22.08
N TYR E 172 -8.89 30.11 22.83
CA TYR E 172 -10.24 30.07 22.28
C TYR E 172 -10.81 31.49 22.33
N ALA E 173 -10.99 32.10 21.16
CA ALA E 173 -11.55 33.44 21.05
C ALA E 173 -12.44 33.53 19.83
N ALA E 174 -13.61 34.15 20.00
CA ALA E 174 -14.51 34.40 18.88
C ALA E 174 -15.06 33.11 18.30
N GLY E 175 -15.27 32.12 19.16
CA GLY E 175 -15.82 30.84 18.75
C GLY E 175 -14.86 29.94 18.02
N LYS E 176 -13.58 30.30 17.94
CA LYS E 176 -12.58 29.49 17.26
C LYS E 176 -11.31 29.43 18.10
N TYR E 177 -10.44 28.48 17.78
CA TYR E 177 -9.10 28.44 18.35
C TYR E 177 -8.17 29.27 17.48
N ASP E 178 -7.44 30.18 18.11
CA ASP E 178 -6.47 31.03 17.41
C ASP E 178 -5.18 30.24 17.22
N ILE E 179 -4.87 29.87 15.98
CA ILE E 179 -3.67 29.06 15.72
C ILE E 179 -2.42 29.80 16.14
N LYS E 180 -2.43 31.13 16.07
CA LYS E 180 -1.25 31.94 16.32
C LYS E 180 -1.13 32.39 17.77
N ASP E 181 -2.06 32.01 18.65
CA ASP E 181 -2.03 32.43 20.05
C ASP E 181 -1.80 31.21 20.92
N VAL E 182 -0.53 30.84 21.09
CA VAL E 182 -0.14 29.68 21.88
C VAL E 182 0.19 30.14 23.28
N GLY E 183 -0.20 29.35 24.27
CA GLY E 183 0.00 29.75 25.65
C GLY E 183 0.97 28.88 26.42
N VAL E 184 1.98 28.33 25.75
CA VAL E 184 2.94 27.46 26.42
C VAL E 184 4.13 28.22 27.00
N ASP E 185 4.19 29.53 26.79
CA ASP E 185 5.32 30.33 27.24
C ASP E 185 4.91 31.44 28.22
N ASN E 186 3.71 31.40 28.77
CA ASN E 186 3.32 32.45 29.70
C ASN E 186 3.82 32.14 31.11
N ALA E 187 3.44 33.00 32.05
CA ALA E 187 3.92 32.85 33.42
C ALA E 187 3.45 31.53 34.03
N GLY E 188 2.22 31.12 33.74
CA GLY E 188 1.70 29.90 34.36
C GLY E 188 2.41 28.65 33.87
N ALA E 189 2.58 28.54 32.54
CA ALA E 189 3.33 27.43 31.97
C ALA E 189 4.74 27.37 32.56
N LYS E 190 5.43 28.50 32.62
CA LYS E 190 6.80 28.51 33.13
C LYS E 190 6.82 28.06 34.58
N ALA E 191 5.83 28.46 35.38
CA ALA E 191 5.80 28.05 36.77
C ALA E 191 5.57 26.54 36.92
N GLY E 192 4.66 25.98 36.12
CA GLY E 192 4.39 24.56 36.21
C GLY E 192 5.58 23.73 35.78
N LEU E 193 6.18 24.06 34.63
CA LEU E 193 7.33 23.31 34.17
C LEU E 193 8.53 23.51 35.10
N THR E 194 8.74 24.73 35.60
CA THR E 194 9.85 24.95 36.52
C THR E 194 9.70 24.07 37.75
N PHE E 195 8.47 23.86 38.21
CA PHE E 195 8.28 22.97 39.36
C PHE E 195 8.74 21.56 39.03
N LEU E 196 8.32 21.04 37.87
CA LEU E 196 8.68 19.69 37.46
C LEU E 196 10.20 19.53 37.33
N VAL E 197 10.86 20.51 36.69
CA VAL E 197 12.32 20.46 36.54
C VAL E 197 12.99 20.56 37.90
N ASP E 198 12.40 21.34 38.80
CA ASP E 198 12.97 21.47 40.13
C ASP E 198 12.82 20.17 40.93
N LEU E 199 11.76 19.40 40.66
CA LEU E 199 11.67 18.06 41.26
C LEU E 199 12.81 17.17 40.79
N ILE E 200 13.16 17.24 39.50
CA ILE E 200 14.27 16.43 39.00
C ILE E 200 15.59 16.88 39.61
N LYS E 201 15.84 18.19 39.60
CA LYS E 201 17.08 18.73 40.14
C LYS E 201 17.26 18.32 41.59
N ASN E 202 16.16 18.30 42.36
CA ASN E 202 16.22 17.89 43.75
C ASN E 202 16.09 16.39 43.94
N LYS E 203 16.21 15.62 42.87
CA LYS E 203 16.26 14.16 42.92
C LYS E 203 14.97 13.57 43.52
N HIS E 204 13.84 14.24 43.29
CA HIS E 204 12.55 13.66 43.59
C HIS E 204 11.90 12.98 42.38
N MET E 205 12.52 13.09 41.20
CA MET E 205 12.08 12.38 40.00
C MET E 205 13.26 12.32 39.01
N ASN E 206 13.20 11.34 38.11
CA ASN E 206 14.23 11.13 37.10
C ASN E 206 13.71 11.51 35.72
N ALA E 207 14.54 12.22 34.95
CA ALA E 207 14.10 12.77 33.68
C ALA E 207 13.74 11.69 32.67
N ASP E 208 14.35 10.49 32.79
CA ASP E 208 14.11 9.45 31.80
C ASP E 208 12.91 8.56 32.13
N THR E 209 12.20 8.81 33.23
CA THR E 209 11.01 8.02 33.55
C THR E 209 10.02 8.07 32.38
N ASP E 210 9.67 6.90 31.83
CA ASP E 210 8.67 6.81 30.76
C ASP E 210 7.46 6.01 31.26
N TYR E 211 6.60 5.61 30.31
CA TYR E 211 5.35 4.93 30.68
C TYR E 211 5.62 3.63 31.42
N SER E 212 6.41 2.73 30.81
CA SER E 212 6.60 1.41 31.39
C SER E 212 7.38 1.46 32.70
N ILE E 213 8.29 2.42 32.85
CA ILE E 213 9.07 2.54 34.08
C ILE E 213 8.16 2.96 35.23
N ALA E 214 7.34 3.97 35.00
CA ALA E 214 6.42 4.42 36.04
C ALA E 214 5.37 3.34 36.34
N GLU E 215 4.81 2.71 35.31
CA GLU E 215 3.82 1.68 35.55
C GLU E 215 4.40 0.54 36.38
N ALA E 216 5.60 0.06 36.01
CA ALA E 216 6.21 -1.03 36.75
C ALA E 216 6.48 -0.61 38.20
N ALA E 217 7.01 0.59 38.40
CA ALA E 217 7.32 1.02 39.76
C ALA E 217 6.07 1.08 40.61
N PHE E 218 4.99 1.66 40.08
CA PHE E 218 3.78 1.73 40.90
C PHE E 218 3.22 0.33 41.15
N ASN E 219 3.12 -0.48 40.11
CA ASN E 219 2.51 -1.79 40.26
C ASN E 219 3.34 -2.74 41.08
N LYS E 220 4.58 -2.37 41.43
CA LYS E 220 5.43 -3.18 42.28
C LYS E 220 5.53 -2.63 43.69
N GLY E 221 4.72 -1.61 44.03
CA GLY E 221 4.80 -1.02 45.35
C GLY E 221 6.05 -0.23 45.64
N GLU E 222 6.75 0.24 44.59
CA GLU E 222 7.99 0.96 44.79
C GLU E 222 7.80 2.47 44.87
N THR E 223 6.77 2.98 44.20
CA THR E 223 6.47 4.41 44.21
C THR E 223 5.04 4.57 44.73
N ALA E 224 4.84 5.60 45.54
CA ALA E 224 3.55 5.79 46.20
C ALA E 224 2.48 6.34 45.27
N MET E 225 2.86 7.02 44.20
CA MET E 225 1.85 7.59 43.32
C MET E 225 2.31 7.51 41.87
N THR E 226 1.33 7.55 40.99
CA THR E 226 1.57 7.77 39.58
C THR E 226 0.41 8.58 39.02
N ILE E 227 0.55 8.97 37.76
CA ILE E 227 -0.48 9.74 37.06
C ILE E 227 -0.79 8.98 35.79
N ASN E 228 -2.04 8.53 35.66
CA ASN E 228 -2.41 7.71 34.51
C ASN E 228 -3.93 7.78 34.32
N GLY E 229 -4.38 7.21 33.21
CA GLY E 229 -5.77 7.20 32.88
C GLY E 229 -6.40 5.86 33.18
N PRO E 230 -7.69 5.72 32.85
CA PRO E 230 -8.41 4.52 33.27
C PRO E 230 -7.93 3.24 32.61
N TRP E 231 -7.30 3.31 31.44
CA TRP E 231 -6.76 2.10 30.84
C TRP E 231 -5.78 1.38 31.79
N ALA E 232 -5.07 2.11 32.64
CA ALA E 232 -4.06 1.49 33.48
C ALA E 232 -4.64 0.68 34.65
N TRP E 233 -5.93 0.79 34.93
CA TRP E 233 -6.44 0.24 36.18
C TRP E 233 -6.38 -1.29 36.20
N SER E 234 -6.63 -1.93 35.06
CA SER E 234 -6.67 -3.39 35.05
C SER E 234 -5.31 -4.00 35.42
N ASN E 235 -4.21 -3.37 34.98
CA ASN E 235 -2.89 -3.88 35.35
C ASN E 235 -2.64 -3.68 36.84
N ILE E 236 -3.12 -2.57 37.42
CA ILE E 236 -2.98 -2.38 38.86
C ILE E 236 -3.79 -3.43 39.61
N ASP E 237 -5.01 -3.69 39.13
CA ASP E 237 -5.83 -4.75 39.71
C ASP E 237 -5.05 -6.06 39.82
N THR E 238 -4.37 -6.46 38.74
CA THR E 238 -3.60 -7.70 38.75
C THR E 238 -2.47 -7.66 39.78
N SER E 239 -1.95 -6.46 40.07
CA SER E 239 -0.87 -6.35 41.05
C SER E 239 -1.40 -6.54 42.46
N ALA E 240 -0.46 -6.65 43.41
CA ALA E 240 -0.82 -6.71 44.82
C ALA E 240 -1.15 -5.34 45.42
N VAL E 241 -1.19 -4.29 44.60
CA VAL E 241 -1.28 -2.93 45.13
C VAL E 241 -2.73 -2.60 45.44
N ASN E 242 -2.98 -2.15 46.66
CA ASN E 242 -4.28 -1.59 47.04
C ASN E 242 -4.23 -0.09 46.75
N TYR E 243 -4.97 0.36 45.75
CA TYR E 243 -4.80 1.68 45.19
C TYR E 243 -6.09 2.47 45.22
N GLY E 244 -5.94 3.80 45.17
CA GLY E 244 -7.06 4.68 44.95
C GLY E 244 -6.82 5.58 43.75
N VAL E 245 -7.92 6.16 43.28
CA VAL E 245 -7.94 7.11 42.18
C VAL E 245 -8.64 8.38 42.68
N THR E 246 -7.96 9.52 42.60
CA THR E 246 -8.50 10.73 43.21
C THR E 246 -8.13 11.94 42.37
N VAL E 247 -8.51 13.12 42.87
CA VAL E 247 -8.27 14.37 42.16
C VAL E 247 -6.78 14.65 42.10
N LEU E 248 -6.31 15.12 40.94
CA LEU E 248 -4.93 15.55 40.79
C LEU E 248 -4.58 16.57 41.88
N PRO E 249 -3.30 16.70 42.24
CA PRO E 249 -2.92 17.70 43.23
C PRO E 249 -3.04 19.11 42.67
N THR E 250 -3.21 20.07 43.58
CA THR E 250 -3.24 21.47 43.19
C THR E 250 -1.82 21.99 43.04
N PHE E 251 -1.68 23.03 42.22
CA PHE E 251 -0.40 23.73 42.07
C PHE E 251 -0.66 25.23 42.26
N LYS E 252 0.04 25.83 43.21
CA LYS E 252 -0.20 27.21 43.59
C LYS E 252 -1.68 27.42 43.92
N GLY E 253 -2.26 26.45 44.64
CA GLY E 253 -3.65 26.49 45.04
C GLY E 253 -4.66 26.33 43.93
N GLN E 254 -4.24 26.02 42.71
CA GLN E 254 -5.22 25.85 41.65
C GLN E 254 -5.26 24.40 41.17
N PRO E 255 -6.41 23.93 40.70
CA PRO E 255 -6.51 22.54 40.25
C PRO E 255 -5.57 22.26 39.09
N SER E 256 -5.04 21.04 39.06
CA SER E 256 -4.45 20.52 37.83
C SER E 256 -5.53 20.39 36.77
N LYS E 257 -5.19 20.72 35.52
CA LYS E 257 -6.15 20.80 34.43
C LYS E 257 -5.70 19.86 33.31
N PRO E 258 -6.06 18.58 33.39
CA PRO E 258 -5.67 17.64 32.34
C PRO E 258 -6.39 17.97 31.04
N PHE E 259 -5.73 17.66 29.93
CA PHE E 259 -6.40 17.69 28.64
C PHE E 259 -7.27 16.44 28.56
N VAL E 260 -8.56 16.63 28.31
CA VAL E 260 -9.51 15.51 28.27
C VAL E 260 -9.65 15.05 26.83
N GLY E 261 -9.47 13.74 26.63
CA GLY E 261 -9.56 13.15 25.30
C GLY E 261 -10.80 12.27 25.19
N VAL E 262 -11.36 12.21 23.98
CA VAL E 262 -12.47 11.30 23.69
C VAL E 262 -11.93 10.24 22.74
N LEU E 263 -11.75 9.02 23.25
CA LEU E 263 -11.39 7.92 22.37
C LEU E 263 -12.46 7.79 21.29
N SER E 264 -12.03 7.84 20.03
CA SER E 264 -12.92 7.89 18.89
C SER E 264 -12.49 6.90 17.82
N ALA E 265 -13.42 6.56 16.93
CA ALA E 265 -13.21 5.57 15.88
C ALA E 265 -13.54 6.20 14.53
N GLY E 266 -12.52 6.41 13.70
CA GLY E 266 -12.71 6.95 12.37
C GLY E 266 -12.75 5.84 11.34
N ILE E 267 -13.37 6.14 10.20
CA ILE E 267 -13.46 5.21 9.07
C ILE E 267 -12.57 5.72 7.96
N ASN E 268 -11.58 4.91 7.58
CA ASN E 268 -10.65 5.27 6.52
C ASN E 268 -11.40 5.65 5.25
N ALA E 269 -11.09 6.84 4.70
CA ALA E 269 -11.80 7.26 3.50
C ALA E 269 -11.55 6.33 2.32
N ALA E 270 -10.43 5.62 2.34
CA ALA E 270 -10.05 4.68 1.30
C ALA E 270 -10.64 3.29 1.51
N SER E 271 -11.34 3.06 2.61
CA SER E 271 -11.84 1.73 2.91
C SER E 271 -12.88 1.31 1.88
N PRO E 272 -12.77 0.10 1.32
CA PRO E 272 -13.88 -0.46 0.54
C PRO E 272 -14.95 -1.13 1.38
N ASN E 273 -14.95 -0.92 2.70
CA ASN E 273 -15.87 -1.58 3.61
C ASN E 273 -16.61 -0.57 4.49
N LYS E 274 -16.90 0.62 3.96
CA LYS E 274 -17.44 1.70 4.80
C LYS E 274 -18.76 1.30 5.45
N GLU E 275 -19.61 0.56 4.73
CA GLU E 275 -20.89 0.17 5.30
C GLU E 275 -20.70 -0.82 6.45
N LEU E 276 -19.79 -1.78 6.27
CA LEU E 276 -19.51 -2.73 7.35
C LEU E 276 -18.88 -2.02 8.54
N ALA E 277 -18.02 -1.03 8.30
CA ALA E 277 -17.41 -0.31 9.41
C ALA E 277 -18.48 0.43 10.21
N LYS E 278 -19.41 1.09 9.51
CA LYS E 278 -20.52 1.75 10.18
C LYS E 278 -21.35 0.75 10.98
N GLU E 279 -21.65 -0.41 10.37
CA GLU E 279 -22.45 -1.41 11.06
C GLU E 279 -21.74 -1.93 12.30
N PHE E 280 -20.47 -2.31 12.16
CA PHE E 280 -19.71 -2.78 13.32
C PHE E 280 -19.73 -1.75 14.45
N LEU E 281 -19.38 -0.50 14.15
CA LEU E 281 -19.29 0.51 15.20
C LEU E 281 -20.66 0.79 15.81
N GLU E 282 -21.67 1.03 14.96
CA GLU E 282 -22.96 1.44 15.50
C GLU E 282 -23.67 0.29 16.21
N ASN E 283 -23.65 -0.90 15.60
CA ASN E 283 -24.51 -1.99 16.06
C ASN E 283 -23.81 -3.00 16.94
N TYR E 284 -22.47 -3.01 16.96
CA TYR E 284 -21.76 -3.97 17.80
C TYR E 284 -20.90 -3.31 18.87
N LEU E 285 -20.07 -2.33 18.52
CA LEU E 285 -19.17 -1.76 19.53
C LEU E 285 -19.94 -0.84 20.47
N LEU E 286 -20.72 0.08 19.91
CA LEU E 286 -21.45 1.08 20.69
C LEU E 286 -22.79 0.50 21.17
N THR E 287 -22.65 -0.62 21.86
CA THR E 287 -23.73 -1.27 22.60
C THR E 287 -23.23 -1.56 24.01
N ASP E 288 -24.17 -1.87 24.90
CA ASP E 288 -23.80 -2.21 26.28
C ASP E 288 -22.84 -3.39 26.32
N GLU E 289 -23.14 -4.45 25.57
CA GLU E 289 -22.28 -5.62 25.57
C GLU E 289 -20.95 -5.35 24.88
N GLY E 290 -20.96 -4.55 23.81
CA GLY E 290 -19.72 -4.26 23.10
C GLY E 290 -18.75 -3.45 23.93
N LEU E 291 -19.20 -2.32 24.50
CA LEU E 291 -18.33 -1.52 25.35
C LEU E 291 -17.90 -2.31 26.59
N GLU E 292 -18.82 -3.11 27.16
CA GLU E 292 -18.44 -3.96 28.28
C GLU E 292 -17.27 -4.88 27.93
N ALA E 293 -17.30 -5.49 26.73
CA ALA E 293 -16.23 -6.41 26.36
C ALA E 293 -14.89 -5.70 26.27
N VAL E 294 -14.87 -4.48 25.73
CA VAL E 294 -13.62 -3.74 25.69
C VAL E 294 -13.22 -3.28 27.09
N ASN E 295 -14.21 -2.82 27.87
CA ASN E 295 -13.94 -2.22 29.17
C ASN E 295 -13.35 -3.24 30.13
N LYS E 296 -13.81 -4.49 30.07
CA LYS E 296 -13.30 -5.56 30.91
C LYS E 296 -11.85 -5.89 30.60
N ASP E 297 -11.41 -5.65 29.37
CA ASP E 297 -10.01 -5.87 29.03
C ASP E 297 -9.15 -4.75 29.62
N LYS E 298 -9.45 -3.49 29.26
CA LYS E 298 -8.83 -2.31 29.83
C LYS E 298 -9.94 -1.27 29.99
N PRO E 299 -10.12 -0.71 31.18
CA PRO E 299 -11.20 0.26 31.38
C PRO E 299 -11.13 1.39 30.36
N LEU E 300 -12.30 1.74 29.80
CA LEU E 300 -12.34 2.78 28.78
C LEU E 300 -12.40 4.19 29.35
N GLY E 301 -12.82 4.35 30.60
CA GLY E 301 -13.17 5.66 31.11
C GLY E 301 -14.67 5.83 31.13
N ALA E 302 -15.16 7.06 30.95
CA ALA E 302 -16.60 7.32 30.95
C ALA E 302 -17.10 7.21 29.50
N VAL E 303 -17.91 6.18 29.23
CA VAL E 303 -18.24 5.87 27.86
C VAL E 303 -19.27 6.86 27.32
N ALA E 304 -19.22 7.07 26.00
CA ALA E 304 -20.14 8.02 25.37
C ALA E 304 -21.56 7.48 25.29
N LEU E 305 -21.74 6.17 25.35
CA LEU E 305 -23.08 5.57 25.31
C LEU E 305 -23.76 5.75 26.67
N LYS E 306 -24.88 6.48 26.67
CA LYS E 306 -25.52 6.87 27.92
C LYS E 306 -25.95 5.65 28.72
N SER E 307 -26.54 4.66 28.05
CA SER E 307 -27.09 3.51 28.78
C SER E 307 -26.00 2.79 29.57
N TYR E 308 -24.84 2.56 28.96
CA TYR E 308 -23.79 1.90 29.70
C TYR E 308 -23.08 2.83 30.69
N GLU E 309 -22.93 4.11 30.34
CA GLU E 309 -22.23 5.02 31.25
C GLU E 309 -22.97 5.12 32.58
N GLU E 310 -24.29 4.94 32.56
CA GLU E 310 -25.04 4.96 33.82
C GLU E 310 -24.57 3.89 34.77
N GLU E 311 -24.09 2.75 34.25
CA GLU E 311 -23.55 1.73 35.14
C GLU E 311 -22.13 2.09 35.58
N LEU E 312 -21.28 2.49 34.64
CA LEU E 312 -19.90 2.81 34.98
C LEU E 312 -19.80 4.03 35.90
N ALA E 313 -20.79 4.92 35.87
CA ALA E 313 -20.76 6.11 36.70
C ALA E 313 -20.80 5.78 38.18
N LYS E 314 -21.27 4.59 38.55
CA LYS E 314 -21.30 4.15 39.94
C LYS E 314 -19.92 3.77 40.47
N ASP E 315 -18.92 3.64 39.60
CA ASP E 315 -17.56 3.33 40.04
C ASP E 315 -16.90 4.59 40.57
N PRO E 316 -16.46 4.62 41.83
CA PRO E 316 -15.77 5.82 42.34
C PRO E 316 -14.54 6.21 41.55
N ARG E 317 -13.89 5.26 40.87
CA ARG E 317 -12.75 5.61 40.03
C ARG E 317 -13.20 6.40 38.80
N ILE E 318 -14.40 6.12 38.29
CA ILE E 318 -14.93 6.91 37.18
C ILE E 318 -15.37 8.28 37.68
N ALA E 319 -15.97 8.34 38.87
CA ALA E 319 -16.28 9.64 39.48
C ALA E 319 -15.03 10.50 39.58
N ALA E 320 -13.92 9.93 40.07
CA ALA E 320 -12.68 10.71 40.16
C ALA E 320 -12.19 11.12 38.78
N THR E 321 -12.23 10.19 37.81
CA THR E 321 -11.88 10.56 36.44
C THR E 321 -12.69 11.78 35.98
N MET E 322 -14.00 11.75 36.18
CA MET E 322 -14.85 12.85 35.71
C MET E 322 -14.65 14.11 36.56
N GLU E 323 -14.44 13.95 37.87
CA GLU E 323 -14.10 15.11 38.69
C GLU E 323 -12.85 15.82 38.16
N ASN E 324 -11.84 15.04 37.75
CA ASN E 324 -10.64 15.62 37.13
C ASN E 324 -10.97 16.18 35.74
N ALA E 325 -11.80 15.47 34.98
CA ALA E 325 -12.17 15.95 33.65
C ALA E 325 -12.89 17.29 33.72
N GLN E 326 -13.73 17.50 34.74
CA GLN E 326 -14.45 18.77 34.86
C GLN E 326 -13.48 19.93 35.09
N LYS E 327 -12.36 19.67 35.77
CA LYS E 327 -11.39 20.72 36.04
C LYS E 327 -10.45 20.98 34.86
N GLY E 328 -10.33 20.03 33.93
CA GLY E 328 -9.55 20.22 32.72
C GLY E 328 -10.40 20.73 31.58
N GLU E 329 -9.92 20.51 30.35
CA GLU E 329 -10.63 20.98 29.16
C GLU E 329 -10.59 19.92 28.07
N ILE E 330 -11.70 19.82 27.32
CA ILE E 330 -11.69 18.98 26.14
C ILE E 330 -10.59 19.46 25.20
N MET E 331 -9.87 18.51 24.62
CA MET E 331 -8.80 18.89 23.70
C MET E 331 -9.40 19.47 22.42
N PRO E 332 -8.77 20.48 21.83
CA PRO E 332 -9.11 20.84 20.45
C PRO E 332 -8.89 19.63 19.54
N ASN E 333 -9.59 19.61 18.40
CA ASN E 333 -9.32 18.61 17.39
C ASN E 333 -8.72 19.21 16.12
N ILE E 334 -8.24 20.45 16.18
CA ILE E 334 -7.77 21.13 14.98
C ILE E 334 -6.50 20.49 14.47
N PRO E 335 -6.17 20.65 13.18
CA PRO E 335 -4.94 20.03 12.64
C PRO E 335 -3.68 20.45 13.37
N GLN E 336 -3.59 21.69 13.82
CA GLN E 336 -2.36 22.15 14.45
C GLN E 336 -2.06 21.45 15.78
N MET E 337 -2.94 20.54 16.24
CA MET E 337 -2.71 19.87 17.51
C MET E 337 -1.44 19.03 17.49
N SER E 338 -1.19 18.34 16.37
CA SER E 338 0.00 17.50 16.28
C SER E 338 1.27 18.33 16.45
N ALA E 339 1.29 19.55 15.89
CA ALA E 339 2.47 20.40 16.04
C ALA E 339 2.62 20.92 17.47
N PHE E 340 1.49 21.24 18.12
CA PHE E 340 1.55 21.66 19.52
C PHE E 340 2.12 20.57 20.40
N TRP E 341 1.66 19.32 20.22
CA TRP E 341 2.18 18.20 20.99
C TRP E 341 3.67 17.98 20.71
N TYR E 342 4.08 18.03 19.44
CA TYR E 342 5.50 17.84 19.14
C TYR E 342 6.35 18.89 19.84
N ALA E 343 5.89 20.14 19.84
CA ALA E 343 6.70 21.21 20.41
C ALA E 343 6.72 21.11 21.94
N VAL E 344 5.60 20.74 22.55
CA VAL E 344 5.59 20.60 24.01
C VAL E 344 6.37 19.37 24.45
N ARG E 345 6.33 18.28 23.68
CA ARG E 345 7.14 17.11 24.01
C ARG E 345 8.62 17.46 24.05
N THR E 346 9.11 18.16 23.03
CA THR E 346 10.52 18.56 23.01
C THR E 346 10.85 19.46 24.18
N ALA E 347 9.99 20.44 24.47
CA ALA E 347 10.28 21.39 25.54
C ALA E 347 10.40 20.71 26.89
N VAL E 348 9.46 19.81 27.20
CA VAL E 348 9.50 19.10 28.48
C VAL E 348 10.75 18.23 28.57
N ILE E 349 11.01 17.45 27.51
CA ILE E 349 12.16 16.55 27.53
C ILE E 349 13.46 17.32 27.68
N ASN E 350 13.65 18.36 26.86
CA ASN E 350 14.89 19.13 26.92
C ASN E 350 15.09 19.78 28.28
N ALA E 351 14.01 20.30 28.87
CA ALA E 351 14.14 20.96 30.16
C ALA E 351 14.34 19.95 31.28
N ALA E 352 13.63 18.82 31.21
CA ALA E 352 13.86 17.74 32.16
C ALA E 352 15.29 17.23 32.09
N SER E 353 15.85 17.15 30.89
CA SER E 353 17.21 16.65 30.71
C SER E 353 18.28 17.66 31.07
N GLY E 354 17.92 18.93 31.26
CA GLY E 354 18.88 20.00 31.44
C GLY E 354 19.46 20.55 30.16
N ARG E 355 19.20 19.94 29.00
CA ARG E 355 19.77 20.44 27.75
C ARG E 355 19.40 21.89 27.51
N GLN E 356 18.25 22.33 28.00
CA GLN E 356 17.81 23.71 27.88
C GLN E 356 17.20 24.17 29.20
N THR E 357 17.25 25.46 29.44
CA THR E 357 16.50 26.05 30.54
C THR E 357 15.00 25.98 30.26
N VAL E 358 14.21 26.15 31.31
CA VAL E 358 12.76 26.14 31.15
C VAL E 358 12.33 27.27 30.22
N ASP E 359 12.92 28.46 30.38
CA ASP E 359 12.52 29.59 29.55
C ASP E 359 12.88 29.36 28.09
N ALA E 360 14.09 28.88 27.82
CA ALA E 360 14.50 28.65 26.44
C ALA E 360 13.67 27.55 25.79
N ALA E 361 13.38 26.48 26.53
CA ALA E 361 12.63 25.38 25.93
C ALA E 361 11.22 25.84 25.56
N LEU E 362 10.53 26.49 26.50
CA LEU E 362 9.18 26.97 26.20
C LEU E 362 9.19 28.08 25.15
N ALA E 363 10.27 28.86 25.09
CA ALA E 363 10.40 29.86 24.03
C ALA E 363 10.32 29.22 22.66
N ALA E 364 11.15 28.21 22.39
CA ALA E 364 11.07 27.51 21.12
C ALA E 364 9.71 26.83 20.96
N ALA E 365 9.19 26.25 22.05
CA ALA E 365 7.88 25.62 21.98
C ALA E 365 6.82 26.61 21.53
N GLN E 366 6.80 27.78 22.15
CA GLN E 366 5.89 28.84 21.70
C GLN E 366 5.96 29.00 20.19
N THR E 367 7.17 29.20 19.66
CA THR E 367 7.32 29.42 18.22
C THR E 367 7.00 28.17 17.43
N ASN E 368 7.46 27.04 17.92
CA ASN E 368 7.27 25.82 17.20
C ASN E 368 5.78 25.44 17.07
N ALA E 369 5.03 25.68 18.10
CA ALA E 369 3.64 25.35 18.12
C ALA E 369 2.80 26.06 17.07
N ALA E 370 3.09 27.31 16.77
CA ALA E 370 2.27 28.05 15.83
C ALA E 370 2.76 27.98 14.39
N ARG E 371 3.87 27.28 14.18
CA ARG E 371 4.45 27.18 12.86
C ARG E 371 3.79 26.18 11.93
N ARG E 372 3.53 26.62 10.71
CA ARG E 372 2.97 25.73 9.72
C ARG E 372 3.94 24.60 9.40
N LYS E 373 3.39 23.42 9.11
CA LYS E 373 4.28 22.32 8.79
C LYS E 373 4.49 22.25 7.28
N PRO E 374 5.75 22.29 6.82
CA PRO E 374 6.00 22.20 5.38
C PRO E 374 5.70 20.80 4.84
N SER E 375 5.14 20.75 3.65
CA SER E 375 4.82 19.48 3.02
C SER E 375 6.04 18.75 2.48
N TRP E 376 5.84 17.54 2.00
CA TRP E 376 6.91 16.79 1.40
C TRP E 376 7.43 17.57 0.19
N ARG E 377 6.50 18.07 -0.63
CA ARG E 377 6.77 18.89 -1.78
C ARG E 377 7.66 20.00 -1.27
N GLU E 378 7.26 20.69 -0.20
CA GLU E 378 8.15 21.72 0.33
C GLU E 378 9.46 21.17 0.85
N ARG E 379 9.47 19.95 1.38
CA ARG E 379 10.70 19.34 1.86
C ARG E 379 11.67 18.90 0.75
N GLU E 380 11.15 18.35 -0.34
CA GLU E 380 12.01 17.97 -1.46
C GLU E 380 12.64 19.21 -2.07
N ASN E 381 11.83 20.22 -2.27
CA ASN E 381 12.21 21.47 -2.89
C ASN E 381 13.46 22.07 -2.30
N ASN E 382 13.48 22.16 -0.99
CA ASN E 382 14.62 22.75 -0.35
C ASN E 382 15.82 21.85 -0.49
N ARG E 383 15.57 20.55 -0.47
CA ARG E 383 16.63 19.60 -0.62
C ARG E 383 17.28 19.75 -1.99
N ARG E 384 16.48 19.93 -3.02
CA ARG E 384 17.00 20.05 -4.35
C ARG E 384 17.70 21.36 -4.57
N ARG E 385 17.30 22.38 -3.83
CA ARG E 385 17.81 23.71 -4.08
C ARG E 385 19.23 23.88 -3.53
N GLU E 386 19.52 23.23 -2.45
CA GLU E 386 20.83 23.37 -1.91
C GLU E 386 21.79 22.49 -2.71
N ARG E 387 21.26 21.46 -3.34
CA ARG E 387 22.08 20.66 -4.22
C ARG E 387 22.48 21.51 -5.41
N ARG E 388 21.52 22.25 -5.97
CA ARG E 388 21.80 23.12 -7.08
C ARG E 388 22.89 24.10 -6.69
N ARG E 389 22.83 24.59 -5.46
CA ARG E 389 23.84 25.54 -5.03
C ARG E 389 25.19 24.87 -4.83
N ARG E 390 25.23 23.63 -4.36
CA ARG E 390 26.56 23.04 -4.20
C ARG E 390 27.11 22.63 -5.55
N ALA E 391 26.24 22.11 -6.39
CA ALA E 391 26.65 21.66 -7.69
C ALA E 391 27.13 22.78 -8.53
N VAL E 392 26.42 23.90 -8.49
CA VAL E 392 26.81 25.01 -9.30
C VAL E 392 28.15 25.45 -8.79
N ALA E 393 28.30 25.44 -7.50
CA ALA E 393 29.59 25.86 -6.94
C ALA E 393 30.67 24.81 -7.20
N ALA E 394 30.33 23.53 -7.09
CA ALA E 394 31.31 22.48 -7.36
C ALA E 394 31.75 22.50 -8.82
N LYS E 395 30.86 22.92 -9.72
CA LYS E 395 31.21 22.96 -11.14
C LYS E 395 32.14 24.13 -11.44
N ILE E 396 31.85 25.31 -10.91
CA ILE E 396 32.76 26.43 -11.07
C ILE E 396 34.17 26.01 -10.65
N TYR E 397 34.27 25.23 -9.59
CA TYR E 397 35.59 24.83 -9.11
C TYR E 397 36.21 23.77 -10.01
N THR E 398 35.40 22.82 -10.50
CA THR E 398 35.91 21.85 -11.47
C THR E 398 36.35 22.55 -12.75
N GLY E 399 35.60 23.58 -13.18
CA GLY E 399 36.00 24.34 -14.36
C GLY E 399 37.30 25.10 -14.16
N LEU E 400 37.54 25.61 -12.95
CA LEU E 400 38.77 26.36 -12.68
C LEU E 400 39.95 25.41 -12.46
N ARG E 401 39.73 24.29 -11.78
CA ARG E 401 40.79 23.29 -11.64
C ARG E 401 41.27 22.83 -13.00
N ALA E 402 40.36 22.35 -13.83
CA ALA E 402 40.74 21.77 -15.12
C ALA E 402 41.46 22.79 -16.00
N GLN E 403 40.94 24.01 -16.08
CA GLN E 403 41.43 25.01 -17.02
C GLN E 403 42.18 26.15 -16.36
N GLY E 404 42.43 26.06 -15.05
CA GLY E 404 43.05 27.14 -14.32
C GLY E 404 44.55 27.24 -14.47
N ASP E 405 45.25 26.12 -14.24
CA ASP E 405 46.71 26.10 -14.19
C ASP E 405 47.20 27.15 -13.18
N TYR E 406 46.77 26.98 -11.94
CA TYR E 406 46.98 27.97 -10.90
C TYR E 406 48.22 27.70 -10.06
N ASN E 407 49.00 26.68 -10.38
CA ASN E 407 50.18 26.33 -9.59
C ASN E 407 49.75 25.89 -8.19
N LEU E 408 48.92 24.85 -8.16
CA LEU E 408 48.41 24.30 -6.91
C LEU E 408 48.78 22.82 -6.79
N PRO E 409 48.92 22.32 -5.57
CA PRO E 409 49.20 20.90 -5.39
C PRO E 409 47.98 20.04 -5.73
N LYS E 410 48.26 18.78 -6.05
CA LYS E 410 47.20 17.83 -6.36
C LYS E 410 46.12 17.83 -5.31
N HIS E 411 44.87 17.69 -5.76
CA HIS E 411 43.73 17.46 -4.88
C HIS E 411 43.72 18.41 -3.69
N CYS E 412 44.07 19.69 -3.94
CA CYS E 412 43.96 20.71 -2.92
C CYS E 412 42.51 21.10 -2.69
N ASP E 413 42.23 21.63 -1.51
CA ASP E 413 40.86 21.97 -1.16
C ASP E 413 40.34 23.13 -2.02
N ASN E 414 39.02 23.30 -1.99
CA ASN E 414 38.40 24.37 -2.76
C ASN E 414 38.87 25.74 -2.30
N ASN E 415 39.05 25.91 -0.98
CA ASN E 415 39.50 27.20 -0.47
C ASN E 415 40.81 27.63 -1.13
N GLU E 416 41.75 26.70 -1.31
CA GLU E 416 43.02 27.05 -1.93
C GLU E 416 42.85 27.37 -3.41
N VAL E 417 41.84 26.79 -4.06
CA VAL E 417 41.50 27.17 -5.43
C VAL E 417 40.88 28.57 -5.45
N LEU E 418 39.99 28.85 -4.50
CA LEU E 418 39.42 30.18 -4.38
C LEU E 418 40.50 31.23 -4.24
N LYS E 419 41.52 30.96 -3.41
CA LYS E 419 42.60 31.92 -3.22
C LYS E 419 43.33 32.20 -4.53
N ALA E 420 43.62 31.16 -5.31
CA ALA E 420 44.32 31.36 -6.58
C ALA E 420 43.49 32.17 -7.56
N LEU E 421 42.16 31.98 -7.55
CA LEU E 421 41.30 32.80 -8.38
C LEU E 421 41.28 34.24 -7.91
N CYS E 422 41.40 34.48 -6.60
CA CYS E 422 41.41 35.85 -6.09
C CYS E 422 42.69 36.58 -6.53
N VAL E 423 43.84 35.93 -6.41
CA VAL E 423 45.09 36.57 -6.82
C VAL E 423 45.05 36.89 -8.32
N GLU E 424 44.43 36.01 -9.11
CA GLU E 424 44.29 36.29 -10.53
C GLU E 424 43.49 37.56 -10.76
N ALA E 425 42.45 37.78 -9.96
CA ALA E 425 41.60 38.97 -10.06
C ALA E 425 42.20 40.18 -9.37
N GLY E 426 43.48 40.14 -8.99
CA GLY E 426 44.12 41.27 -8.37
C GLY E 426 43.88 41.41 -6.88
N TRP E 427 43.54 40.32 -6.20
CA TRP E 427 43.23 40.35 -4.79
C TRP E 427 44.36 39.73 -3.99
N VAL E 428 44.32 39.97 -2.68
CA VAL E 428 45.23 39.36 -1.72
C VAL E 428 44.39 38.63 -0.69
N VAL E 429 44.71 37.37 -0.44
CA VAL E 429 43.97 36.54 0.52
C VAL E 429 44.99 36.02 1.53
N GLU E 430 44.86 36.46 2.79
CA GLU E 430 45.77 36.06 3.84
C GLU E 430 45.39 34.68 4.37
N GLU E 431 46.23 34.16 5.27
CA GLU E 431 46.05 32.81 5.79
C GLU E 431 44.64 32.59 6.33
N ASP E 432 44.22 33.46 7.25
CA ASP E 432 42.96 33.25 7.94
C ASP E 432 41.74 33.69 7.13
N GLY E 433 41.92 34.09 5.87
CA GLY E 433 40.80 34.48 5.04
C GLY E 433 40.56 35.96 4.90
N THR E 434 41.32 36.80 5.58
CA THR E 434 41.20 38.24 5.36
C THR E 434 41.58 38.57 3.93
N THR E 435 40.64 39.06 3.16
CA THR E 435 40.92 39.38 1.78
C THR E 435 40.70 40.87 1.50
N TYR E 436 41.57 41.44 0.67
CA TYR E 436 41.50 42.83 0.30
C TYR E 436 42.17 43.02 -1.03
N ARG E 437 41.88 44.12 -1.71
CA ARG E 437 42.46 44.42 -3.04
C ARG E 437 43.90 44.95 -3.02
N LYS F 2 25.94 11.73 44.86
CA LYS F 2 26.66 10.53 44.42
C LYS F 2 28.00 10.31 45.16
N ILE F 3 28.29 9.05 45.44
CA ILE F 3 29.51 8.53 46.07
C ILE F 3 30.05 9.17 47.34
N GLU F 4 29.76 8.56 48.46
CA GLU F 4 30.19 9.08 49.73
C GLU F 4 30.92 8.02 50.50
N GLU F 5 31.98 8.38 51.17
CA GLU F 5 32.76 7.45 51.98
C GLU F 5 31.94 6.93 53.15
N GLY F 6 32.03 5.62 53.40
CA GLY F 6 31.27 4.99 54.46
C GLY F 6 29.89 4.53 54.07
N LYS F 7 29.56 4.56 52.78
CA LYS F 7 28.28 4.09 52.25
C LYS F 7 28.54 3.37 50.93
N LEU F 8 27.64 2.45 50.58
CA LEU F 8 27.75 1.70 49.34
C LEU F 8 26.51 1.94 48.48
N VAL F 9 26.72 2.30 47.22
CA VAL F 9 25.66 2.40 46.23
C VAL F 9 25.91 1.33 45.17
N ILE F 10 24.90 0.51 44.89
CA ILE F 10 24.99 -0.58 43.94
C ILE F 10 23.98 -0.36 42.82
N TRP F 11 24.41 -0.59 41.58
CA TRP F 11 23.54 -0.56 40.41
C TRP F 11 23.35 -1.98 39.88
N ILE F 12 22.10 -2.41 39.72
CA ILE F 12 21.81 -3.72 39.13
C ILE F 12 20.57 -3.59 38.25
N ASN F 13 20.52 -4.39 37.19
CA ASN F 13 19.46 -4.25 36.20
C ASN F 13 18.09 -4.59 36.80
N GLY F 14 17.07 -3.92 36.27
CA GLY F 14 15.71 -4.01 36.78
C GLY F 14 15.06 -5.37 36.63
N ASP F 15 15.67 -6.31 35.92
CA ASP F 15 15.08 -7.64 35.81
C ASP F 15 15.69 -8.63 36.79
N LYS F 16 16.65 -8.21 37.61
CA LYS F 16 17.30 -9.09 38.57
C LYS F 16 16.69 -8.91 39.96
N GLY F 17 17.07 -9.78 40.87
CA GLY F 17 16.52 -9.74 42.20
C GLY F 17 17.15 -8.64 43.05
N TYR F 18 16.84 -7.38 42.75
CA TYR F 18 17.45 -6.28 43.51
C TYR F 18 16.85 -6.13 44.90
N ASN F 19 15.65 -6.68 45.15
CA ASN F 19 15.11 -6.68 46.50
C ASN F 19 15.82 -7.72 47.36
N GLY F 20 16.17 -8.87 46.77
CA GLY F 20 17.00 -9.82 47.48
C GLY F 20 18.38 -9.28 47.78
N LEU F 21 19.02 -8.64 46.79
CA LEU F 21 20.31 -8.02 47.03
C LEU F 21 20.23 -6.98 48.15
N ALA F 22 19.18 -6.15 48.13
CA ALA F 22 18.99 -5.18 49.21
C ALA F 22 18.92 -5.86 50.57
N GLU F 23 18.34 -7.07 50.64
CA GLU F 23 18.31 -7.79 51.92
C GLU F 23 19.73 -8.12 52.37
N VAL F 24 20.61 -8.44 51.42
CA VAL F 24 22.01 -8.68 51.74
C VAL F 24 22.65 -7.38 52.24
N GLY F 25 22.36 -6.26 51.59
CA GLY F 25 22.86 -4.99 52.08
C GLY F 25 22.35 -4.65 53.47
N LYS F 26 21.10 -5.03 53.76
CA LYS F 26 20.57 -4.78 55.09
C LYS F 26 21.34 -5.58 56.14
N LYS F 27 21.67 -6.83 55.84
CA LYS F 27 22.49 -7.62 56.76
C LYS F 27 23.87 -7.00 56.92
N PHE F 28 24.47 -6.56 55.81
CA PHE F 28 25.74 -5.84 55.88
C PHE F 28 25.63 -4.66 56.83
N GLU F 29 24.58 -3.86 56.68
CA GLU F 29 24.39 -2.70 57.54
C GLU F 29 24.21 -3.11 59.00
N LYS F 30 23.45 -4.17 59.25
CA LYS F 30 23.30 -4.62 60.62
C LYS F 30 24.65 -4.97 61.25
N ASP F 31 25.51 -5.65 60.50
CA ASP F 31 26.77 -6.13 61.05
C ASP F 31 27.82 -5.03 61.14
N THR F 32 27.81 -4.08 60.21
CA THR F 32 28.90 -3.11 60.06
C THR F 32 28.48 -1.66 60.26
N GLY F 33 27.20 -1.34 60.13
CA GLY F 33 26.75 0.04 60.13
C GLY F 33 26.85 0.72 58.79
N ILE F 34 27.34 0.05 57.76
CA ILE F 34 27.51 0.65 56.44
C ILE F 34 26.20 0.52 55.67
N LYS F 35 25.63 1.66 55.29
CA LYS F 35 24.38 1.64 54.54
C LYS F 35 24.65 1.24 53.10
N VAL F 36 23.87 0.29 52.61
CA VAL F 36 23.94 -0.15 51.22
C VAL F 36 22.65 0.26 50.53
N THR F 37 22.76 0.93 49.39
CA THR F 37 21.61 1.34 48.62
C THR F 37 21.66 0.65 47.26
N VAL F 38 20.67 -0.18 46.97
CA VAL F 38 20.58 -0.84 45.68
C VAL F 38 19.66 -0.04 44.78
N GLU F 39 20.15 0.31 43.59
CA GLU F 39 19.38 1.00 42.57
C GLU F 39 19.35 0.15 41.31
N HIS F 40 18.29 0.31 40.53
CA HIS F 40 18.16 -0.35 39.23
C HIS F 40 17.82 0.71 38.19
N PRO F 41 18.79 1.56 37.84
CA PRO F 41 18.53 2.61 36.87
C PRO F 41 18.21 2.04 35.49
N ASP F 42 17.47 2.81 34.72
CA ASP F 42 17.23 2.48 33.33
C ASP F 42 18.53 2.64 32.54
N LYS F 43 18.80 1.69 31.64
CA LYS F 43 19.98 1.75 30.77
C LYS F 43 21.27 1.91 31.59
N LEU F 44 21.34 1.21 32.73
CA LEU F 44 22.45 1.43 33.65
C LEU F 44 23.79 1.14 33.00
N GLU F 45 23.82 0.19 32.05
CA GLU F 45 25.06 -0.19 31.38
C GLU F 45 25.55 0.89 30.42
N GLU F 46 24.66 1.79 29.98
CA GLU F 46 25.07 2.95 29.20
C GLU F 46 25.41 4.14 30.08
N LYS F 47 24.74 4.26 31.22
CA LYS F 47 24.99 5.41 32.09
C LYS F 47 26.33 5.31 32.79
N PHE F 48 26.73 4.09 33.18
CA PHE F 48 27.92 3.92 34.01
C PHE F 48 29.12 4.63 33.39
N PRO F 49 29.50 4.32 32.15
CA PRO F 49 30.67 5.02 31.56
C PRO F 49 30.48 6.52 31.45
N GLN F 50 29.24 6.98 31.23
CA GLN F 50 29.00 8.41 31.14
C GLN F 50 29.28 9.11 32.46
N VAL F 51 28.70 8.61 33.55
CA VAL F 51 28.84 9.28 34.84
C VAL F 51 30.18 8.94 35.48
N ALA F 52 30.73 7.76 35.19
CA ALA F 52 32.03 7.39 35.75
C ALA F 52 33.12 8.34 35.31
N ALA F 53 33.07 8.77 34.04
CA ALA F 53 34.07 9.71 33.53
C ALA F 53 34.00 11.08 34.20
N THR F 54 32.90 11.39 34.88
CA THR F 54 32.78 12.64 35.62
C THR F 54 32.96 12.45 37.12
N GLY F 55 33.38 11.27 37.56
CA GLY F 55 33.54 10.97 38.96
C GLY F 55 32.30 10.43 39.66
N ASP F 56 31.14 10.47 39.00
CA ASP F 56 29.90 10.00 39.60
C ASP F 56 29.79 8.48 39.40
N GLY F 57 28.57 7.94 39.46
CA GLY F 57 28.38 6.52 39.34
C GLY F 57 28.33 5.82 40.68
N PRO F 58 27.94 4.56 40.67
CA PRO F 58 27.86 3.79 41.92
C PRO F 58 29.22 3.26 42.33
N ASP F 59 29.27 2.71 43.55
CA ASP F 59 30.46 2.00 43.98
C ASP F 59 30.59 0.67 43.25
N ILE F 60 29.49 -0.04 43.08
CA ILE F 60 29.46 -1.37 42.47
C ILE F 60 28.45 -1.37 41.34
N ILE F 61 28.81 -1.97 40.21
CA ILE F 61 27.92 -2.06 39.06
C ILE F 61 27.79 -3.51 38.64
N PHE F 62 26.55 -4.01 38.56
CA PHE F 62 26.27 -5.38 38.11
C PHE F 62 25.83 -5.38 36.64
N TRP F 63 26.36 -6.33 35.88
CA TRP F 63 25.96 -6.52 34.49
C TRP F 63 26.60 -7.81 34.01
N ALA F 64 26.12 -8.28 32.86
CA ALA F 64 26.80 -9.39 32.20
C ALA F 64 28.23 -8.97 31.87
N HIS F 65 29.14 -9.95 31.94
CA HIS F 65 30.57 -9.71 31.77
C HIS F 65 30.93 -9.05 30.46
N ASP F 66 30.04 -9.07 29.46
CA ASP F 66 30.46 -8.61 28.13
C ASP F 66 30.76 -7.12 28.10
N ARG F 67 30.10 -6.31 28.95
CA ARG F 67 30.36 -4.88 28.98
C ARG F 67 31.64 -4.50 29.73
N PHE F 68 32.17 -5.40 30.56
CA PHE F 68 33.22 -4.98 31.50
C PHE F 68 34.56 -4.69 30.82
N GLY F 69 34.84 -5.30 29.66
CA GLY F 69 36.10 -5.03 29.00
C GLY F 69 36.21 -3.59 28.51
N GLY F 70 35.11 -3.04 27.98
CA GLY F 70 35.09 -1.63 27.63
C GLY F 70 35.26 -0.73 28.86
N TYR F 71 34.60 -1.07 29.97
CA TYR F 71 34.78 -0.30 31.19
C TYR F 71 36.24 -0.29 31.64
N ALA F 72 36.89 -1.46 31.65
CA ALA F 72 38.27 -1.53 32.09
C ALA F 72 39.18 -0.75 31.17
N GLN F 73 38.95 -0.85 29.85
CA GLN F 73 39.75 -0.10 28.89
C GLN F 73 39.66 1.40 29.13
N SER F 74 38.50 1.89 29.57
CA SER F 74 38.32 3.30 29.88
C SER F 74 38.90 3.67 31.24
N GLY F 75 39.35 2.68 32.01
CA GLY F 75 39.90 2.96 33.33
C GLY F 75 38.85 3.15 34.39
N LEU F 76 37.68 2.53 34.22
CA LEU F 76 36.55 2.75 35.10
C LEU F 76 36.44 1.74 36.23
N LEU F 77 37.21 0.66 36.19
CA LEU F 77 37.08 -0.43 37.15
C LEU F 77 38.34 -0.57 37.97
N ALA F 78 38.17 -0.90 39.25
CA ALA F 78 39.30 -1.30 40.08
C ALA F 78 39.63 -2.75 39.82
N GLU F 79 40.91 -3.08 39.78
CA GLU F 79 41.33 -4.46 39.70
C GLU F 79 40.81 -5.25 40.89
N ILE F 80 40.33 -6.46 40.62
CA ILE F 80 39.85 -7.38 41.63
C ILE F 80 40.98 -8.33 42.00
N THR F 81 41.24 -8.50 43.30
CA THR F 81 42.37 -9.30 43.78
C THR F 81 41.93 -10.21 44.91
N PRO F 82 41.12 -11.22 44.61
CA PRO F 82 40.70 -12.14 45.66
C PRO F 82 41.84 -13.04 46.09
N ALA F 83 41.81 -13.43 47.37
CA ALA F 83 42.75 -14.44 47.84
C ALA F 83 42.53 -15.76 47.11
N ALA F 84 43.57 -16.58 47.09
CA ALA F 84 43.48 -17.88 46.42
C ALA F 84 42.35 -18.71 46.99
N ALA F 85 42.20 -18.73 48.32
CA ALA F 85 41.11 -19.46 48.95
C ALA F 85 39.76 -18.99 48.44
N PHE F 86 39.57 -17.67 48.30
CA PHE F 86 38.29 -17.21 47.79
C PHE F 86 38.13 -17.54 46.31
N GLN F 87 39.17 -17.31 45.50
CA GLN F 87 39.09 -17.64 44.08
C GLN F 87 38.72 -19.10 43.85
N ASP F 88 39.21 -20.00 44.70
CA ASP F 88 38.91 -21.42 44.59
C ASP F 88 37.45 -21.75 44.88
N LYS F 89 36.68 -20.80 45.42
CA LYS F 89 35.28 -21.07 45.71
C LYS F 89 34.38 -20.93 44.50
N LEU F 90 34.88 -20.34 43.41
CA LEU F 90 34.11 -20.12 42.20
C LEU F 90 34.69 -20.96 41.05
N TYR F 91 33.81 -21.39 40.15
CA TYR F 91 34.25 -22.17 39.00
C TYR F 91 35.29 -21.36 38.22
N PRO F 92 36.41 -21.97 37.82
CA PRO F 92 37.43 -21.21 37.08
C PRO F 92 36.92 -20.52 35.83
N PHE F 93 36.00 -21.14 35.10
CA PHE F 93 35.55 -20.52 33.85
C PHE F 93 34.77 -19.24 34.10
N THR F 94 34.14 -19.09 35.26
CA THR F 94 33.50 -17.80 35.49
C THR F 94 34.54 -16.71 35.75
N TRP F 95 35.69 -17.04 36.38
CA TRP F 95 36.77 -16.06 36.48
C TRP F 95 37.33 -15.72 35.10
N ASP F 96 37.38 -16.70 34.19
CA ASP F 96 37.83 -16.41 32.84
C ASP F 96 36.97 -15.32 32.20
N ALA F 97 35.67 -15.34 32.49
CA ALA F 97 34.78 -14.38 31.83
C ALA F 97 35.09 -12.95 32.25
N VAL F 98 35.63 -12.76 33.45
CA VAL F 98 35.93 -11.42 33.94
C VAL F 98 37.44 -11.16 34.01
N ARG F 99 38.24 -11.88 33.22
CA ARG F 99 39.66 -11.58 33.09
C ARG F 99 39.86 -10.78 31.82
N TYR F 100 40.58 -9.66 31.94
CA TYR F 100 40.78 -8.76 30.81
C TYR F 100 42.21 -8.26 30.83
N ASN F 101 42.95 -8.53 29.76
CA ASN F 101 44.35 -8.16 29.65
C ASN F 101 45.15 -8.70 30.84
N GLY F 102 44.77 -9.89 31.33
CA GLY F 102 45.49 -10.55 32.39
C GLY F 102 44.98 -10.28 33.80
N LYS F 103 44.11 -9.30 33.97
CA LYS F 103 43.66 -8.91 35.30
C LYS F 103 42.19 -9.24 35.47
N LEU F 104 41.82 -9.59 36.70
CA LEU F 104 40.41 -9.74 37.05
C LEU F 104 39.83 -8.35 37.23
N ILE F 105 38.70 -8.08 36.57
CA ILE F 105 38.09 -6.76 36.59
C ILE F 105 36.69 -6.79 37.19
N ALA F 106 36.27 -7.93 37.73
CA ALA F 106 34.96 -8.04 38.34
C ALA F 106 34.89 -9.38 39.04
N TYR F 107 33.89 -9.51 39.88
CA TYR F 107 33.53 -10.75 40.54
C TYR F 107 32.43 -11.44 39.76
N PRO F 108 32.59 -12.69 39.37
CA PRO F 108 31.47 -13.39 38.70
C PRO F 108 30.44 -13.85 39.72
N ILE F 109 29.16 -13.80 39.32
CA ILE F 109 28.04 -14.12 40.20
C ILE F 109 27.28 -15.34 39.71
N ALA F 110 26.87 -15.34 38.45
CA ALA F 110 26.00 -16.39 37.97
C ALA F 110 26.07 -16.45 36.45
N VAL F 111 25.84 -17.64 35.92
CA VAL F 111 25.87 -17.93 34.49
C VAL F 111 24.44 -17.92 33.98
N GLU F 112 24.19 -17.14 32.93
CA GLU F 112 22.85 -16.96 32.37
C GLU F 112 22.82 -17.49 30.93
N ALA F 113 21.80 -18.28 30.61
CA ALA F 113 21.56 -18.64 29.23
C ALA F 113 20.06 -18.63 28.99
N LEU F 114 19.67 -18.20 27.79
CA LEU F 114 18.28 -18.27 27.38
C LEU F 114 17.85 -19.72 27.18
N SER F 115 16.61 -20.01 27.56
CA SER F 115 15.97 -21.30 27.33
C SER F 115 14.56 -21.07 26.78
N LEU F 116 14.02 -22.11 26.16
CA LEU F 116 12.63 -22.09 25.72
C LEU F 116 11.74 -22.40 26.91
N ILE F 117 10.81 -21.50 27.20
CA ILE F 117 9.82 -21.67 28.25
C ILE F 117 8.47 -21.84 27.56
N TYR F 118 7.69 -22.82 28.02
CA TYR F 118 6.43 -23.14 27.37
C TYR F 118 5.37 -23.43 28.42
N ASN F 119 4.11 -23.27 28.01
CA ASN F 119 2.94 -23.54 28.84
C ASN F 119 2.54 -25.00 28.61
N LYS F 120 2.70 -25.84 29.63
CA LYS F 120 2.48 -27.28 29.46
C LYS F 120 1.01 -27.60 29.25
N ASP F 121 0.11 -26.76 29.75
CA ASP F 121 -1.31 -26.99 29.52
C ASP F 121 -1.67 -26.73 28.07
N LEU F 122 -1.08 -25.71 27.47
CA LEU F 122 -1.34 -25.40 26.07
C LEU F 122 -0.46 -26.19 25.12
N LEU F 123 0.69 -26.69 25.58
CA LEU F 123 1.65 -27.37 24.73
C LEU F 123 2.29 -28.51 25.52
N PRO F 124 1.61 -29.65 25.62
CA PRO F 124 2.20 -30.80 26.34
C PRO F 124 3.59 -31.16 25.87
N ASN F 125 3.87 -31.07 24.57
CA ASN F 125 5.19 -31.34 24.02
C ASN F 125 5.63 -30.17 23.15
N PRO F 126 6.60 -29.42 23.61
CA PRO F 126 7.11 -28.25 22.92
C PRO F 126 7.81 -28.63 21.71
N PRO F 127 7.78 -27.80 20.70
CA PRO F 127 8.44 -28.11 19.46
C PRO F 127 9.91 -28.31 19.61
N LYS F 128 10.43 -29.18 18.78
CA LYS F 128 11.85 -29.42 18.75
C LYS F 128 12.49 -28.58 17.71
N THR F 129 11.71 -27.93 16.87
CA THR F 129 12.29 -27.15 15.84
C THR F 129 11.63 -25.82 15.68
N TRP F 130 12.30 -24.90 15.01
CA TRP F 130 11.77 -23.59 14.82
C TRP F 130 10.79 -23.62 13.69
N GLU F 131 11.05 -24.48 12.73
CA GLU F 131 10.21 -24.60 11.56
C GLU F 131 8.79 -25.02 11.92
N GLU F 132 8.63 -25.90 12.89
CA GLU F 132 7.36 -26.34 13.42
C GLU F 132 6.45 -25.24 13.96
N ILE F 133 6.98 -24.05 14.25
CA ILE F 133 6.26 -22.94 14.86
C ILE F 133 5.17 -22.20 14.11
N PRO F 134 5.39 -21.81 12.86
CA PRO F 134 4.35 -21.12 12.11
C PRO F 134 3.15 -22.03 12.04
N ALA F 135 3.30 -23.26 11.59
CA ALA F 135 2.14 -24.14 11.63
C ALA F 135 1.63 -24.32 13.06
N LEU F 136 2.50 -24.23 14.06
CA LEU F 136 2.05 -24.32 15.44
C LEU F 136 1.15 -23.14 15.79
N ASP F 137 1.57 -21.93 15.43
CA ASP F 137 0.80 -20.73 15.75
C ASP F 137 -0.54 -20.72 15.04
N LYS F 138 -0.57 -21.16 13.78
CA LYS F 138 -1.85 -21.23 13.07
C LYS F 138 -2.87 -22.05 13.85
N GLU F 139 -2.44 -23.16 14.40
CA GLU F 139 -3.37 -23.97 15.16
C GLU F 139 -3.79 -23.36 16.46
N LEU F 140 -2.88 -22.61 17.09
CA LEU F 140 -3.18 -21.91 18.31
C LEU F 140 -4.03 -20.69 18.07
N LYS F 141 -3.91 -20.08 16.92
CA LYS F 141 -4.69 -18.90 16.62
C LYS F 141 -6.20 -19.21 16.68
N ALA F 142 -6.56 -20.36 16.13
CA ALA F 142 -7.89 -20.89 16.08
C ALA F 142 -8.51 -21.19 17.45
N LYS F 143 -7.70 -21.43 18.47
CA LYS F 143 -8.17 -21.62 19.83
C LYS F 143 -8.05 -20.35 20.63
N GLY F 144 -7.70 -19.26 19.98
CA GLY F 144 -7.54 -18.00 20.66
C GLY F 144 -6.17 -17.57 21.19
N LYS F 145 -5.11 -18.33 20.90
CA LYS F 145 -3.79 -18.00 21.39
C LYS F 145 -2.77 -17.85 20.32
N SER F 146 -1.51 -17.72 20.71
CA SER F 146 -0.40 -17.66 19.78
C SER F 146 0.67 -18.63 20.25
N ALA F 147 1.58 -18.99 19.33
CA ALA F 147 2.62 -19.95 19.67
C ALA F 147 3.73 -19.31 20.50
N LEU F 148 4.28 -18.19 20.04
CA LEU F 148 5.54 -17.71 20.58
C LEU F 148 5.53 -16.19 20.74
N MET F 149 6.10 -15.70 21.84
CA MET F 149 6.24 -14.27 22.06
C MET F 149 7.47 -14.04 22.93
N PHE F 150 8.45 -13.29 22.40
CA PHE F 150 9.62 -12.92 23.19
C PHE F 150 10.04 -11.51 22.80
N ASN F 151 10.96 -10.95 23.60
CA ASN F 151 11.45 -9.60 23.39
C ASN F 151 12.19 -9.47 22.07
N LEU F 152 11.64 -8.67 21.15
CA LEU F 152 12.25 -8.43 19.85
C LEU F 152 13.00 -7.10 19.78
N GLN F 153 13.09 -6.37 20.89
CA GLN F 153 13.79 -5.10 20.92
C GLN F 153 15.24 -5.23 21.38
N GLU F 154 15.62 -6.39 21.92
CA GLU F 154 16.99 -6.61 22.38
C GLU F 154 17.57 -7.78 21.60
N PRO F 155 18.59 -7.56 20.77
CA PRO F 155 19.12 -8.67 19.94
C PRO F 155 19.53 -9.89 20.73
N TYR F 156 19.86 -9.73 22.02
CA TYR F 156 20.20 -10.86 22.87
C TYR F 156 19.24 -12.04 22.68
N PHE F 157 17.95 -11.75 22.52
CA PHE F 157 16.92 -12.79 22.48
C PHE F 157 16.78 -13.45 21.11
N THR F 158 17.17 -12.77 20.03
CA THR F 158 17.15 -13.40 18.70
C THR F 158 18.51 -13.93 18.28
N TRP F 159 19.58 -13.54 18.96
CA TRP F 159 20.91 -14.06 18.61
C TRP F 159 20.97 -15.57 18.54
N PRO F 160 20.35 -16.33 19.46
CA PRO F 160 20.41 -17.80 19.33
C PRO F 160 19.98 -18.28 17.96
N LEU F 161 18.94 -17.67 17.38
CA LEU F 161 18.48 -18.07 16.06
C LEU F 161 19.41 -17.55 14.96
N ILE F 162 19.94 -16.33 15.12
CA ILE F 162 20.89 -15.79 14.15
C ILE F 162 22.13 -16.67 14.05
N ALA F 163 22.61 -17.16 15.19
CA ALA F 163 23.85 -17.93 15.20
C ALA F 163 23.65 -19.42 14.88
N ALA F 164 22.42 -19.92 14.90
CA ALA F 164 22.20 -21.37 14.77
C ALA F 164 22.92 -21.94 13.55
N ASP F 165 22.78 -21.28 12.39
CA ASP F 165 23.28 -21.80 11.13
C ASP F 165 24.58 -21.15 10.67
N GLY F 166 25.34 -20.54 11.57
CA GLY F 166 26.61 -19.98 11.16
C GLY F 166 26.88 -18.54 11.56
N GLY F 167 25.86 -17.84 12.05
CA GLY F 167 26.09 -16.50 12.53
C GLY F 167 27.07 -16.48 13.69
N TYR F 168 27.87 -15.41 13.75
CA TYR F 168 28.76 -15.21 14.89
C TYR F 168 29.09 -13.73 15.02
N ALA F 169 29.71 -13.36 16.14
CA ALA F 169 30.06 -11.97 16.41
C ALA F 169 31.47 -11.65 15.90
N PHE F 170 32.50 -12.00 16.67
CA PHE F 170 33.89 -11.79 16.26
C PHE F 170 34.58 -13.14 16.17
N LYS F 171 35.28 -13.38 15.06
CA LYS F 171 35.98 -14.64 14.86
C LYS F 171 37.09 -14.81 15.89
N TYR F 172 37.08 -15.93 16.59
CA TYR F 172 38.16 -16.26 17.53
C TYR F 172 39.30 -16.90 16.75
N ALA F 173 40.43 -16.21 16.68
CA ALA F 173 41.55 -16.62 15.84
C ALA F 173 42.84 -16.46 16.62
N ALA F 174 43.66 -17.52 16.63
CA ALA F 174 45.01 -17.47 17.18
C ALA F 174 45.03 -16.92 18.60
N GLY F 175 44.06 -17.33 19.42
CA GLY F 175 44.05 -16.96 20.82
C GLY F 175 43.48 -15.59 21.14
N LYS F 176 42.80 -14.94 20.21
CA LYS F 176 42.20 -13.64 20.47
C LYS F 176 41.04 -13.43 19.50
N TYR F 177 40.16 -12.50 19.84
CA TYR F 177 39.07 -12.16 18.93
C TYR F 177 39.56 -11.15 17.89
N ASP F 178 39.27 -11.43 16.62
CA ASP F 178 39.60 -10.51 15.53
C ASP F 178 38.44 -9.53 15.35
N ILE F 179 38.62 -8.30 15.85
CA ILE F 179 37.56 -7.29 15.79
C ILE F 179 37.27 -6.81 14.39
N LYS F 180 38.03 -7.24 13.38
CA LYS F 180 37.77 -6.89 11.99
C LYS F 180 37.05 -8.00 11.24
N ASP F 181 36.84 -9.16 11.84
CA ASP F 181 36.18 -10.31 11.23
C ASP F 181 34.84 -10.51 11.94
N VAL F 182 33.78 -9.96 11.38
CA VAL F 182 32.44 -10.04 11.95
C VAL F 182 31.62 -11.04 11.16
N GLY F 183 30.89 -11.89 11.87
CA GLY F 183 30.11 -12.93 11.22
C GLY F 183 28.61 -12.70 11.26
N VAL F 184 28.18 -11.45 11.13
CA VAL F 184 26.76 -11.11 11.17
C VAL F 184 26.19 -10.97 9.77
N ASP F 185 26.97 -11.32 8.74
CA ASP F 185 26.60 -11.11 7.35
C ASP F 185 26.67 -12.37 6.50
N ASN F 186 27.12 -13.49 7.05
CA ASN F 186 27.25 -14.70 6.26
C ASN F 186 25.89 -15.33 6.02
N ALA F 187 25.88 -16.43 5.26
CA ALA F 187 24.61 -17.08 4.93
C ALA F 187 23.87 -17.52 6.18
N GLY F 188 24.59 -17.93 7.21
CA GLY F 188 23.93 -18.48 8.39
C GLY F 188 23.14 -17.44 9.15
N ALA F 189 23.67 -16.22 9.22
CA ALA F 189 22.96 -15.12 9.87
C ALA F 189 21.76 -14.69 9.04
N LYS F 190 21.97 -14.44 7.75
CA LYS F 190 20.88 -14.09 6.84
C LYS F 190 19.72 -15.06 6.95
N ALA F 191 20.02 -16.37 6.90
CA ALA F 191 18.97 -17.38 7.01
C ALA F 191 18.20 -17.25 8.34
N GLY F 192 18.93 -17.05 9.44
CA GLY F 192 18.26 -17.02 10.73
C GLY F 192 17.37 -15.82 10.90
N LEU F 193 17.86 -14.64 10.51
CA LEU F 193 17.07 -13.43 10.62
C LEU F 193 15.88 -13.44 9.67
N THR F 194 16.09 -13.92 8.45
CA THR F 194 15.00 -13.96 7.48
C THR F 194 13.86 -14.83 7.99
N PHE F 195 14.18 -15.93 8.66
CA PHE F 195 13.12 -16.74 9.25
C PHE F 195 12.36 -15.94 10.31
N LEU F 196 13.08 -15.15 11.10
CA LEU F 196 12.42 -14.29 12.08
C LEU F 196 11.56 -13.23 11.39
N VAL F 197 12.12 -12.58 10.36
CA VAL F 197 11.34 -11.59 9.64
C VAL F 197 10.16 -12.23 8.92
N ASP F 198 10.23 -13.53 8.62
CA ASP F 198 9.08 -14.21 8.04
C ASP F 198 8.02 -14.52 9.08
N LEU F 199 8.43 -14.86 10.31
CA LEU F 199 7.46 -15.06 11.37
C LEU F 199 6.59 -13.82 11.55
N ILE F 200 7.21 -12.65 11.54
CA ILE F 200 6.47 -11.40 11.69
C ILE F 200 5.64 -11.13 10.44
N LYS F 201 6.25 -11.28 9.26
CA LYS F 201 5.54 -11.01 8.01
C LYS F 201 4.26 -11.85 7.92
N ASN F 202 4.38 -13.15 8.21
CA ASN F 202 3.24 -14.09 8.24
C ASN F 202 2.35 -13.89 9.48
N LYS F 203 2.63 -12.87 10.27
CA LYS F 203 1.81 -12.49 11.42
C LYS F 203 1.79 -13.57 12.51
N HIS F 204 2.87 -14.34 12.63
CA HIS F 204 3.06 -15.25 13.75
C HIS F 204 3.71 -14.56 14.94
N MET F 205 4.26 -13.37 14.74
CA MET F 205 4.77 -12.55 15.83
C MET F 205 4.63 -11.10 15.43
N ASN F 206 4.69 -10.23 16.44
CA ASN F 206 4.54 -8.80 16.26
C ASN F 206 5.90 -8.15 16.49
N ALA F 207 6.33 -7.32 15.52
CA ALA F 207 7.67 -6.73 15.60
C ALA F 207 7.81 -5.76 16.77
N ASP F 208 6.71 -5.24 17.31
CA ASP F 208 6.76 -4.29 18.41
C ASP F 208 6.89 -4.94 19.77
N THR F 209 6.78 -6.26 19.85
CA THR F 209 6.84 -6.95 21.14
C THR F 209 8.12 -6.60 21.90
N ASP F 210 7.96 -6.29 23.18
CA ASP F 210 9.10 -6.03 24.03
C ASP F 210 9.08 -7.04 25.18
N TYR F 211 9.98 -6.83 26.13
CA TYR F 211 10.11 -7.76 27.24
C TYR F 211 8.81 -7.85 28.05
N SER F 212 8.30 -6.70 28.49
CA SER F 212 7.11 -6.71 29.34
C SER F 212 5.90 -7.26 28.60
N ILE F 213 5.74 -6.93 27.31
CA ILE F 213 4.59 -7.44 26.55
C ILE F 213 4.64 -8.95 26.46
N ALA F 214 5.82 -9.50 26.15
CA ALA F 214 5.96 -10.94 26.04
C ALA F 214 5.73 -11.61 27.38
N GLU F 215 6.33 -11.05 28.45
CA GLU F 215 6.18 -11.66 29.77
C GLU F 215 4.73 -11.70 30.21
N ALA F 216 4.04 -10.56 30.13
CA ALA F 216 2.62 -10.52 30.45
C ALA F 216 1.85 -11.55 29.63
N ALA F 217 2.11 -11.59 28.32
CA ALA F 217 1.35 -12.47 27.46
C ALA F 217 1.53 -13.93 27.87
N PHE F 218 2.76 -14.32 28.21
CA PHE F 218 2.99 -15.70 28.61
C PHE F 218 2.47 -15.97 30.03
N ASN F 219 2.73 -15.07 30.97
CA ASN F 219 2.29 -15.30 32.35
C ASN F 219 0.77 -15.26 32.47
N LYS F 220 0.07 -14.79 31.44
CA LYS F 220 -1.38 -14.78 31.41
C LYS F 220 -1.98 -15.97 30.67
N GLY F 221 -1.16 -16.87 30.11
CA GLY F 221 -1.72 -17.94 29.32
C GLY F 221 -2.25 -17.54 27.96
N GLU F 222 -1.81 -16.40 27.43
CA GLU F 222 -2.23 -15.97 26.10
C GLU F 222 -1.32 -16.48 25.00
N THR F 223 -0.07 -16.79 25.31
CA THR F 223 0.90 -17.35 24.37
C THR F 223 1.50 -18.60 24.98
N ALA F 224 1.77 -19.61 24.13
CA ALA F 224 2.22 -20.90 24.62
C ALA F 224 3.71 -20.98 24.87
N MET F 225 4.49 -20.01 24.40
CA MET F 225 5.93 -20.11 24.52
C MET F 225 6.55 -18.72 24.63
N THR F 226 7.67 -18.65 25.34
CA THR F 226 8.51 -17.47 25.33
C THR F 226 9.96 -17.94 25.43
N ILE F 227 10.88 -17.00 25.21
CA ILE F 227 12.30 -17.23 25.35
C ILE F 227 12.81 -16.24 26.39
N ASN F 228 13.42 -16.74 27.44
CA ASN F 228 13.82 -15.86 28.54
C ASN F 228 14.82 -16.58 29.44
N GLY F 229 15.39 -15.81 30.37
CA GLY F 229 16.40 -16.30 31.26
C GLY F 229 15.87 -16.71 32.61
N PRO F 230 16.73 -17.26 33.47
CA PRO F 230 16.26 -17.74 34.78
C PRO F 230 15.61 -16.66 35.64
N TRP F 231 15.98 -15.40 35.46
CA TRP F 231 15.39 -14.33 36.25
C TRP F 231 13.87 -14.26 36.10
N ALA F 232 13.32 -14.84 35.03
CA ALA F 232 11.89 -14.70 34.75
C ALA F 232 11.02 -15.74 35.43
N TRP F 233 11.60 -16.84 35.94
CA TRP F 233 10.79 -17.95 36.44
C TRP F 233 9.91 -17.53 37.61
N SER F 234 10.40 -16.63 38.46
CA SER F 234 9.69 -16.35 39.72
C SER F 234 8.35 -15.68 39.45
N ASN F 235 8.31 -14.80 38.45
CA ASN F 235 7.03 -14.21 38.05
C ASN F 235 6.10 -15.26 37.42
N ILE F 236 6.64 -16.22 36.67
CA ILE F 236 5.81 -17.31 36.17
C ILE F 236 5.29 -18.15 37.33
N ASP F 237 6.12 -18.36 38.35
CA ASP F 237 5.71 -19.13 39.52
C ASP F 237 4.45 -18.54 40.15
N THR F 238 4.47 -17.25 40.46
CA THR F 238 3.30 -16.61 41.07
C THR F 238 2.10 -16.61 40.15
N SER F 239 2.30 -16.72 38.84
CA SER F 239 1.18 -16.84 37.92
C SER F 239 0.53 -18.21 38.07
N ALA F 240 -0.56 -18.43 37.33
CA ALA F 240 -1.24 -19.72 37.31
C ALA F 240 -0.74 -20.63 36.20
N VAL F 241 0.32 -20.26 35.50
CA VAL F 241 0.78 -21.00 34.33
C VAL F 241 1.65 -22.17 34.78
N ASN F 242 1.30 -23.37 34.31
CA ASN F 242 2.13 -24.55 34.55
C ASN F 242 3.15 -24.64 33.41
N TYR F 243 4.41 -24.30 33.71
CA TYR F 243 5.41 -24.14 32.67
C TYR F 243 6.53 -25.17 32.78
N GLY F 244 7.32 -25.24 31.70
CA GLY F 244 8.55 -26.00 31.70
C GLY F 244 9.63 -25.20 31.01
N VAL F 245 10.88 -25.54 31.31
CA VAL F 245 12.05 -24.92 30.70
C VAL F 245 12.81 -26.00 29.97
N THR F 246 13.14 -25.76 28.69
CA THR F 246 13.74 -26.83 27.89
C THR F 246 14.66 -26.23 26.82
N VAL F 247 15.28 -27.14 26.04
CA VAL F 247 16.26 -26.73 25.03
C VAL F 247 15.58 -25.87 23.96
N LEU F 248 16.29 -24.85 23.51
CA LEU F 248 15.78 -24.03 22.42
C LEU F 248 15.62 -24.90 21.18
N PRO F 249 14.61 -24.64 20.35
CA PRO F 249 14.43 -25.48 19.16
C PRO F 249 15.56 -25.25 18.18
N THR F 250 15.78 -26.25 17.34
CA THR F 250 16.80 -26.23 16.32
C THR F 250 16.34 -25.41 15.13
N PHE F 251 17.30 -25.05 14.28
CA PHE F 251 17.05 -24.34 13.04
C PHE F 251 17.93 -24.94 11.97
N LYS F 252 17.32 -25.39 10.88
CA LYS F 252 18.04 -26.06 9.81
C LYS F 252 18.91 -27.19 10.35
N GLY F 253 18.36 -27.93 11.32
CA GLY F 253 19.05 -29.04 11.93
C GLY F 253 20.01 -28.68 13.05
N GLN F 254 20.50 -27.40 13.09
CA GLN F 254 21.52 -26.97 14.04
C GLN F 254 20.87 -26.41 15.31
N PRO F 255 21.45 -26.67 16.49
CA PRO F 255 20.84 -26.14 17.72
C PRO F 255 20.90 -24.63 17.74
N SER F 256 19.95 -24.04 18.46
CA SER F 256 20.04 -22.61 18.77
C SER F 256 21.20 -22.38 19.72
N LYS F 257 21.95 -21.30 19.47
CA LYS F 257 23.22 -21.02 20.15
C LYS F 257 23.16 -19.67 20.83
N PRO F 258 22.63 -19.60 22.05
CA PRO F 258 22.60 -18.31 22.76
C PRO F 258 23.99 -17.87 23.15
N PHE F 259 24.16 -16.55 23.23
CA PHE F 259 25.34 -15.96 23.85
C PHE F 259 25.19 -16.07 25.35
N VAL F 260 26.19 -16.65 26.01
CA VAL F 260 26.12 -16.92 27.44
C VAL F 260 26.75 -15.75 28.19
N GLY F 261 26.04 -15.25 29.19
CA GLY F 261 26.52 -14.15 30.00
C GLY F 261 26.83 -14.61 31.40
N VAL F 262 27.87 -14.02 31.98
CA VAL F 262 28.18 -14.20 33.39
C VAL F 262 27.78 -12.89 34.08
N LEU F 263 26.71 -12.95 34.88
CA LEU F 263 26.39 -11.79 35.71
C LEU F 263 27.56 -11.50 36.62
N SER F 264 28.04 -10.26 36.60
CA SER F 264 29.29 -9.88 37.22
C SER F 264 29.13 -8.56 37.97
N ALA F 265 30.01 -8.34 38.94
CA ALA F 265 29.96 -7.16 39.80
C ALA F 265 31.32 -6.47 39.75
N GLY F 266 31.37 -5.25 39.18
CA GLY F 266 32.59 -4.48 39.14
C GLY F 266 32.60 -3.38 40.19
N ILE F 267 33.81 -2.98 40.62
CA ILE F 267 33.99 -1.91 41.61
C ILE F 267 34.47 -0.66 40.88
N ASN F 268 33.71 0.43 41.02
CA ASN F 268 34.07 1.70 40.40
C ASN F 268 35.49 2.12 40.81
N ALA F 269 36.34 2.38 39.82
CA ALA F 269 37.71 2.82 40.11
C ALA F 269 37.73 4.13 40.87
N ALA F 270 36.67 4.92 40.79
CA ALA F 270 36.58 6.19 41.50
C ALA F 270 35.92 6.07 42.86
N SER F 271 35.59 4.86 43.31
CA SER F 271 34.88 4.72 44.57
C SER F 271 35.83 4.96 45.74
N PRO F 272 35.44 5.73 46.74
CA PRO F 272 36.22 5.80 47.98
C PRO F 272 35.93 4.66 48.94
N ASN F 273 35.13 3.68 48.53
CA ASN F 273 34.68 2.58 49.39
C ASN F 273 35.15 1.23 48.86
N LYS F 274 36.35 1.17 48.28
CA LYS F 274 36.78 -0.06 47.64
C LYS F 274 36.88 -1.23 48.62
N GLU F 275 37.36 -0.98 49.83
CA GLU F 275 37.52 -2.09 50.78
C GLU F 275 36.16 -2.65 51.19
N LEU F 276 35.20 -1.76 51.45
CA LEU F 276 33.86 -2.19 51.81
C LEU F 276 33.19 -2.94 50.66
N ALA F 277 33.40 -2.47 49.43
CA ALA F 277 32.80 -3.16 48.28
C ALA F 277 33.37 -4.57 48.15
N LYS F 278 34.69 -4.70 48.29
CA LYS F 278 35.30 -6.02 48.29
C LYS F 278 34.68 -6.91 49.37
N GLU F 279 34.56 -6.38 50.60
CA GLU F 279 34.04 -7.19 51.71
C GLU F 279 32.59 -7.60 51.47
N PHE F 280 31.76 -6.68 50.99
CA PHE F 280 30.37 -7.00 50.71
C PHE F 280 30.27 -8.11 49.66
N LEU F 281 31.02 -7.97 48.57
CA LEU F 281 30.91 -8.95 47.49
C LEU F 281 31.43 -10.31 47.94
N GLU F 282 32.59 -10.35 48.59
CA GLU F 282 33.24 -11.62 48.93
C GLU F 282 32.63 -12.29 50.15
N ASN F 283 32.27 -11.51 51.18
CA ASN F 283 31.87 -12.08 52.47
C ASN F 283 30.37 -12.09 52.69
N TYR F 284 29.61 -11.34 51.90
CA TYR F 284 28.16 -11.31 52.08
C TYR F 284 27.42 -11.82 50.87
N LEU F 285 27.70 -11.28 49.68
CA LEU F 285 26.97 -11.74 48.50
C LEU F 285 27.38 -13.15 48.12
N LEU F 286 28.67 -13.36 47.86
CA LEU F 286 29.16 -14.63 47.34
C LEU F 286 29.28 -15.66 48.47
N THR F 287 28.16 -15.87 49.15
CA THR F 287 28.00 -16.91 50.15
C THR F 287 26.72 -17.68 49.84
N ASP F 288 26.55 -18.84 50.48
CA ASP F 288 25.31 -19.58 50.28
C ASP F 288 24.11 -18.73 50.67
N GLU F 289 24.16 -18.13 51.86
CA GLU F 289 23.02 -17.33 52.34
C GLU F 289 22.80 -16.10 51.48
N GLY F 290 23.89 -15.50 50.99
CA GLY F 290 23.75 -14.27 50.21
C GLY F 290 23.15 -14.52 48.84
N LEU F 291 23.71 -15.49 48.10
CA LEU F 291 23.13 -15.83 46.81
C LEU F 291 21.71 -16.38 46.97
N GLU F 292 21.47 -17.17 48.03
CA GLU F 292 20.11 -17.62 48.31
C GLU F 292 19.15 -16.45 48.44
N ALA F 293 19.56 -15.39 49.16
CA ALA F 293 18.68 -14.23 49.30
C ALA F 293 18.33 -13.64 47.94
N VAL F 294 19.31 -13.52 47.06
CA VAL F 294 19.03 -12.98 45.73
C VAL F 294 18.25 -13.98 44.90
N ASN F 295 18.67 -15.25 44.95
CA ASN F 295 18.02 -16.26 44.13
C ASN F 295 16.54 -16.38 44.47
N LYS F 296 16.17 -16.23 45.75
CA LYS F 296 14.77 -16.35 46.13
C LYS F 296 13.94 -15.18 45.65
N ASP F 297 14.56 -14.03 45.36
CA ASP F 297 13.82 -12.93 44.76
C ASP F 297 13.62 -13.20 43.27
N LYS F 298 14.71 -13.27 42.51
CA LYS F 298 14.65 -13.63 41.10
C LYS F 298 15.77 -14.63 40.84
N PRO F 299 15.49 -15.80 40.26
CA PRO F 299 16.53 -16.82 40.10
C PRO F 299 17.73 -16.28 39.33
N LEU F 300 18.91 -16.59 39.85
CA LEU F 300 20.18 -16.11 39.29
C LEU F 300 20.66 -16.90 38.08
N GLY F 301 20.22 -18.15 37.93
CA GLY F 301 20.83 -19.04 36.96
C GLY F 301 21.78 -19.99 37.66
N ALA F 302 22.86 -20.39 36.99
CA ALA F 302 23.85 -21.28 37.58
C ALA F 302 24.88 -20.41 38.29
N VAL F 303 24.82 -20.36 39.62
CA VAL F 303 25.68 -19.42 40.33
C VAL F 303 27.14 -19.84 40.19
N ALA F 304 28.02 -18.85 40.29
CA ALA F 304 29.45 -19.09 40.17
C ALA F 304 30.01 -19.77 41.41
N LEU F 305 29.34 -19.65 42.56
CA LEU F 305 29.77 -20.27 43.81
C LEU F 305 29.49 -21.76 43.80
N LYS F 306 30.56 -22.57 43.91
CA LYS F 306 30.42 -24.02 43.78
C LYS F 306 29.51 -24.60 44.86
N SER F 307 29.69 -24.17 46.12
CA SER F 307 28.94 -24.76 47.23
C SER F 307 27.43 -24.57 47.05
N TYR F 308 27.01 -23.46 46.45
CA TYR F 308 25.59 -23.25 46.23
C TYR F 308 25.11 -23.83 44.92
N GLU F 309 25.95 -23.84 43.89
CA GLU F 309 25.50 -24.42 42.62
C GLU F 309 25.17 -25.89 42.79
N GLU F 310 25.90 -26.59 43.65
CA GLU F 310 25.65 -28.01 43.85
C GLU F 310 24.22 -28.26 44.31
N GLU F 311 23.59 -27.28 44.95
CA GLU F 311 22.19 -27.38 45.33
C GLU F 311 21.27 -26.94 44.20
N LEU F 312 21.54 -25.76 43.63
CA LEU F 312 20.77 -25.28 42.49
C LEU F 312 20.83 -26.24 41.31
N ALA F 313 21.93 -26.99 41.18
CA ALA F 313 22.07 -27.88 40.04
C ALA F 313 20.98 -28.94 40.03
N LYS F 314 20.49 -29.32 41.20
CA LYS F 314 19.43 -30.32 41.31
C LYS F 314 18.12 -29.87 40.69
N ASP F 315 18.04 -28.64 40.18
CA ASP F 315 16.80 -28.08 39.66
C ASP F 315 16.71 -28.34 38.16
N PRO F 316 15.67 -29.02 37.68
CA PRO F 316 15.61 -29.32 36.23
C PRO F 316 15.57 -28.06 35.36
N ARG F 317 15.13 -26.93 35.89
CA ARG F 317 15.20 -25.67 35.14
C ARG F 317 16.63 -25.20 34.97
N ILE F 318 17.48 -25.44 35.97
CA ILE F 318 18.89 -25.06 35.83
C ILE F 318 19.59 -26.01 34.85
N ALA F 319 19.26 -27.30 34.90
CA ALA F 319 19.80 -28.24 33.92
C ALA F 319 19.47 -27.80 32.50
N ALA F 320 18.21 -27.42 32.26
CA ALA F 320 17.84 -26.93 30.93
C ALA F 320 18.62 -25.66 30.58
N THR F 321 18.82 -24.78 31.55
CA THR F 321 19.63 -23.58 31.31
C THR F 321 21.04 -23.95 30.85
N MET F 322 21.67 -24.89 31.53
CA MET F 322 23.05 -25.24 31.21
C MET F 322 23.13 -26.07 29.94
N GLU F 323 22.07 -26.80 29.61
CA GLU F 323 22.04 -27.53 28.34
C GLU F 323 22.01 -26.56 27.16
N ASN F 324 21.25 -25.47 27.28
CA ASN F 324 21.29 -24.41 26.28
C ASN F 324 22.64 -23.70 26.31
N ALA F 325 23.17 -23.42 27.50
CA ALA F 325 24.47 -22.77 27.61
C ALA F 325 25.54 -23.53 26.84
N GLN F 326 25.57 -24.85 26.97
CA GLN F 326 26.64 -25.65 26.36
C GLN F 326 26.61 -25.53 24.83
N LYS F 327 25.42 -25.44 24.25
CA LYS F 327 25.30 -25.26 22.80
C LYS F 327 25.64 -23.85 22.35
N GLY F 328 25.63 -22.89 23.26
CA GLY F 328 26.01 -21.51 22.95
C GLY F 328 27.49 -21.27 23.18
N GLU F 329 27.83 -20.00 23.36
CA GLU F 329 29.22 -19.60 23.56
C GLU F 329 29.28 -18.50 24.61
N ILE F 330 30.32 -18.55 25.45
CA ILE F 330 30.54 -17.47 26.39
C ILE F 330 30.81 -16.18 25.62
N MET F 331 30.15 -15.11 26.02
CA MET F 331 30.32 -13.84 25.33
C MET F 331 31.79 -13.39 25.44
N PRO F 332 32.35 -12.82 24.38
CA PRO F 332 33.58 -12.04 24.56
C PRO F 332 33.33 -10.89 25.50
N ASN F 333 34.39 -10.41 26.16
CA ASN F 333 34.28 -9.22 27.00
C ASN F 333 35.04 -8.02 26.44
N ILE F 334 35.52 -8.10 25.20
CA ILE F 334 36.38 -7.07 24.63
C ILE F 334 35.59 -5.78 24.46
N PRO F 335 36.25 -4.63 24.40
CA PRO F 335 35.50 -3.35 24.34
C PRO F 335 34.60 -3.22 23.13
N GLN F 336 34.89 -3.91 22.03
CA GLN F 336 34.08 -3.78 20.82
C GLN F 336 32.70 -4.41 20.96
N MET F 337 32.39 -5.07 22.07
CA MET F 337 31.11 -5.76 22.20
C MET F 337 29.94 -4.79 22.16
N SER F 338 30.10 -3.59 22.71
CA SER F 338 28.97 -2.66 22.73
C SER F 338 28.60 -2.22 21.32
N ALA F 339 29.61 -1.94 20.49
CA ALA F 339 29.36 -1.62 19.10
C ALA F 339 28.66 -2.77 18.38
N PHE F 340 29.10 -4.00 18.63
CA PHE F 340 28.44 -5.15 18.03
C PHE F 340 26.97 -5.21 18.45
N TRP F 341 26.71 -5.03 19.75
CA TRP F 341 25.33 -5.13 20.21
C TRP F 341 24.45 -4.04 19.61
N TYR F 342 24.96 -2.81 19.50
CA TYR F 342 24.19 -1.75 18.86
C TYR F 342 23.90 -2.08 17.40
N ALA F 343 24.94 -2.50 16.66
CA ALA F 343 24.78 -2.76 15.24
C ALA F 343 23.76 -3.88 15.00
N VAL F 344 23.82 -4.92 15.82
CA VAL F 344 22.89 -6.03 15.65
C VAL F 344 21.48 -5.63 16.10
N ARG F 345 21.36 -4.85 17.18
CA ARG F 345 20.04 -4.37 17.58
C ARG F 345 19.39 -3.59 16.44
N THR F 346 20.15 -2.73 15.77
CA THR F 346 19.59 -1.94 14.69
C THR F 346 19.11 -2.81 13.55
N ALA F 347 19.93 -3.79 13.16
CA ALA F 347 19.58 -4.63 12.02
C ALA F 347 18.29 -5.41 12.30
N VAL F 348 18.20 -6.01 13.49
CA VAL F 348 17.00 -6.79 13.83
C VAL F 348 15.77 -5.89 13.85
N ILE F 349 15.89 -4.71 14.47
CA ILE F 349 14.76 -3.80 14.55
C ILE F 349 14.39 -3.28 13.15
N ASN F 350 15.39 -2.94 12.34
CA ASN F 350 15.12 -2.38 11.02
C ASN F 350 14.53 -3.43 10.09
N ALA F 351 15.02 -4.67 10.19
CA ALA F 351 14.46 -5.72 9.34
C ALA F 351 13.08 -6.15 9.83
N ALA F 352 12.91 -6.33 11.15
CA ALA F 352 11.63 -6.78 11.66
C ALA F 352 10.54 -5.73 11.43
N SER F 353 10.91 -4.46 11.34
CA SER F 353 9.95 -3.40 11.05
C SER F 353 9.71 -3.18 9.56
N GLY F 354 10.47 -3.85 8.68
CA GLY F 354 10.39 -3.58 7.26
C GLY F 354 11.16 -2.36 6.79
N ARG F 355 11.73 -1.57 7.71
CA ARG F 355 12.54 -0.43 7.34
C ARG F 355 13.65 -0.81 6.36
N GLN F 356 14.22 -1.99 6.53
CA GLN F 356 15.31 -2.47 5.69
C GLN F 356 15.08 -3.93 5.37
N THR F 357 15.64 -4.36 4.23
CA THR F 357 15.69 -5.78 3.94
C THR F 357 16.66 -6.46 4.91
N VAL F 358 16.46 -7.77 5.09
CA VAL F 358 17.37 -8.57 5.92
C VAL F 358 18.80 -8.44 5.41
N ASP F 359 18.98 -8.45 4.09
CA ASP F 359 20.32 -8.36 3.51
C ASP F 359 20.93 -7.00 3.80
N ALA F 360 20.19 -5.91 3.54
CA ALA F 360 20.74 -4.57 3.73
C ALA F 360 21.07 -4.31 5.20
N ALA F 361 20.16 -4.69 6.11
CA ALA F 361 20.37 -4.38 7.52
C ALA F 361 21.58 -5.11 8.10
N LEU F 362 21.81 -6.35 7.65
CA LEU F 362 22.95 -7.11 8.16
C LEU F 362 24.26 -6.65 7.52
N ALA F 363 24.23 -6.19 6.27
CA ALA F 363 25.43 -5.60 5.68
C ALA F 363 25.84 -4.35 6.44
N ALA F 364 24.88 -3.49 6.77
CA ALA F 364 25.19 -2.33 7.61
C ALA F 364 25.72 -2.75 8.96
N ALA F 365 25.12 -3.78 9.56
CA ALA F 365 25.57 -4.22 10.88
C ALA F 365 26.97 -4.82 10.83
N GLN F 366 27.34 -5.40 9.68
CA GLN F 366 28.68 -5.96 9.54
C GLN F 366 29.74 -4.88 9.63
N THR F 367 29.54 -3.75 8.93
CA THR F 367 30.51 -2.67 8.97
C THR F 367 30.43 -1.86 10.26
N ASN F 368 29.24 -1.72 10.85
CA ASN F 368 29.09 -0.92 12.06
C ASN F 368 29.68 -1.63 13.28
N ALA F 369 29.71 -2.96 13.27
CA ALA F 369 30.29 -3.70 14.40
C ALA F 369 31.82 -3.67 14.40
N ALA F 370 32.41 -3.51 13.24
CA ALA F 370 33.83 -3.46 13.20
C ALA F 370 34.33 -2.04 13.19
N ARG F 371 33.43 -1.08 13.30
CA ARG F 371 33.83 0.30 13.27
C ARG F 371 34.30 0.85 14.61
N ARG F 372 35.51 1.37 14.60
CA ARG F 372 36.10 1.94 15.76
C ARG F 372 35.36 3.18 16.04
N LYS F 373 35.11 3.46 17.30
CA LYS F 373 34.42 4.64 17.65
C LYS F 373 35.44 5.65 18.06
N PRO F 374 35.43 6.80 17.39
CA PRO F 374 36.29 7.96 17.60
C PRO F 374 35.83 8.76 18.78
N SER F 375 36.80 9.24 19.53
CA SER F 375 36.52 10.01 20.71
C SER F 375 35.64 11.23 20.54
N TRP F 376 35.07 11.67 21.65
CA TRP F 376 34.29 12.88 21.70
C TRP F 376 35.24 14.02 21.35
N ARG F 377 36.43 13.98 21.95
CA ARG F 377 37.53 14.88 21.68
C ARG F 377 37.79 14.95 20.17
N GLU F 378 37.69 13.87 19.40
CA GLU F 378 37.95 14.04 17.97
C GLU F 378 36.69 14.28 17.17
N ARG F 379 35.55 14.04 17.77
CA ARG F 379 34.32 14.26 17.10
C ARG F 379 33.78 15.65 17.25
N GLU F 380 33.41 15.98 18.46
CA GLU F 380 32.79 17.26 18.69
C GLU F 380 33.69 18.39 18.36
N ASN F 381 34.97 18.27 18.70
CA ASN F 381 35.83 19.35 18.34
C ASN F 381 36.55 19.15 17.04
N ASN F 382 37.69 18.49 17.14
CA ASN F 382 38.65 18.29 16.08
C ASN F 382 38.09 18.15 14.67
N ARG F 383 36.89 17.64 14.60
CA ARG F 383 36.29 17.49 13.33
C ARG F 383 36.10 18.85 12.79
N ARG F 384 35.95 19.81 13.71
CA ARG F 384 35.75 21.21 13.33
C ARG F 384 37.00 21.62 12.66
N ARG F 385 36.70 22.03 11.46
CA ARG F 385 37.50 22.46 10.35
C ARG F 385 36.42 22.92 9.45
N GLU F 386 35.38 22.12 9.26
CA GLU F 386 34.23 22.45 8.49
C GLU F 386 33.60 23.82 8.86
N ARG F 387 33.66 24.12 10.14
CA ARG F 387 33.23 25.37 10.67
C ARG F 387 34.25 26.36 10.08
N ARG F 388 35.52 26.17 10.46
CA ARG F 388 36.58 27.04 10.05
C ARG F 388 36.60 27.23 8.53
N ARG F 389 36.59 26.13 7.78
CA ARG F 389 36.65 26.13 6.34
C ARG F 389 35.67 27.09 5.72
N ARG F 390 34.46 27.00 6.18
CA ARG F 390 33.32 27.84 5.84
C ARG F 390 33.62 29.28 6.24
N ALA F 391 34.23 29.43 7.42
CA ALA F 391 34.59 30.73 7.94
C ALA F 391 35.64 31.37 7.04
N VAL F 392 36.57 30.57 6.53
CA VAL F 392 37.58 31.11 5.64
C VAL F 392 36.90 31.44 4.38
N ALA F 393 36.05 30.55 3.95
CA ALA F 393 35.24 30.86 2.78
C ALA F 393 34.40 32.11 3.01
N ALA F 394 33.65 32.14 4.11
CA ALA F 394 32.79 33.29 4.40
C ALA F 394 33.62 34.58 4.46
N LYS F 395 34.78 34.53 5.11
CA LYS F 395 35.62 35.72 5.20
C LYS F 395 36.03 36.22 3.82
N ILE F 396 36.39 35.31 2.91
CA ILE F 396 36.77 35.72 1.56
C ILE F 396 35.61 36.46 0.89
N TYR F 397 34.41 35.90 0.98
CA TYR F 397 33.23 36.54 0.41
C TYR F 397 32.91 37.83 1.12
N THR F 398 33.07 37.86 2.44
CA THR F 398 32.96 39.12 3.18
C THR F 398 33.99 40.13 2.69
N GLY F 399 35.22 39.66 2.46
CA GLY F 399 36.29 40.58 2.08
C GLY F 399 36.09 41.21 0.72
N LEU F 400 35.47 40.49 -0.21
CA LEU F 400 35.22 41.02 -1.55
C LEU F 400 33.82 41.59 -1.73
N ARG F 401 32.85 41.15 -0.93
CA ARG F 401 31.54 41.78 -0.97
C ARG F 401 31.66 43.28 -0.73
N ALA F 402 32.44 43.68 0.28
CA ALA F 402 32.59 45.09 0.61
C ALA F 402 33.41 45.81 -0.44
N GLN F 403 34.65 45.36 -0.66
CA GLN F 403 35.59 46.00 -1.58
C GLN F 403 35.44 45.50 -3.01
N GLY F 404 34.28 44.98 -3.38
CA GLY F 404 34.09 44.39 -4.69
C GLY F 404 33.74 45.36 -5.80
N ASP F 405 32.67 46.14 -5.60
CA ASP F 405 32.09 47.07 -6.60
C ASP F 405 31.75 46.27 -7.81
N TYR F 406 31.03 45.19 -7.59
CA TYR F 406 30.73 44.17 -8.59
C TYR F 406 29.43 44.14 -9.40
N ASN F 407 28.65 45.21 -9.45
CA ASN F 407 27.39 45.23 -10.21
C ASN F 407 26.42 44.13 -9.82
N LEU F 408 26.23 43.95 -8.53
CA LEU F 408 25.35 42.89 -8.05
C LEU F 408 24.24 43.50 -7.21
N PRO F 409 23.16 42.77 -6.99
CA PRO F 409 22.11 43.24 -6.09
C PRO F 409 22.53 43.10 -4.63
N LYS F 410 21.82 43.82 -3.76
CA LYS F 410 22.10 43.75 -2.34
C LYS F 410 21.68 42.40 -1.78
N HIS F 411 22.56 41.77 -1.01
CA HIS F 411 22.27 40.50 -0.37
C HIS F 411 22.13 39.39 -1.41
N CYS F 412 22.91 39.48 -2.48
CA CYS F 412 22.86 38.49 -3.55
C CYS F 412 23.46 37.17 -3.09
N ASP F 413 23.17 36.11 -3.85
CA ASP F 413 23.71 34.78 -3.58
C ASP F 413 25.23 34.83 -3.46
N ASN F 414 25.79 33.87 -2.72
CA ASN F 414 27.24 33.72 -2.71
C ASN F 414 27.74 33.23 -4.05
N ASN F 415 27.02 32.29 -4.68
CA ASN F 415 27.41 31.82 -6.01
C ASN F 415 27.47 32.97 -7.01
N GLU F 416 26.54 33.92 -6.90
CA GLU F 416 26.55 35.06 -7.81
C GLU F 416 27.74 35.98 -7.54
N VAL F 417 28.25 35.99 -6.31
CA VAL F 417 29.46 36.73 -6.01
C VAL F 417 30.68 36.03 -6.58
N LEU F 418 30.76 34.71 -6.42
CA LEU F 418 31.85 33.94 -7.00
C LEU F 418 31.89 34.12 -8.52
N LYS F 419 30.72 34.17 -9.16
CA LYS F 419 30.68 34.40 -10.60
C LYS F 419 31.35 35.73 -10.96
N ALA F 420 31.08 36.78 -10.18
CA ALA F 420 31.66 38.08 -10.47
C ALA F 420 33.18 38.07 -10.33
N LEU F 421 33.69 37.34 -9.33
CA LEU F 421 35.14 37.20 -9.22
C LEU F 421 35.72 36.50 -10.43
N CYS F 422 35.00 35.54 -10.99
CA CYS F 422 35.49 34.80 -12.15
C CYS F 422 35.63 35.71 -13.36
N VAL F 423 34.62 36.54 -13.59
CA VAL F 423 34.69 37.41 -14.73
C VAL F 423 35.75 38.47 -14.57
N GLU F 424 36.14 38.78 -13.36
CA GLU F 424 37.19 39.75 -13.18
C GLU F 424 38.47 39.18 -13.73
N ALA F 425 38.73 37.91 -13.46
CA ALA F 425 39.93 37.23 -13.90
C ALA F 425 39.96 36.73 -15.34
N GLY F 426 38.98 37.09 -16.14
CA GLY F 426 38.99 36.75 -17.54
C GLY F 426 38.13 35.54 -17.76
N TRP F 427 37.62 35.00 -16.68
CA TRP F 427 36.81 33.81 -16.78
C TRP F 427 35.37 34.18 -17.18
N VAL F 428 34.60 33.14 -17.52
CA VAL F 428 33.17 33.31 -17.79
C VAL F 428 32.47 32.04 -17.31
N VAL F 429 31.30 32.22 -16.70
CA VAL F 429 30.53 31.10 -16.17
C VAL F 429 29.07 31.32 -16.53
N GLU F 430 28.41 30.27 -17.03
CA GLU F 430 27.01 30.33 -17.41
C GLU F 430 26.12 29.89 -16.25
N GLU F 431 24.81 29.92 -16.48
CA GLU F 431 23.87 29.54 -15.43
C GLU F 431 24.12 28.12 -14.93
N ASP F 432 24.40 27.19 -15.85
CA ASP F 432 24.73 25.83 -15.45
C ASP F 432 25.80 25.83 -14.37
N GLY F 433 26.80 26.70 -14.51
CA GLY F 433 27.97 26.71 -13.66
C GLY F 433 29.26 26.41 -14.39
N THR F 434 29.18 25.92 -15.64
CA THR F 434 30.37 25.60 -16.41
C THR F 434 31.19 26.86 -16.67
N THR F 435 32.46 26.80 -16.36
CA THR F 435 33.30 27.95 -16.53
C THR F 435 34.48 27.69 -17.46
N TYR F 436 34.85 28.74 -18.18
CA TYR F 436 35.96 28.74 -19.10
C TYR F 436 36.39 30.20 -19.34
N ARG F 437 37.51 30.42 -20.01
CA ARG F 437 37.86 31.80 -20.28
C ARG F 437 37.78 32.18 -21.74
#